data_3ZVW
#
_entry.id   3ZVW
#
_cell.length_a   103.748
_cell.length_b   91.365
_cell.length_c   107.332
_cell.angle_alpha   90.00
_cell.angle_beta   94.63
_cell.angle_gamma   90.00
#
_symmetry.space_group_name_H-M   'P 1 21 1'
#
loop_
_entity.id
_entity.type
_entity.pdbx_description
1 polymer 'D-ALANYL-D-ALANINE CARBOXYPEPTIDASE'
2 non-polymer 'SULFATE ION'
3 non-polymer 'MAGNESIUM ION'
4 non-polymer 'PHENYLACETAMIDOMETHYL BORONIC ACID'
5 non-polymer ACETONE
6 non-polymer 3,3-DIMETHYLBUTAN-1-OL
7 non-polymer '2-(N-MORPHOLINO)-ETHANESULFONIC ACID'
8 water water
#
_entity_poly.entity_id   1
_entity_poly.type   'polypeptide(L)'
_entity_poly.pdbx_seq_one_letter_code
;RLTELREDIDAILEDPALEGAVSGVVVVDTATGEELYSRDGGEQLLPASNMKLFTAAAALEVLGADHSFGTEVAAESAPG
RRGEVQDLYLVGRGDPTLSAEDLDAMAAEVAASGVRTVRGDLYADDTWFDSERLVDDWWPEDEPYAYSAQISALTVAHGE
RFDTGVTEVSVTPAAEGEPADVDLGAAEGYAELDNRAVTGAAGSANTLVIDRPVGTNTIAVTGSLPADAAPVTALRTVDE
PAALAGHLFEEALESNGVTVKGDVGLGGVPADWQDAEVLADHTSAELSEILVPFMKFSNNGHAEMLVKSIGQETAGAGTW
DAGLVGVEEALSGLGVDTAGLVLNDGSGLSRGNLVTADTVVDLLGQAGSAPWAQTWSASLPVAGESDPFVGGTLANRMRG
TAAEGVVEAKTGTMSGVSALSGYVPGPEGELAFSIVNNGHSGPAPLAVQDAIAVRLAEYAGHQAPE
;
_entity_poly.pdbx_strand_id   A,B,C,D
#
loop_
_chem_comp.id
_chem_comp.type
_chem_comp.name
_chem_comp.formula
33D non-polymer 3,3-DIMETHYLBUTAN-1-OL 'C6 H14 O'
ACN non-polymer ACETONE 'C3 H6 O'
FP5 non-polymer 'PHENYLACETAMIDOMETHYL BORONIC ACID' 'C9 H12 B N O3'
MES non-polymer '2-(N-MORPHOLINO)-ETHANESULFONIC ACID' 'C6 H13 N O4 S'
MG non-polymer 'MAGNESIUM ION' 'Mg 2'
SO4 non-polymer 'SULFATE ION' 'O4 S -2'
#
# COMPACT_ATOMS: atom_id res chain seq x y z
N ARG A 1 -91.66 -19.36 -6.55
CA ARG A 1 -90.38 -19.89 -7.14
C ARG A 1 -89.18 -19.20 -6.47
N LEU A 2 -89.29 -17.90 -6.29
CA LEU A 2 -88.27 -17.09 -5.62
C LEU A 2 -88.20 -17.44 -4.13
N THR A 3 -89.36 -17.68 -3.51
CA THR A 3 -89.43 -18.02 -2.09
C THR A 3 -88.81 -19.39 -1.80
N GLU A 4 -89.00 -20.34 -2.71
CA GLU A 4 -88.38 -21.67 -2.59
C GLU A 4 -86.86 -21.56 -2.57
N LEU A 5 -86.31 -20.79 -3.51
CA LEU A 5 -84.87 -20.55 -3.63
C LEU A 5 -84.28 -20.01 -2.33
N ARG A 6 -84.93 -18.99 -1.77
CA ARG A 6 -84.48 -18.34 -0.52
C ARG A 6 -84.42 -19.32 0.65
N GLU A 7 -85.44 -20.16 0.77
CA GLU A 7 -85.50 -21.20 1.81
C GLU A 7 -84.39 -22.22 1.64
N ASP A 8 -84.14 -22.62 0.40
CA ASP A 8 -83.11 -23.60 0.10
C ASP A 8 -81.71 -23.05 0.40
N ILE A 9 -81.47 -21.78 0.07
CA ILE A 9 -80.18 -21.15 0.38
C ILE A 9 -80.04 -20.94 1.90
N ASP A 10 -81.13 -20.47 2.54
CA ASP A 10 -81.19 -20.40 4.00
C ASP A 10 -80.76 -21.72 4.61
N ALA A 11 -81.36 -22.82 4.13
CA ALA A 11 -81.06 -24.17 4.64
C ALA A 11 -79.61 -24.58 4.40
N ILE A 12 -79.06 -24.23 3.24
CA ILE A 12 -77.65 -24.54 2.92
C ILE A 12 -76.72 -23.82 3.89
N LEU A 13 -77.05 -22.58 4.22
CA LEU A 13 -76.23 -21.77 5.11
C LEU A 13 -76.28 -22.18 6.59
N GLU A 14 -77.16 -23.13 6.93
CA GLU A 14 -77.26 -23.66 8.29
C GLU A 14 -76.26 -24.80 8.55
N ASP A 15 -75.41 -25.08 7.57
CA ASP A 15 -74.45 -26.19 7.63
C ASP A 15 -73.48 -26.03 8.81
N PRO A 16 -73.19 -27.15 9.52
CA PRO A 16 -72.23 -27.17 10.64
C PRO A 16 -70.80 -26.73 10.29
N ALA A 17 -70.42 -26.84 9.01
CA ALA A 17 -69.09 -26.41 8.58
C ALA A 17 -68.92 -24.89 8.69
N LEU A 18 -70.03 -24.17 8.76
CA LEU A 18 -70.03 -22.72 8.91
C LEU A 18 -70.18 -22.27 10.36
N GLU A 19 -69.92 -23.17 11.30
CA GLU A 19 -70.00 -22.85 12.74
C GLU A 19 -68.98 -21.77 13.14
N GLY A 20 -69.49 -20.67 13.67
CA GLY A 20 -68.65 -19.53 14.06
C GLY A 20 -68.20 -18.62 12.91
N ALA A 21 -68.62 -18.95 11.70
CA ALA A 21 -68.25 -18.20 10.49
C ALA A 21 -69.21 -17.07 10.16
N VAL A 22 -68.71 -16.04 9.50
CA VAL A 22 -69.54 -14.98 8.93
C VAL A 22 -69.55 -15.14 7.41
N SER A 23 -70.73 -15.09 6.80
CA SER A 23 -70.88 -15.36 5.37
C SER A 23 -71.67 -14.31 4.62
N GLY A 24 -70.99 -13.59 3.73
CA GLY A 24 -71.66 -12.66 2.82
C GLY A 24 -72.14 -13.41 1.61
N VAL A 25 -73.45 -13.47 1.40
CA VAL A 25 -74.03 -14.21 0.28
C VAL A 25 -75.07 -13.35 -0.46
N VAL A 26 -74.72 -12.95 -1.68
CA VAL A 26 -75.58 -12.07 -2.48
C VAL A 26 -75.81 -12.65 -3.87
N VAL A 27 -77.09 -12.66 -4.31
CA VAL A 27 -77.45 -13.14 -5.64
C VAL A 27 -78.36 -12.12 -6.33
N VAL A 28 -78.01 -11.79 -7.56
CA VAL A 28 -78.69 -10.75 -8.33
C VAL A 28 -78.96 -11.22 -9.76
N ASP A 29 -80.12 -10.86 -10.28
CA ASP A 29 -80.43 -11.08 -11.70
C ASP A 29 -79.88 -9.88 -12.46
N THR A 30 -78.96 -10.12 -13.38
CA THR A 30 -78.24 -9.02 -14.04
C THR A 30 -79.02 -8.35 -15.18
N ALA A 31 -80.12 -8.98 -15.59
CA ALA A 31 -80.99 -8.42 -16.62
C ALA A 31 -81.88 -7.30 -16.09
N THR A 32 -82.18 -7.35 -14.80
CA THR A 32 -83.12 -6.42 -14.18
C THR A 32 -82.50 -5.65 -13.02
N GLY A 33 -81.59 -6.30 -12.30
CA GLY A 33 -81.02 -5.74 -11.08
C GLY A 33 -81.72 -6.28 -9.85
N GLU A 34 -82.70 -7.16 -10.06
CA GLU A 34 -83.46 -7.78 -8.97
C GLU A 34 -82.56 -8.56 -8.01
N GLU A 35 -82.66 -8.19 -6.73
CA GLU A 35 -81.98 -8.88 -5.66
C GLU A 35 -82.75 -10.17 -5.35
N LEU A 36 -82.18 -11.30 -5.76
CA LEU A 36 -82.81 -12.59 -5.50
C LEU A 36 -82.48 -13.09 -4.10
N TYR A 37 -81.30 -12.74 -3.60
CA TYR A 37 -80.83 -13.16 -2.29
C TYR A 37 -79.79 -12.18 -1.73
N SER A 38 -79.94 -11.83 -0.46
CA SER A 38 -78.99 -10.94 0.20
C SER A 38 -78.88 -11.25 1.69
N ARG A 39 -77.67 -11.62 2.11
CA ARG A 39 -77.37 -11.85 3.53
C ARG A 39 -75.95 -11.33 3.87
N ASP A 40 -75.90 -10.43 4.85
CA ASP A 40 -74.64 -9.77 5.25
C ASP A 40 -73.85 -9.27 4.03
N GLY A 41 -74.56 -8.64 3.10
CA GLY A 41 -73.96 -8.13 1.86
C GLY A 41 -73.06 -6.93 2.01
N GLY A 42 -73.28 -6.16 3.08
CA GLY A 42 -72.47 -4.96 3.34
C GLY A 42 -71.32 -5.22 4.30
N GLU A 43 -71.19 -6.48 4.70
CA GLU A 43 -70.19 -6.89 5.69
C GLU A 43 -68.80 -6.98 5.07
N GLN A 44 -67.81 -6.36 5.71
CA GLN A 44 -66.43 -6.39 5.24
C GLN A 44 -65.72 -7.70 5.63
N LEU A 45 -65.18 -8.39 4.64
CA LEU A 45 -64.57 -9.72 4.85
C LEU A 45 -63.32 -9.90 3.96
N LEU A 46 -62.39 -10.76 4.38
CA LEU A 46 -61.24 -11.10 3.54
C LEU A 46 -61.69 -11.90 2.32
N PRO A 47 -61.23 -11.50 1.13
CA PRO A 47 -61.61 -12.15 -0.12
C PRO A 47 -60.73 -13.33 -0.56
N ALA A 48 -59.57 -13.50 0.06
CA ALA A 48 -58.51 -14.34 -0.55
C ALA A 48 -58.40 -14.01 -2.05
N SER A 49 -58.34 -15.02 -2.93
CA SER A 49 -58.12 -14.76 -4.36
C SER A 49 -59.28 -14.17 -5.15
N ASN A 50 -60.42 -13.98 -4.49
CA ASN A 50 -61.50 -13.18 -5.06
C ASN A 50 -61.04 -11.74 -5.31
N MET A 51 -60.00 -11.29 -4.61
CA MET A 51 -59.34 -10.03 -4.90
C MET A 51 -58.90 -9.87 -6.36
N LYS A 52 -58.50 -10.98 -7.01
CA LYS A 52 -58.05 -10.96 -8.41
C LYS A 52 -59.14 -10.49 -9.38
N LEU A 53 -60.41 -10.67 -9.00
CA LEU A 53 -61.52 -10.11 -9.77
C LEU A 53 -61.38 -8.61 -9.91
N PHE A 54 -61.09 -7.93 -8.80
CA PHE A 54 -60.91 -6.49 -8.83
C PHE A 54 -59.65 -6.10 -9.63
N THR A 55 -58.56 -6.84 -9.42
CA THR A 55 -57.29 -6.60 -10.12
C THR A 55 -57.39 -6.76 -11.64
N ALA A 56 -58.11 -7.79 -12.08
CA ALA A 56 -58.20 -8.09 -13.51
C ALA A 56 -59.02 -7.05 -14.24
N ALA A 57 -60.12 -6.61 -13.61
CA ALA A 57 -60.98 -5.59 -14.17
C ALA A 57 -60.22 -4.27 -14.36
N ALA A 58 -59.53 -3.84 -13.30
CA ALA A 58 -58.68 -2.65 -13.35
C ALA A 58 -57.55 -2.74 -14.41
N ALA A 59 -56.91 -3.90 -14.51
CA ALA A 59 -55.88 -4.13 -15.55
C ALA A 59 -56.44 -3.95 -16.94
N LEU A 60 -57.63 -4.50 -17.17
CA LEU A 60 -58.29 -4.40 -18.46
C LEU A 60 -58.74 -2.97 -18.75
N GLU A 61 -59.10 -2.23 -17.70
CA GLU A 61 -59.44 -0.82 -17.83
C GLU A 61 -58.23 0.04 -18.13
N VAL A 62 -57.17 -0.13 -17.34
CA VAL A 62 -56.01 0.75 -17.40
C VAL A 62 -55.09 0.40 -18.59
N LEU A 63 -54.72 -0.87 -18.69
CA LEU A 63 -53.80 -1.35 -19.71
C LEU A 63 -54.47 -1.67 -21.05
N GLY A 64 -55.70 -2.19 -21.01
CA GLY A 64 -56.36 -2.67 -22.24
C GLY A 64 -56.15 -4.15 -22.57
N ALA A 65 -57.17 -4.74 -23.19
CA ALA A 65 -57.13 -6.15 -23.59
C ALA A 65 -56.02 -6.45 -24.60
N ASP A 66 -55.52 -5.41 -25.27
CA ASP A 66 -54.50 -5.54 -26.29
C ASP A 66 -53.07 -5.25 -25.77
N HIS A 67 -52.95 -4.93 -24.48
CA HIS A 67 -51.65 -4.54 -23.93
C HIS A 67 -50.67 -5.72 -23.99
N SER A 68 -49.43 -5.45 -24.36
CA SER A 68 -48.39 -6.48 -24.25
C SER A 68 -47.16 -5.96 -23.50
N PHE A 69 -46.26 -6.88 -23.13
CA PHE A 69 -45.14 -6.54 -22.27
C PHE A 69 -43.82 -6.83 -22.97
N GLY A 70 -42.80 -5.99 -22.72
CA GLY A 70 -41.54 -6.04 -23.46
C GLY A 70 -40.36 -6.41 -22.57
N THR A 71 -39.36 -7.03 -23.20
CA THR A 71 -38.07 -7.37 -22.58
C THR A 71 -37.03 -7.07 -23.67
N GLU A 72 -35.90 -6.47 -23.29
CA GLU A 72 -34.86 -6.07 -24.26
C GLU A 72 -33.47 -6.36 -23.75
N VAL A 73 -32.53 -6.37 -24.67
CA VAL A 73 -31.10 -6.51 -24.35
C VAL A 73 -30.38 -5.30 -24.93
N ALA A 74 -29.61 -4.60 -24.08
CA ALA A 74 -28.94 -3.37 -24.50
C ALA A 74 -27.44 -3.28 -24.18
N ALA A 75 -26.69 -2.71 -25.12
CA ALA A 75 -25.27 -2.40 -24.95
C ALA A 75 -25.05 -0.91 -25.24
N GLU A 76 -23.93 -0.34 -24.81
CA GLU A 76 -23.73 1.10 -24.96
C GLU A 76 -23.67 1.53 -26.44
N SER A 77 -23.14 0.65 -27.28
CA SER A 77 -23.12 0.83 -28.72
C SER A 77 -23.21 -0.54 -29.40
N ALA A 78 -23.47 -0.54 -30.70
CA ALA A 78 -23.51 -1.79 -31.47
C ALA A 78 -22.11 -2.44 -31.52
N PRO A 79 -22.07 -3.76 -31.78
CA PRO A 79 -20.75 -4.37 -31.96
C PRO A 79 -20.14 -3.91 -33.30
N GLY A 80 -18.81 -3.90 -33.37
CA GLY A 80 -18.14 -3.47 -34.59
C GLY A 80 -17.50 -4.63 -35.32
N ARG A 81 -16.41 -4.33 -36.03
CA ARG A 81 -15.58 -5.32 -36.73
C ARG A 81 -15.26 -6.52 -35.83
N ARG A 82 -14.78 -6.22 -34.62
CA ARG A 82 -14.35 -7.24 -33.67
C ARG A 82 -15.53 -7.98 -33.03
N GLY A 83 -16.75 -7.51 -33.28
CA GLY A 83 -17.95 -8.07 -32.66
C GLY A 83 -17.90 -8.08 -31.14
N GLU A 84 -17.47 -6.96 -30.56
CA GLU A 84 -17.33 -6.84 -29.11
C GLU A 84 -18.22 -5.78 -28.52
N VAL A 85 -18.68 -6.03 -27.29
CA VAL A 85 -19.34 -5.03 -26.45
C VAL A 85 -18.71 -5.12 -25.06
N GLN A 86 -18.91 -4.10 -24.24
CA GLN A 86 -18.42 -4.11 -22.85
C GLN A 86 -19.49 -4.73 -21.96
N ASP A 87 -20.18 -3.90 -21.18
CA ASP A 87 -21.29 -4.38 -20.35
C ASP A 87 -22.56 -4.63 -21.19
N LEU A 88 -23.43 -5.50 -20.69
CA LEU A 88 -24.70 -5.84 -21.37
C LEU A 88 -25.83 -5.85 -20.36
N TYR A 89 -27.00 -5.33 -20.73
CA TYR A 89 -28.15 -5.26 -19.83
C TYR A 89 -29.33 -6.04 -20.38
N LEU A 90 -29.88 -6.92 -19.56
CA LEU A 90 -31.16 -7.58 -19.86
C LEU A 90 -32.21 -6.79 -19.10
N VAL A 91 -33.09 -6.13 -19.84
CA VAL A 91 -34.06 -5.21 -19.25
C VAL A 91 -35.48 -5.76 -19.34
N GLY A 92 -36.11 -5.93 -18.18
CA GLY A 92 -37.48 -6.43 -18.11
C GLY A 92 -38.47 -5.34 -17.79
N ARG A 93 -39.54 -5.26 -18.57
CA ARG A 93 -40.62 -4.32 -18.27
C ARG A 93 -41.93 -5.02 -17.93
N GLY A 94 -41.83 -6.01 -17.05
CA GLY A 94 -42.99 -6.61 -16.40
C GLY A 94 -43.75 -7.69 -17.15
N ASP A 95 -43.07 -8.41 -18.06
CA ASP A 95 -43.67 -9.59 -18.68
C ASP A 95 -43.82 -10.73 -17.65
N PRO A 96 -45.08 -11.15 -17.35
CA PRO A 96 -45.32 -12.24 -16.42
C PRO A 96 -45.27 -13.63 -17.08
N THR A 97 -44.85 -13.68 -18.34
CA THR A 97 -44.86 -14.91 -19.13
C THR A 97 -43.58 -15.09 -19.95
N LEU A 98 -42.46 -14.61 -19.40
CA LEU A 98 -41.17 -14.64 -20.08
C LEU A 98 -40.46 -15.96 -19.76
N SER A 99 -40.27 -16.80 -20.77
CA SER A 99 -39.72 -18.15 -20.53
C SER A 99 -38.21 -18.25 -20.76
N ALA A 100 -37.63 -19.38 -20.35
CA ALA A 100 -36.24 -19.70 -20.63
C ALA A 100 -35.99 -19.78 -22.15
N GLU A 101 -37.00 -20.24 -22.88
CA GLU A 101 -36.93 -20.27 -24.33
C GLU A 101 -36.92 -18.88 -24.93
N ASP A 102 -37.72 -17.97 -24.36
CA ASP A 102 -37.71 -16.56 -24.77
C ASP A 102 -36.29 -15.97 -24.58
N LEU A 103 -35.61 -16.37 -23.51
CA LEU A 103 -34.22 -15.96 -23.27
C LEU A 103 -33.24 -16.52 -24.29
N ASP A 104 -33.42 -17.78 -24.68
CA ASP A 104 -32.56 -18.38 -25.69
C ASP A 104 -32.72 -17.65 -27.02
N ALA A 105 -33.95 -17.33 -27.37
CA ALA A 105 -34.27 -16.64 -28.61
C ALA A 105 -33.66 -15.24 -28.67
N MET A 106 -33.60 -14.56 -27.52
CA MET A 106 -32.96 -13.25 -27.42
C MET A 106 -31.46 -13.40 -27.48
N ALA A 107 -30.91 -14.45 -26.86
CA ALA A 107 -29.50 -14.76 -26.98
C ALA A 107 -29.09 -15.00 -28.45
N ALA A 108 -29.96 -15.67 -29.20
CA ALA A 108 -29.73 -15.94 -30.63
C ALA A 108 -29.66 -14.63 -31.37
N GLU A 109 -30.62 -13.74 -31.08
CA GLU A 109 -30.65 -12.40 -31.67
C GLU A 109 -29.41 -11.58 -31.34
N VAL A 110 -28.92 -11.68 -30.10
CA VAL A 110 -27.69 -10.98 -29.74
C VAL A 110 -26.55 -11.41 -30.67
N ALA A 111 -26.35 -12.73 -30.79
CA ALA A 111 -25.37 -13.31 -31.71
C ALA A 111 -25.57 -12.90 -33.17
N ALA A 112 -26.82 -12.91 -33.63
CA ALA A 112 -27.14 -12.49 -35.00
C ALA A 112 -26.89 -10.99 -35.23
N SER A 113 -26.87 -10.21 -34.15
CA SER A 113 -26.60 -8.78 -34.25
C SER A 113 -25.12 -8.51 -34.45
N GLY A 114 -24.29 -9.54 -34.30
CA GLY A 114 -22.86 -9.42 -34.51
C GLY A 114 -22.03 -9.52 -33.25
N VAL A 115 -22.68 -9.65 -32.09
CA VAL A 115 -21.95 -9.83 -30.83
C VAL A 115 -21.34 -11.22 -30.78
N ARG A 116 -20.04 -11.27 -30.53
CA ARG A 116 -19.32 -12.52 -30.36
C ARG A 116 -18.73 -12.61 -28.95
N THR A 117 -18.45 -11.45 -28.36
CA THR A 117 -17.83 -11.38 -27.04
C THR A 117 -18.43 -10.25 -26.18
N VAL A 118 -18.98 -10.62 -25.02
CA VAL A 118 -19.35 -9.63 -24.00
C VAL A 118 -18.13 -9.47 -23.10
N ARG A 119 -17.37 -8.41 -23.35
CA ARG A 119 -16.11 -8.16 -22.69
C ARG A 119 -16.25 -7.77 -21.23
N GLY A 120 -17.34 -7.08 -20.92
CA GLY A 120 -17.58 -6.62 -19.55
C GLY A 120 -18.54 -7.53 -18.81
N ASP A 121 -19.41 -6.94 -18.01
CA ASP A 121 -20.31 -7.70 -17.15
C ASP A 121 -21.73 -7.74 -17.72
N LEU A 122 -22.51 -8.73 -17.29
CA LEU A 122 -23.92 -8.84 -17.66
C LEU A 122 -24.84 -8.46 -16.49
N TYR A 123 -25.67 -7.46 -16.70
CA TYR A 123 -26.55 -6.98 -15.64
C TYR A 123 -28.01 -7.30 -15.93
N ALA A 124 -28.73 -7.69 -14.89
CA ALA A 124 -30.17 -7.89 -14.96
C ALA A 124 -30.84 -6.63 -14.41
N ASP A 125 -31.60 -5.95 -15.27
CA ASP A 125 -32.23 -4.68 -14.94
C ASP A 125 -33.75 -4.87 -14.75
N ASP A 126 -34.19 -4.77 -13.51
CA ASP A 126 -35.61 -4.91 -13.18
C ASP A 126 -36.19 -3.61 -12.58
N THR A 127 -35.50 -2.50 -12.85
CA THR A 127 -35.83 -1.17 -12.32
C THR A 127 -37.16 -0.55 -12.81
N TRP A 128 -37.81 -1.16 -13.82
CA TRP A 128 -39.16 -0.76 -14.26
C TRP A 128 -40.17 -0.83 -13.10
N PHE A 129 -39.95 -1.77 -12.18
CA PHE A 129 -40.66 -1.82 -10.90
C PHE A 129 -39.70 -1.49 -9.77
N ASP A 130 -40.23 -1.13 -8.59
CA ASP A 130 -39.38 -1.02 -7.41
C ASP A 130 -38.85 -2.39 -6.97
N SER A 131 -38.00 -2.39 -5.96
CA SER A 131 -37.39 -3.62 -5.48
C SER A 131 -38.08 -4.12 -4.21
N GLU A 132 -39.33 -3.69 -3.95
CA GLU A 132 -40.10 -4.25 -2.84
C GLU A 132 -40.68 -5.60 -3.28
N ARG A 133 -40.05 -6.69 -2.82
CA ARG A 133 -40.32 -8.04 -3.35
C ARG A 133 -41.59 -8.66 -2.80
N LEU A 134 -41.94 -8.32 -1.57
CA LEU A 134 -43.03 -8.98 -0.85
C LEU A 134 -43.90 -7.94 -0.15
N VAL A 135 -45.21 -8.18 -0.14
CA VAL A 135 -46.13 -7.31 0.61
C VAL A 135 -45.84 -7.43 2.11
N ASP A 136 -45.85 -6.29 2.79
CA ASP A 136 -45.68 -6.17 4.25
C ASP A 136 -46.23 -7.32 5.09
N ASP A 137 -47.53 -7.55 4.99
CA ASP A 137 -48.19 -8.49 5.91
C ASP A 137 -48.25 -9.94 5.40
N TRP A 138 -47.56 -10.23 4.29
CA TRP A 138 -47.42 -11.61 3.84
C TRP A 138 -46.56 -12.35 4.89
N TRP A 139 -46.80 -13.64 5.04
CA TRP A 139 -46.17 -14.44 6.10
C TRP A 139 -44.86 -15.05 5.58
N PRO A 140 -43.75 -14.89 6.34
CA PRO A 140 -42.45 -15.38 5.87
C PRO A 140 -42.31 -16.90 5.76
N GLU A 141 -43.11 -17.64 6.52
CA GLU A 141 -43.16 -19.09 6.38
C GLU A 141 -43.71 -19.57 5.02
N ASP A 142 -44.46 -18.69 4.33
CA ASP A 142 -44.97 -18.99 2.97
C ASP A 142 -43.95 -18.78 1.84
N GLU A 143 -42.87 -18.05 2.15
CA GLU A 143 -41.89 -17.63 1.13
C GLU A 143 -41.29 -18.69 0.17
N PRO A 144 -40.99 -19.93 0.66
CA PRO A 144 -40.47 -20.97 -0.25
C PRO A 144 -41.40 -21.39 -1.41
N TYR A 145 -42.70 -21.10 -1.31
CA TYR A 145 -43.73 -21.70 -2.19
C TYR A 145 -44.19 -20.78 -3.32
N ALA A 146 -44.51 -21.39 -4.47
CA ALA A 146 -44.71 -20.65 -5.72
C ALA A 146 -45.69 -19.48 -5.64
N TYR A 147 -46.74 -19.62 -4.85
CA TYR A 147 -47.74 -18.55 -4.73
C TYR A 147 -47.19 -17.33 -4.00
N SER A 148 -46.05 -17.50 -3.34
CA SER A 148 -45.41 -16.42 -2.58
C SER A 148 -44.07 -15.95 -3.19
N ALA A 149 -43.89 -16.24 -4.48
CA ALA A 149 -42.77 -15.74 -5.25
C ALA A 149 -42.58 -14.23 -5.13
N GLN A 150 -41.30 -13.85 -5.05
CA GLN A 150 -40.88 -12.45 -5.05
C GLN A 150 -41.30 -11.76 -6.35
N ILE A 151 -41.64 -10.47 -6.23
CA ILE A 151 -42.16 -9.70 -7.36
C ILE A 151 -41.05 -8.85 -7.98
N SER A 152 -40.86 -9.01 -9.28
CA SER A 152 -39.86 -8.26 -10.02
C SER A 152 -40.39 -7.93 -11.41
N ALA A 153 -39.88 -6.85 -12.01
CA ALA A 153 -40.18 -6.53 -13.42
C ALA A 153 -39.48 -7.49 -14.38
N LEU A 154 -38.47 -8.19 -13.88
CA LEU A 154 -37.75 -9.15 -14.70
C LEU A 154 -37.76 -10.48 -13.98
N THR A 155 -38.57 -11.40 -14.48
CA THR A 155 -38.75 -12.70 -13.85
C THR A 155 -38.99 -13.78 -14.91
N VAL A 156 -38.39 -14.96 -14.68
CA VAL A 156 -38.60 -16.09 -15.56
C VAL A 156 -39.83 -16.89 -15.10
N ALA A 157 -40.74 -17.11 -16.04
CA ALA A 157 -41.94 -17.89 -15.78
C ALA A 157 -41.75 -19.34 -16.23
N HIS A 158 -42.02 -20.26 -15.30
CA HIS A 158 -41.90 -21.69 -15.57
C HIS A 158 -43.21 -22.31 -16.10
N GLY A 159 -43.06 -23.16 -17.13
CA GLY A 159 -44.15 -24.02 -17.62
C GLY A 159 -45.25 -23.28 -18.37
N GLU A 160 -46.26 -24.03 -18.81
CA GLU A 160 -47.37 -23.48 -19.59
C GLU A 160 -48.30 -22.62 -18.71
N ARG A 161 -48.24 -22.79 -17.40
CA ARG A 161 -49.04 -22.00 -16.47
C ARG A 161 -48.36 -20.69 -16.10
N PHE A 162 -47.08 -20.58 -16.47
CA PHE A 162 -46.27 -19.39 -16.23
C PHE A 162 -46.14 -19.00 -14.75
N ASP A 163 -45.62 -19.93 -13.92
CA ASP A 163 -45.33 -19.63 -12.53
C ASP A 163 -43.99 -18.92 -12.45
N THR A 164 -44.01 -17.68 -12.00
CA THR A 164 -42.85 -16.78 -12.01
C THR A 164 -41.97 -16.93 -10.76
N GLY A 165 -40.68 -16.71 -10.93
CA GLY A 165 -39.78 -16.53 -9.79
C GLY A 165 -39.56 -17.82 -9.04
N VAL A 166 -39.65 -18.94 -9.76
CA VAL A 166 -39.47 -20.26 -9.16
C VAL A 166 -38.56 -21.12 -10.01
N THR A 167 -38.03 -22.18 -9.39
CA THR A 167 -37.29 -23.22 -10.07
C THR A 167 -38.01 -24.54 -9.75
N GLU A 168 -37.82 -25.55 -10.61
CA GLU A 168 -38.40 -26.86 -10.37
C GLU A 168 -37.33 -27.80 -9.78
N VAL A 169 -37.57 -28.21 -8.53
CA VAL A 169 -36.67 -29.12 -7.82
C VAL A 169 -37.14 -30.57 -8.03
N SER A 170 -36.22 -31.44 -8.44
CA SER A 170 -36.50 -32.89 -8.56
C SER A 170 -35.58 -33.73 -7.68
N VAL A 171 -36.18 -34.53 -6.81
CA VAL A 171 -35.44 -35.41 -5.90
C VAL A 171 -35.71 -36.87 -6.26
N THR A 172 -34.64 -37.61 -6.58
CA THR A 172 -34.78 -38.97 -7.08
C THR A 172 -34.05 -39.91 -6.12
N PRO A 173 -34.71 -41.04 -5.77
CA PRO A 173 -34.06 -41.99 -4.87
C PRO A 173 -32.87 -42.68 -5.54
N ALA A 174 -31.91 -43.11 -4.72
CA ALA A 174 -30.76 -43.85 -5.18
C ALA A 174 -30.84 -45.25 -4.54
N ALA A 175 -29.70 -45.84 -4.17
CA ALA A 175 -29.72 -47.07 -3.38
C ALA A 175 -29.99 -46.73 -1.91
N GLU A 176 -30.68 -47.61 -1.20
CA GLU A 176 -30.92 -47.45 0.24
C GLU A 176 -29.62 -47.05 0.94
N GLY A 177 -29.67 -45.98 1.72
CA GLY A 177 -28.50 -45.52 2.47
C GLY A 177 -27.66 -44.47 1.76
N GLU A 178 -27.78 -44.38 0.43
CA GLU A 178 -27.09 -43.33 -0.31
C GLU A 178 -27.94 -42.05 -0.29
N PRO A 179 -27.28 -40.87 -0.36
CA PRO A 179 -28.07 -39.65 -0.46
C PRO A 179 -28.98 -39.69 -1.68
N ALA A 180 -30.16 -39.08 -1.54
CA ALA A 180 -31.06 -38.88 -2.67
C ALA A 180 -30.43 -37.86 -3.62
N ASP A 181 -30.78 -37.94 -4.90
CA ASP A 181 -30.24 -37.00 -5.85
C ASP A 181 -31.16 -35.80 -5.92
N VAL A 182 -30.57 -34.61 -5.81
CA VAL A 182 -31.31 -33.35 -5.94
C VAL A 182 -30.89 -32.58 -7.20
N ASP A 183 -31.87 -32.33 -8.06
CA ASP A 183 -31.69 -31.51 -9.26
C ASP A 183 -32.44 -30.20 -8.96
N LEU A 184 -31.76 -29.05 -9.04
CA LEU A 184 -32.34 -27.77 -8.65
C LEU A 184 -33.08 -27.07 -9.79
N GLY A 185 -33.06 -27.68 -10.97
CA GLY A 185 -33.68 -27.13 -12.18
C GLY A 185 -32.97 -25.89 -12.70
N ALA A 186 -33.75 -24.90 -13.14
CA ALA A 186 -33.19 -23.66 -13.67
C ALA A 186 -32.20 -22.96 -12.72
N ALA A 187 -32.40 -23.11 -11.41
CA ALA A 187 -31.52 -22.49 -10.42
C ALA A 187 -30.21 -23.25 -10.11
N GLU A 188 -29.92 -24.31 -10.86
CA GLU A 188 -28.59 -24.91 -10.80
C GLU A 188 -27.57 -23.83 -11.09
N GLY A 189 -26.58 -23.68 -10.22
CA GLY A 189 -25.52 -22.69 -10.42
C GLY A 189 -25.92 -21.31 -9.95
N TYR A 190 -27.16 -21.16 -9.49
CA TYR A 190 -27.66 -19.91 -8.92
C TYR A 190 -27.98 -20.11 -7.44
N ALA A 191 -28.99 -20.92 -7.14
CA ALA A 191 -29.33 -21.25 -5.75
C ALA A 191 -28.26 -22.19 -5.16
N GLU A 192 -28.09 -22.15 -3.84
CA GLU A 192 -27.18 -23.07 -3.16
C GLU A 192 -27.92 -24.35 -2.77
N LEU A 193 -27.19 -25.46 -2.74
CA LEU A 193 -27.80 -26.73 -2.38
C LEU A 193 -27.34 -27.15 -0.99
N ASP A 194 -28.30 -27.39 -0.10
CA ASP A 194 -28.01 -28.09 1.15
C ASP A 194 -28.79 -29.39 1.20
N ASN A 195 -28.19 -30.45 0.63
CA ASN A 195 -28.84 -31.75 0.56
C ASN A 195 -28.48 -32.65 1.73
N ARG A 196 -29.43 -32.86 2.64
CA ARG A 196 -29.26 -33.73 3.80
C ARG A 196 -30.15 -34.96 3.72
N ALA A 197 -30.86 -35.10 2.60
CA ALA A 197 -31.80 -36.20 2.42
C ALA A 197 -31.09 -37.50 2.08
N VAL A 198 -31.64 -38.60 2.60
CA VAL A 198 -31.12 -39.95 2.37
C VAL A 198 -32.18 -40.76 1.63
N THR A 199 -31.75 -41.87 1.03
CA THR A 199 -32.68 -42.85 0.45
C THR A 199 -33.03 -43.88 1.51
N GLY A 200 -34.32 -44.05 1.76
CA GLY A 200 -34.80 -45.04 2.73
C GLY A 200 -34.92 -46.41 2.13
N ALA A 201 -35.24 -47.39 2.98
CA ALA A 201 -35.46 -48.75 2.50
C ALA A 201 -36.69 -48.75 1.62
N ALA A 202 -36.74 -49.67 0.65
CA ALA A 202 -37.98 -49.91 -0.11
C ALA A 202 -39.13 -50.16 0.87
N GLY A 203 -40.25 -49.49 0.64
CA GLY A 203 -41.42 -49.67 1.51
C GLY A 203 -41.41 -48.84 2.78
N SER A 204 -40.30 -48.13 3.05
CA SER A 204 -40.25 -47.23 4.21
C SER A 204 -41.11 -45.98 3.99
N ALA A 205 -41.24 -45.16 5.02
CA ALA A 205 -42.11 -43.98 4.97
C ALA A 205 -41.40 -42.80 4.31
N ASN A 206 -42.11 -42.13 3.42
CA ASN A 206 -41.65 -40.93 2.74
C ASN A 206 -41.72 -39.72 3.68
N THR A 207 -40.57 -39.17 4.06
CA THR A 207 -40.54 -37.99 4.93
C THR A 207 -39.79 -36.79 4.31
N LEU A 208 -39.60 -36.82 3.00
CA LEU A 208 -38.77 -35.83 2.32
C LEU A 208 -39.37 -34.43 2.43
N VAL A 209 -38.51 -33.46 2.72
CA VAL A 209 -38.90 -32.05 2.84
C VAL A 209 -37.95 -31.17 2.02
N ILE A 210 -38.50 -30.31 1.18
CA ILE A 210 -37.74 -29.36 0.39
C ILE A 210 -38.11 -27.94 0.87
N ASP A 211 -37.08 -27.21 1.34
CA ASP A 211 -37.27 -25.88 1.92
C ASP A 211 -36.35 -24.86 1.27
N ARG A 212 -36.72 -23.59 1.44
CA ARG A 212 -35.79 -22.49 1.31
C ARG A 212 -35.81 -21.68 2.61
N PRO A 213 -34.83 -21.92 3.49
CA PRO A 213 -34.79 -21.23 4.79
C PRO A 213 -34.90 -19.71 4.63
N VAL A 214 -35.66 -19.08 5.51
CA VAL A 214 -35.98 -17.66 5.38
C VAL A 214 -34.71 -16.80 5.30
N GLY A 215 -34.71 -15.83 4.39
CA GLY A 215 -33.55 -14.94 4.21
C GLY A 215 -32.33 -15.57 3.55
N THR A 216 -32.53 -16.69 2.86
CA THR A 216 -31.44 -17.34 2.14
C THR A 216 -31.86 -17.66 0.72
N ASN A 217 -30.87 -17.93 -0.13
CA ASN A 217 -31.06 -18.50 -1.45
C ASN A 217 -30.55 -19.95 -1.49
N THR A 218 -30.81 -20.69 -0.41
CA THR A 218 -30.45 -22.08 -0.27
C THR A 218 -31.69 -23.01 -0.35
N ILE A 219 -31.63 -24.02 -1.23
CA ILE A 219 -32.62 -25.10 -1.19
C ILE A 219 -32.14 -26.19 -0.23
N ALA A 220 -32.86 -26.35 0.88
CA ALA A 220 -32.49 -27.31 1.91
C ALA A 220 -33.40 -28.53 1.85
N VAL A 221 -32.80 -29.69 1.57
CA VAL A 221 -33.55 -30.92 1.45
C VAL A 221 -33.22 -31.82 2.63
N THR A 222 -34.26 -32.26 3.33
CA THR A 222 -34.07 -33.15 4.49
C THR A 222 -35.02 -34.34 4.39
N GLY A 223 -34.83 -35.31 5.28
CA GLY A 223 -35.72 -36.45 5.35
C GLY A 223 -35.28 -37.61 4.50
N SER A 224 -36.21 -38.53 4.27
CA SER A 224 -35.92 -39.81 3.66
C SER A 224 -36.92 -40.10 2.55
N LEU A 225 -36.38 -40.45 1.38
CA LEU A 225 -37.17 -40.89 0.22
C LEU A 225 -36.97 -42.40 -0.01
N PRO A 226 -38.07 -43.18 0.05
CA PRO A 226 -37.98 -44.64 -0.11
C PRO A 226 -37.34 -45.00 -1.45
N ALA A 227 -36.51 -46.05 -1.44
CA ALA A 227 -35.81 -46.50 -2.65
C ALA A 227 -36.77 -46.80 -3.80
N ASP A 228 -37.99 -47.24 -3.46
CA ASP A 228 -39.01 -47.56 -4.46
C ASP A 228 -40.02 -46.43 -4.73
N ALA A 229 -39.77 -45.26 -4.13
CA ALA A 229 -40.67 -44.12 -4.32
C ALA A 229 -40.44 -43.49 -5.67
N ALA A 230 -41.51 -42.93 -6.24
CA ALA A 230 -41.40 -42.08 -7.43
C ALA A 230 -40.64 -40.80 -7.06
N PRO A 231 -39.86 -40.24 -8.02
CA PRO A 231 -39.17 -38.99 -7.76
C PRO A 231 -40.16 -37.88 -7.31
N VAL A 232 -39.71 -37.04 -6.39
CA VAL A 232 -40.52 -35.92 -5.89
C VAL A 232 -40.13 -34.61 -6.58
N THR A 233 -41.09 -33.99 -7.28
CA THR A 233 -40.83 -32.71 -7.93
C THR A 233 -41.70 -31.59 -7.36
N ALA A 234 -41.05 -30.47 -7.05
CA ALA A 234 -41.75 -29.33 -6.46
C ALA A 234 -41.20 -28.03 -7.01
N LEU A 235 -42.11 -27.06 -7.16
CA LEU A 235 -41.72 -25.69 -7.43
C LEU A 235 -41.27 -24.99 -6.15
N ARG A 236 -40.07 -24.41 -6.20
CA ARG A 236 -39.60 -23.58 -5.10
C ARG A 236 -39.14 -22.21 -5.59
N THR A 237 -39.48 -21.17 -4.82
CA THR A 237 -39.08 -19.80 -5.12
C THR A 237 -37.58 -19.62 -4.93
N VAL A 238 -37.01 -18.63 -5.62
CA VAL A 238 -35.64 -18.20 -5.36
C VAL A 238 -35.64 -16.77 -4.87
N ASP A 239 -34.53 -16.38 -4.21
CA ASP A 239 -34.26 -14.98 -3.92
C ASP A 239 -33.88 -14.26 -5.21
N GLU A 240 -34.41 -13.05 -5.39
CA GLU A 240 -34.10 -12.17 -6.55
C GLU A 240 -34.33 -12.84 -7.91
N PRO A 241 -35.60 -12.88 -8.37
CA PRO A 241 -35.92 -13.48 -9.67
C PRO A 241 -35.13 -12.90 -10.85
N ALA A 242 -34.85 -11.60 -10.83
CA ALA A 242 -34.07 -10.97 -11.91
C ALA A 242 -32.65 -11.52 -12.02
N ALA A 243 -32.02 -11.82 -10.88
CA ALA A 243 -30.65 -12.39 -10.89
C ALA A 243 -30.64 -13.83 -11.44
N LEU A 244 -31.70 -14.59 -11.18
CA LEU A 244 -31.87 -15.89 -11.84
C LEU A 244 -32.06 -15.70 -13.36
N ALA A 245 -32.85 -14.70 -13.74
CA ALA A 245 -33.03 -14.37 -15.16
C ALA A 245 -31.66 -14.03 -15.80
N GLY A 246 -30.83 -13.30 -15.05
CA GLY A 246 -29.48 -12.98 -15.50
C GLY A 246 -28.60 -14.21 -15.69
N HIS A 247 -28.60 -15.09 -14.70
CA HIS A 247 -27.86 -16.36 -14.77
C HIS A 247 -28.30 -17.22 -15.98
N LEU A 248 -29.61 -17.32 -16.19
CA LEU A 248 -30.14 -18.09 -17.31
C LEU A 248 -29.77 -17.50 -18.69
N PHE A 249 -29.74 -16.17 -18.76
CA PHE A 249 -29.38 -15.47 -19.98
C PHE A 249 -27.90 -15.64 -20.32
N GLU A 250 -27.05 -15.53 -19.31
CA GLU A 250 -25.63 -15.83 -19.40
C GLU A 250 -25.39 -17.19 -20.07
N GLU A 251 -26.08 -18.20 -19.55
CA GLU A 251 -25.97 -19.57 -20.08
C GLU A 251 -26.49 -19.66 -21.52
N ALA A 252 -27.58 -18.95 -21.82
CA ALA A 252 -28.13 -18.89 -23.17
C ALA A 252 -27.19 -18.22 -24.16
N LEU A 253 -26.54 -17.13 -23.75
CA LEU A 253 -25.56 -16.44 -24.60
C LEU A 253 -24.42 -17.39 -24.94
N GLU A 254 -23.86 -18.03 -23.93
CA GLU A 254 -22.75 -18.98 -24.11
C GLU A 254 -23.16 -20.09 -25.03
N SER A 255 -24.36 -20.61 -24.80
CA SER A 255 -24.97 -21.65 -25.60
C SER A 255 -25.10 -21.22 -27.07
N ASN A 256 -25.35 -19.93 -27.28
CA ASN A 256 -25.48 -19.38 -28.63
C ASN A 256 -24.17 -18.82 -29.20
N GLY A 257 -23.05 -19.16 -28.58
CA GLY A 257 -21.72 -18.80 -29.09
C GLY A 257 -21.25 -17.40 -28.71
N VAL A 258 -21.88 -16.81 -27.69
CA VAL A 258 -21.46 -15.52 -27.17
C VAL A 258 -20.73 -15.74 -25.86
N THR A 259 -19.46 -15.40 -25.86
CA THR A 259 -18.60 -15.54 -24.69
C THR A 259 -18.80 -14.36 -23.75
N VAL A 260 -19.13 -14.65 -22.50
CA VAL A 260 -19.28 -13.62 -21.49
C VAL A 260 -18.10 -13.66 -20.52
N LYS A 261 -17.26 -12.61 -20.57
CA LYS A 261 -16.04 -12.53 -19.76
C LYS A 261 -16.26 -12.14 -18.31
N GLY A 262 -17.22 -11.26 -18.06
CA GLY A 262 -17.39 -10.69 -16.71
C GLY A 262 -18.33 -11.47 -15.82
N ASP A 263 -18.92 -10.76 -14.86
CA ASP A 263 -19.84 -11.33 -13.88
C ASP A 263 -21.29 -11.06 -14.23
N VAL A 264 -22.18 -11.71 -13.49
CA VAL A 264 -23.62 -11.54 -13.63
C VAL A 264 -24.14 -10.97 -12.31
N GLY A 265 -24.91 -9.90 -12.39
CA GLY A 265 -25.49 -9.28 -11.20
C GLY A 265 -26.69 -8.42 -11.55
N LEU A 266 -27.26 -7.77 -10.54
CA LEU A 266 -28.32 -6.80 -10.71
C LEU A 266 -27.71 -5.43 -11.03
N GLY A 267 -28.41 -4.66 -11.87
CA GLY A 267 -27.99 -3.31 -12.20
C GLY A 267 -28.89 -2.72 -13.28
N GLY A 268 -29.13 -1.42 -13.19
CA GLY A 268 -29.93 -0.68 -14.19
C GLY A 268 -29.05 0.01 -15.23
N VAL A 269 -29.54 0.08 -16.46
CA VAL A 269 -28.85 0.80 -17.55
C VAL A 269 -28.42 2.18 -17.04
N PRO A 270 -27.11 2.51 -17.17
CA PRO A 270 -26.61 3.76 -16.59
C PRO A 270 -27.27 4.99 -17.21
N ALA A 271 -27.49 6.01 -16.39
CA ALA A 271 -28.08 7.29 -16.82
C ALA A 271 -27.27 7.95 -17.95
N ASP A 272 -25.95 7.80 -17.89
CA ASP A 272 -25.05 8.41 -18.85
C ASP A 272 -24.92 7.64 -20.20
N TRP A 273 -25.66 6.55 -20.36
CA TRP A 273 -25.75 5.93 -21.68
C TRP A 273 -26.54 6.83 -22.60
N GLN A 274 -25.85 7.28 -23.65
CA GLN A 274 -26.35 8.32 -24.53
C GLN A 274 -27.51 7.84 -25.39
N ASP A 275 -27.35 6.64 -25.92
CA ASP A 275 -28.26 6.09 -26.93
C ASP A 275 -28.04 4.57 -26.94
N ALA A 276 -28.65 3.89 -25.97
CA ALA A 276 -28.47 2.44 -25.84
C ALA A 276 -28.80 1.74 -27.14
N GLU A 277 -27.94 0.81 -27.53
CA GLU A 277 -28.20 -0.05 -28.67
C GLU A 277 -28.97 -1.32 -28.23
N VAL A 278 -30.21 -1.43 -28.70
CA VAL A 278 -31.04 -2.62 -28.43
C VAL A 278 -30.68 -3.74 -29.42
N LEU A 279 -30.13 -4.82 -28.88
CA LEU A 279 -29.55 -5.93 -29.65
C LEU A 279 -30.49 -7.11 -29.78
N ALA A 280 -31.48 -7.15 -28.89
CA ALA A 280 -32.50 -8.18 -28.87
C ALA A 280 -33.72 -7.69 -28.09
N ASP A 281 -34.89 -8.20 -28.46
CA ASP A 281 -36.12 -7.93 -27.70
C ASP A 281 -37.15 -9.05 -27.89
N HIS A 282 -38.18 -9.01 -27.04
CA HIS A 282 -39.28 -9.97 -27.05
C HIS A 282 -40.55 -9.27 -26.58
N THR A 283 -41.68 -9.65 -27.19
CA THR A 283 -42.99 -9.09 -26.87
C THR A 283 -43.88 -10.23 -26.43
N SER A 284 -44.51 -10.06 -25.27
CA SER A 284 -45.45 -11.07 -24.74
C SER A 284 -46.71 -11.16 -25.59
N ALA A 285 -47.52 -12.19 -25.34
CA ALA A 285 -48.91 -12.20 -25.80
C ALA A 285 -49.66 -11.01 -25.20
N GLU A 286 -50.82 -10.70 -25.78
CA GLU A 286 -51.66 -9.60 -25.26
C GLU A 286 -52.34 -9.99 -23.95
N LEU A 287 -52.67 -8.98 -23.15
CA LEU A 287 -53.27 -9.18 -21.84
C LEU A 287 -54.49 -10.11 -21.87
N SER A 288 -55.36 -9.95 -22.88
CA SER A 288 -56.52 -10.83 -23.02
C SER A 288 -56.15 -12.31 -22.94
N GLU A 289 -55.03 -12.68 -23.57
CA GLU A 289 -54.50 -14.05 -23.59
C GLU A 289 -53.83 -14.41 -22.24
N ILE A 290 -53.05 -13.49 -21.70
CA ILE A 290 -52.43 -13.66 -20.39
C ILE A 290 -53.43 -13.89 -19.25
N LEU A 291 -54.58 -13.23 -19.33
CA LEU A 291 -55.65 -13.38 -18.32
C LEU A 291 -56.05 -14.81 -18.00
N VAL A 292 -55.97 -15.68 -19.01
CA VAL A 292 -56.41 -17.06 -18.89
C VAL A 292 -55.57 -17.85 -17.84
N PRO A 293 -54.25 -18.04 -18.08
CA PRO A 293 -53.47 -18.71 -17.02
C PRO A 293 -53.51 -17.95 -15.69
N PHE A 294 -53.58 -16.62 -15.74
CA PHE A 294 -53.71 -15.79 -14.54
C PHE A 294 -54.96 -16.15 -13.73
N MET A 295 -56.15 -16.06 -14.34
CA MET A 295 -57.40 -16.25 -13.57
C MET A 295 -57.83 -17.71 -13.38
N LYS A 296 -57.59 -18.56 -14.38
CA LYS A 296 -57.97 -19.98 -14.31
C LYS A 296 -57.24 -20.65 -13.14
N PHE A 297 -55.95 -20.35 -13.00
CA PHE A 297 -55.09 -20.98 -11.98
C PHE A 297 -54.78 -20.08 -10.79
N SER A 298 -55.35 -18.88 -10.79
CA SER A 298 -55.19 -17.96 -9.65
C SER A 298 -53.71 -17.63 -9.34
N ASN A 299 -53.00 -17.16 -10.36
CA ASN A 299 -51.55 -16.90 -10.27
C ASN A 299 -51.26 -15.63 -9.47
N ASN A 300 -50.72 -15.76 -8.25
CA ASN A 300 -50.43 -14.59 -7.39
C ASN A 300 -49.41 -13.62 -7.98
N GLY A 301 -48.31 -14.16 -8.50
CA GLY A 301 -47.30 -13.35 -9.17
C GLY A 301 -47.85 -12.47 -10.28
N HIS A 302 -48.68 -13.03 -11.16
CA HIS A 302 -49.32 -12.25 -12.24
C HIS A 302 -50.11 -11.06 -11.71
N ALA A 303 -50.92 -11.28 -10.68
CA ALA A 303 -51.69 -10.17 -10.10
C ALA A 303 -50.81 -9.05 -9.57
N GLU A 304 -49.76 -9.39 -8.81
CA GLU A 304 -48.90 -8.32 -8.27
C GLU A 304 -48.16 -7.53 -9.37
N MET A 305 -47.68 -8.24 -10.40
CA MET A 305 -47.01 -7.60 -11.54
C MET A 305 -47.99 -6.70 -12.28
N LEU A 306 -49.24 -7.14 -12.38
CA LEU A 306 -50.26 -6.33 -13.02
C LEU A 306 -50.57 -5.05 -12.24
N VAL A 307 -50.57 -5.15 -10.90
CA VAL A 307 -50.68 -4.00 -10.02
C VAL A 307 -49.54 -3.00 -10.25
N LYS A 308 -48.29 -3.48 -10.27
CA LYS A 308 -47.16 -2.58 -10.52
C LYS A 308 -47.15 -2.00 -11.95
N SER A 309 -47.67 -2.78 -12.90
CA SER A 309 -47.88 -2.29 -14.27
C SER A 309 -48.95 -1.20 -14.35
N ILE A 310 -50.01 -1.30 -13.53
CA ILE A 310 -51.00 -0.21 -13.41
C ILE A 310 -50.40 1.09 -12.85
N GLY A 311 -49.62 0.96 -11.78
CA GLY A 311 -48.82 2.06 -11.23
C GLY A 311 -47.95 2.71 -12.30
N GLN A 312 -47.25 1.90 -13.09
CA GLN A 312 -46.44 2.43 -14.19
C GLN A 312 -47.27 3.20 -15.22
N GLU A 313 -48.39 2.64 -15.63
CA GLU A 313 -49.22 3.28 -16.65
C GLU A 313 -49.88 4.58 -16.14
N THR A 314 -50.41 4.56 -14.91
CA THR A 314 -51.05 5.76 -14.30
C THR A 314 -50.12 6.81 -13.68
N ALA A 315 -48.91 6.43 -13.31
CA ALA A 315 -48.09 7.32 -12.50
C ALA A 315 -46.60 7.21 -12.77
N GLY A 316 -46.20 6.34 -13.70
CA GLY A 316 -44.78 6.14 -13.96
C GLY A 316 -44.11 5.52 -12.72
N ALA A 317 -44.91 4.88 -11.87
CA ALA A 317 -44.42 4.31 -10.62
C ALA A 317 -44.78 2.81 -10.49
N GLY A 318 -43.79 1.94 -10.61
CA GLY A 318 -44.00 0.48 -10.56
C GLY A 318 -43.99 -0.03 -9.13
N THR A 319 -45.01 0.37 -8.38
CA THR A 319 -45.10 0.18 -6.93
C THR A 319 -46.52 -0.24 -6.54
N TRP A 320 -46.64 -0.87 -5.37
CA TRP A 320 -47.94 -1.22 -4.80
C TRP A 320 -48.79 -0.02 -4.40
N ASP A 321 -48.18 0.99 -3.77
CA ASP A 321 -48.92 2.21 -3.39
C ASP A 321 -49.60 2.88 -4.58
N ALA A 322 -48.84 3.05 -5.68
CA ALA A 322 -49.40 3.68 -6.88
C ALA A 322 -50.34 2.75 -7.64
N GLY A 323 -49.97 1.48 -7.74
CA GLY A 323 -50.77 0.51 -8.48
C GLY A 323 -52.11 0.27 -7.84
N LEU A 324 -52.09 0.18 -6.51
CA LEU A 324 -53.29 -0.09 -5.72
C LEU A 324 -54.32 1.05 -5.74
N VAL A 325 -53.84 2.29 -5.75
CA VAL A 325 -54.68 3.48 -5.99
C VAL A 325 -55.23 3.46 -7.42
N GLY A 326 -54.38 3.07 -8.38
CA GLY A 326 -54.80 2.89 -9.76
C GLY A 326 -55.94 1.88 -9.90
N VAL A 327 -55.86 0.77 -9.18
CA VAL A 327 -56.97 -0.20 -9.17
C VAL A 327 -58.26 0.43 -8.66
N GLU A 328 -58.19 1.10 -7.51
CA GLU A 328 -59.39 1.72 -6.90
C GLU A 328 -60.03 2.73 -7.85
N GLU A 329 -59.23 3.62 -8.44
CA GLU A 329 -59.75 4.66 -9.34
C GLU A 329 -60.34 4.08 -10.64
N ALA A 330 -59.71 3.03 -11.14
CA ALA A 330 -60.21 2.31 -12.31
C ALA A 330 -61.62 1.72 -12.06
N LEU A 331 -61.75 1.05 -10.92
CA LEU A 331 -63.01 0.49 -10.47
C LEU A 331 -64.10 1.56 -10.32
N SER A 332 -63.74 2.70 -9.71
CA SER A 332 -64.66 3.85 -9.62
C SER A 332 -65.13 4.32 -10.98
N GLY A 333 -64.19 4.49 -11.91
CA GLY A 333 -64.46 4.92 -13.29
C GLY A 333 -65.33 3.96 -14.08
N LEU A 334 -65.36 2.72 -13.62
CA LEU A 334 -66.18 1.65 -14.18
C LEU A 334 -67.63 1.69 -13.64
N GLY A 335 -67.82 2.42 -12.54
CA GLY A 335 -69.13 2.58 -11.93
C GLY A 335 -69.27 1.84 -10.62
N VAL A 336 -68.19 1.18 -10.20
CA VAL A 336 -68.22 0.40 -8.95
C VAL A 336 -68.10 1.32 -7.74
N ASP A 337 -68.99 1.14 -6.77
CA ASP A 337 -68.88 1.82 -5.48
C ASP A 337 -67.81 1.12 -4.63
N THR A 338 -66.71 1.81 -4.37
CA THR A 338 -65.55 1.22 -3.70
C THR A 338 -65.45 1.52 -2.19
N ALA A 339 -66.57 1.90 -1.58
CA ALA A 339 -66.63 2.23 -0.15
C ALA A 339 -66.17 1.09 0.78
N GLY A 340 -66.62 -0.13 0.49
CA GLY A 340 -66.31 -1.29 1.32
C GLY A 340 -64.98 -1.98 1.01
N LEU A 341 -64.23 -1.44 0.06
CA LEU A 341 -62.98 -2.03 -0.40
C LEU A 341 -61.75 -1.53 0.32
N VAL A 342 -60.94 -2.46 0.83
CA VAL A 342 -59.62 -2.14 1.35
C VAL A 342 -58.61 -2.96 0.56
N LEU A 343 -57.77 -2.27 -0.19
CA LEU A 343 -56.85 -2.91 -1.12
C LEU A 343 -55.44 -2.92 -0.51
N ASN A 344 -54.93 -4.11 -0.20
CA ASN A 344 -53.55 -4.23 0.28
C ASN A 344 -52.63 -4.99 -0.69
N ASP A 345 -53.24 -5.76 -1.61
CA ASP A 345 -52.50 -6.35 -2.72
C ASP A 345 -53.43 -6.68 -3.87
N GLY A 346 -52.86 -7.18 -4.96
CA GLY A 346 -53.63 -7.58 -6.12
C GLY A 346 -54.05 -9.04 -6.14
N SER A 347 -53.26 -9.92 -5.48
CA SER A 347 -53.50 -11.37 -5.52
C SER A 347 -54.58 -11.86 -4.54
N GLY A 348 -54.71 -11.16 -3.41
CA GLY A 348 -55.60 -11.64 -2.33
C GLY A 348 -54.88 -12.47 -1.27
N LEU A 349 -53.57 -12.68 -1.44
CA LEU A 349 -52.78 -13.37 -0.44
C LEU A 349 -52.77 -12.62 0.90
N SER A 350 -52.77 -11.29 0.82
CA SER A 350 -52.73 -10.42 1.99
C SER A 350 -54.00 -10.55 2.85
N ARG A 351 -53.81 -10.77 4.15
CA ARG A 351 -54.90 -10.71 5.13
C ARG A 351 -55.36 -9.27 5.43
N GLY A 352 -54.67 -8.29 4.84
CA GLY A 352 -55.05 -6.89 4.96
C GLY A 352 -56.10 -6.45 3.94
N ASN A 353 -56.48 -7.36 3.04
CA ASN A 353 -57.52 -7.07 2.07
C ASN A 353 -58.90 -7.18 2.72
N LEU A 354 -59.84 -6.32 2.30
CA LEU A 354 -61.23 -6.43 2.69
C LEU A 354 -62.15 -6.15 1.50
N VAL A 355 -63.20 -6.96 1.35
CA VAL A 355 -64.29 -6.67 0.39
C VAL A 355 -65.66 -6.85 1.07
N THR A 356 -66.75 -6.56 0.36
CA THR A 356 -68.08 -7.02 0.75
C THR A 356 -68.69 -7.76 -0.44
N ALA A 357 -69.65 -8.65 -0.18
CA ALA A 357 -70.31 -9.40 -1.25
C ALA A 357 -71.09 -8.49 -2.21
N ASP A 358 -71.68 -7.42 -1.68
CA ASP A 358 -72.35 -6.41 -2.51
C ASP A 358 -71.40 -5.75 -3.51
N THR A 359 -70.18 -5.47 -3.09
CA THR A 359 -69.18 -4.84 -3.97
C THR A 359 -68.76 -5.78 -5.10
N VAL A 360 -68.58 -7.05 -4.75
CA VAL A 360 -68.22 -8.07 -5.74
C VAL A 360 -69.30 -8.19 -6.81
N VAL A 361 -70.55 -8.32 -6.36
CA VAL A 361 -71.70 -8.37 -7.26
C VAL A 361 -71.79 -7.09 -8.10
N ASP A 362 -71.55 -5.94 -7.46
CA ASP A 362 -71.49 -4.66 -8.16
C ASP A 362 -70.48 -4.75 -9.33
N LEU A 363 -69.26 -5.19 -9.02
CA LEU A 363 -68.22 -5.38 -10.04
C LEU A 363 -68.65 -6.36 -11.14
N LEU A 364 -69.17 -7.52 -10.73
CA LEU A 364 -69.61 -8.54 -11.68
C LEU A 364 -70.59 -7.95 -12.71
N GLY A 365 -71.50 -7.09 -12.24
CA GLY A 365 -72.46 -6.40 -13.12
C GLY A 365 -71.83 -5.38 -14.04
N GLN A 366 -70.92 -4.57 -13.50
CA GLN A 366 -70.23 -3.53 -14.28
C GLN A 366 -69.26 -4.15 -15.31
N ALA A 367 -68.58 -5.22 -14.93
CA ALA A 367 -67.72 -5.94 -15.85
C ALA A 367 -68.51 -6.56 -17.01
N GLY A 368 -69.74 -7.01 -16.71
CA GLY A 368 -70.61 -7.62 -17.71
C GLY A 368 -70.97 -6.68 -18.85
N SER A 369 -71.06 -5.38 -18.56
CA SER A 369 -71.42 -4.39 -19.57
C SER A 369 -70.23 -3.62 -20.14
N ALA A 370 -69.02 -3.94 -19.69
CA ALA A 370 -67.79 -3.30 -20.18
C ALA A 370 -67.46 -3.81 -21.59
N PRO A 371 -66.79 -3.00 -22.42
CA PRO A 371 -66.44 -3.46 -23.76
C PRO A 371 -65.58 -4.72 -23.78
N TRP A 372 -64.82 -4.97 -22.71
CA TRP A 372 -63.95 -6.15 -22.60
C TRP A 372 -64.63 -7.35 -21.90
N ALA A 373 -65.94 -7.26 -21.70
CA ALA A 373 -66.72 -8.29 -20.97
C ALA A 373 -66.37 -9.72 -21.34
N GLN A 374 -66.22 -9.97 -22.64
CA GLN A 374 -65.94 -11.32 -23.15
C GLN A 374 -64.57 -11.91 -22.78
N THR A 375 -63.50 -11.12 -22.92
CA THR A 375 -62.18 -11.61 -22.46
C THR A 375 -62.16 -11.80 -20.95
N TRP A 376 -62.89 -10.95 -20.23
CA TRP A 376 -63.05 -11.05 -18.79
C TRP A 376 -63.69 -12.39 -18.41
N SER A 377 -64.82 -12.71 -19.04
CA SER A 377 -65.55 -13.94 -18.71
C SER A 377 -64.80 -15.21 -19.14
N ALA A 378 -64.13 -15.17 -20.30
CA ALA A 378 -63.35 -16.30 -20.78
C ALA A 378 -62.21 -16.70 -19.84
N SER A 379 -61.75 -15.75 -19.02
CA SER A 379 -60.65 -15.99 -18.07
C SER A 379 -61.08 -16.78 -16.84
N LEU A 380 -62.39 -16.77 -16.54
CA LEU A 380 -62.89 -17.39 -15.31
C LEU A 380 -63.00 -18.92 -15.42
N PRO A 381 -62.65 -19.65 -14.34
CA PRO A 381 -62.92 -21.08 -14.23
C PRO A 381 -64.38 -21.44 -14.53
N VAL A 382 -64.57 -22.48 -15.33
CA VAL A 382 -65.91 -23.01 -15.63
C VAL A 382 -66.08 -24.30 -14.84
N ALA A 383 -67.10 -24.34 -13.99
CA ALA A 383 -67.32 -25.48 -13.07
C ALA A 383 -67.29 -26.87 -13.75
N GLY A 384 -66.48 -27.76 -13.19
CA GLY A 384 -66.48 -29.16 -13.57
C GLY A 384 -65.86 -29.49 -14.92
N GLU A 385 -65.24 -28.52 -15.57
CA GLU A 385 -64.61 -28.77 -16.86
C GLU A 385 -63.24 -29.42 -16.66
N SER A 386 -63.03 -30.56 -17.33
CA SER A 386 -61.85 -31.39 -17.07
C SER A 386 -60.51 -30.85 -17.60
N ASP A 387 -60.54 -30.14 -18.74
CA ASP A 387 -59.35 -29.46 -19.28
C ASP A 387 -58.92 -28.36 -18.30
N PRO A 388 -57.71 -28.49 -17.71
CA PRO A 388 -57.26 -27.55 -16.67
C PRO A 388 -57.27 -26.10 -17.12
N PHE A 389 -57.03 -25.85 -18.41
CA PHE A 389 -57.04 -24.48 -18.91
C PHE A 389 -58.45 -23.94 -19.14
N VAL A 390 -59.44 -24.80 -18.92
CA VAL A 390 -60.83 -24.40 -19.02
C VAL A 390 -61.51 -24.44 -17.64
N GLY A 391 -61.32 -25.55 -16.92
CA GLY A 391 -61.92 -25.70 -15.59
C GLY A 391 -61.18 -24.94 -14.50
N GLY A 392 -59.87 -24.78 -14.67
CA GLY A 392 -59.03 -24.09 -13.70
C GLY A 392 -59.17 -24.68 -12.29
N THR A 393 -59.35 -23.81 -11.31
CA THR A 393 -59.51 -24.24 -9.92
C THR A 393 -60.91 -24.84 -9.62
N LEU A 394 -61.79 -24.82 -10.63
CA LEU A 394 -63.09 -25.52 -10.54
C LEU A 394 -63.15 -26.83 -11.36
N ALA A 395 -61.99 -27.28 -11.85
CA ALA A 395 -61.92 -28.50 -12.69
C ALA A 395 -62.55 -29.72 -12.05
N ASN A 396 -62.30 -29.88 -10.74
CA ASN A 396 -62.78 -31.03 -9.93
C ASN A 396 -63.89 -30.66 -8.95
N ARG A 397 -64.65 -29.62 -9.27
CA ARG A 397 -65.83 -29.29 -8.49
C ARG A 397 -67.07 -29.22 -9.36
N MET A 398 -68.20 -29.64 -8.80
CA MET A 398 -69.54 -29.55 -9.40
C MET A 398 -69.76 -30.36 -10.69
N ARG A 399 -68.89 -31.35 -10.90
CA ARG A 399 -69.04 -32.31 -11.99
C ARG A 399 -70.30 -33.13 -11.79
N GLY A 400 -70.99 -33.38 -12.89
CA GLY A 400 -72.23 -34.16 -12.85
C GLY A 400 -73.34 -33.48 -12.08
N THR A 401 -73.27 -32.14 -12.00
CA THR A 401 -74.35 -31.31 -11.45
C THR A 401 -74.81 -30.32 -12.53
N ALA A 402 -75.88 -29.58 -12.25
CA ALA A 402 -76.45 -28.58 -13.18
C ALA A 402 -75.50 -27.39 -13.43
N ALA A 403 -74.56 -27.18 -12.51
CA ALA A 403 -73.53 -26.15 -12.65
C ALA A 403 -72.45 -26.48 -13.69
N GLU A 404 -72.23 -27.77 -13.95
CA GLU A 404 -71.17 -28.22 -14.87
C GLU A 404 -71.31 -27.64 -16.28
N GLY A 405 -70.28 -26.90 -16.71
CA GLY A 405 -70.22 -26.29 -18.03
C GLY A 405 -70.89 -24.94 -18.11
N VAL A 406 -71.52 -24.51 -17.03
CA VAL A 406 -72.39 -23.32 -17.03
C VAL A 406 -71.87 -22.23 -16.08
N VAL A 407 -71.66 -22.59 -14.82
CA VAL A 407 -71.17 -21.62 -13.82
C VAL A 407 -69.73 -21.18 -14.09
N GLU A 408 -69.54 -19.87 -14.22
CA GLU A 408 -68.22 -19.25 -14.35
C GLU A 408 -67.95 -18.47 -13.07
N ALA A 409 -66.90 -18.86 -12.34
CA ALA A 409 -66.66 -18.27 -11.03
C ALA A 409 -65.21 -18.32 -10.62
N LYS A 410 -64.82 -17.33 -9.82
CA LYS A 410 -63.47 -17.27 -9.25
C LYS A 410 -63.46 -17.82 -7.82
N THR A 411 -62.43 -18.59 -7.51
CA THR A 411 -62.26 -19.18 -6.19
C THR A 411 -61.29 -18.33 -5.34
N GLY A 412 -61.09 -18.77 -4.11
CA GLY A 412 -60.21 -18.07 -3.19
C GLY A 412 -60.31 -18.69 -1.82
N THR A 413 -59.26 -19.41 -1.43
CA THR A 413 -59.22 -20.08 -0.13
C THR A 413 -57.84 -19.90 0.53
N MET A 414 -57.85 -19.62 1.83
CA MET A 414 -56.71 -19.78 2.74
C MET A 414 -57.28 -20.08 4.13
N SER A 415 -56.41 -20.19 5.15
CA SER A 415 -56.86 -20.48 6.52
C SER A 415 -57.99 -19.56 6.93
N GLY A 416 -59.16 -20.12 7.20
CA GLY A 416 -60.29 -19.35 7.70
C GLY A 416 -60.97 -18.40 6.73
N VAL A 417 -60.65 -18.54 5.44
CA VAL A 417 -61.24 -17.70 4.39
C VAL A 417 -61.52 -18.54 3.16
N SER A 418 -62.73 -18.43 2.62
CA SER A 418 -63.07 -19.09 1.37
C SER A 418 -64.13 -18.28 0.61
N ALA A 419 -64.02 -18.25 -0.72
CA ALA A 419 -64.89 -17.41 -1.53
C ALA A 419 -65.21 -17.99 -2.90
N LEU A 420 -66.44 -17.76 -3.37
CA LEU A 420 -66.79 -18.14 -4.73
C LEU A 420 -67.76 -17.12 -5.29
N SER A 421 -67.36 -16.49 -6.39
CA SER A 421 -68.16 -15.43 -7.00
C SER A 421 -68.08 -15.49 -8.52
N GLY A 422 -69.22 -15.26 -9.18
CA GLY A 422 -69.27 -15.26 -10.64
C GLY A 422 -70.66 -15.21 -11.23
N TYR A 423 -70.82 -15.92 -12.35
CA TYR A 423 -72.04 -15.86 -13.14
C TYR A 423 -72.72 -17.20 -13.32
N VAL A 424 -74.05 -17.15 -13.41
CA VAL A 424 -74.86 -18.33 -13.74
C VAL A 424 -75.80 -18.01 -14.91
N PRO A 425 -75.40 -18.39 -16.14
CA PRO A 425 -76.30 -18.26 -17.29
C PRO A 425 -77.45 -19.28 -17.24
N GLY A 426 -78.55 -19.00 -17.92
CA GLY A 426 -79.67 -19.95 -17.97
C GLY A 426 -80.88 -19.50 -18.79
N PRO A 427 -81.75 -20.46 -19.19
CA PRO A 427 -83.01 -20.14 -19.90
C PRO A 427 -83.87 -19.10 -19.16
N GLU A 428 -83.57 -18.87 -17.88
CA GLU A 428 -84.01 -17.67 -17.17
C GLU A 428 -82.99 -16.52 -17.40
N GLY A 429 -82.16 -16.18 -16.42
CA GLY A 429 -81.20 -15.05 -16.57
C GLY A 429 -79.75 -15.32 -16.19
N GLU A 430 -78.83 -14.47 -16.66
CA GLU A 430 -77.41 -14.54 -16.23
C GLU A 430 -77.28 -13.98 -14.82
N LEU A 431 -77.51 -14.85 -13.84
CA LEU A 431 -77.35 -14.50 -12.43
C LEU A 431 -75.90 -14.13 -12.11
N ALA A 432 -75.72 -13.22 -11.16
CA ALA A 432 -74.40 -12.91 -10.62
C ALA A 432 -74.45 -13.13 -9.11
N PHE A 433 -73.45 -13.80 -8.56
CA PHE A 433 -73.45 -14.12 -7.15
C PHE A 433 -72.08 -13.94 -6.50
N SER A 434 -72.08 -13.61 -5.21
CA SER A 434 -70.86 -13.65 -4.40
C SER A 434 -71.11 -14.38 -3.09
N ILE A 435 -70.25 -15.34 -2.78
CA ILE A 435 -70.25 -16.08 -1.52
C ILE A 435 -68.88 -15.88 -0.86
N VAL A 436 -68.86 -15.16 0.25
CA VAL A 436 -67.60 -14.93 0.97
C VAL A 436 -67.75 -15.43 2.41
N ASN A 437 -66.93 -16.41 2.76
CA ASN A 437 -66.94 -17.06 4.07
C ASN A 437 -65.64 -16.76 4.83
N ASN A 438 -65.79 -16.26 6.06
CA ASN A 438 -64.67 -15.96 6.93
C ASN A 438 -64.96 -16.56 8.31
N GLY A 439 -63.93 -17.15 8.93
CA GLY A 439 -64.01 -17.48 10.37
C GLY A 439 -64.27 -18.92 10.75
N HIS A 440 -64.68 -19.74 9.77
CA HIS A 440 -64.82 -21.19 9.96
C HIS A 440 -63.48 -21.79 10.41
N SER A 441 -63.51 -22.87 11.18
CA SER A 441 -62.26 -23.43 11.70
C SER A 441 -61.96 -24.88 11.29
N GLY A 442 -62.70 -25.38 10.30
CA GLY A 442 -62.41 -26.69 9.73
C GLY A 442 -61.96 -26.55 8.29
N PRO A 443 -62.28 -27.54 7.43
CA PRO A 443 -62.09 -27.37 6.00
C PRO A 443 -62.85 -26.15 5.46
N ALA A 444 -62.36 -25.56 4.38
CA ALA A 444 -63.10 -24.49 3.69
C ALA A 444 -64.48 -25.02 3.28
N PRO A 445 -65.52 -24.17 3.37
CA PRO A 445 -66.87 -24.64 3.04
C PRO A 445 -67.15 -24.72 1.52
N LEU A 446 -66.33 -25.47 0.80
CA LEU A 446 -66.44 -25.62 -0.65
C LEU A 446 -67.73 -26.32 -1.08
N ALA A 447 -68.17 -27.33 -0.32
CA ALA A 447 -69.43 -28.04 -0.58
C ALA A 447 -70.65 -27.12 -0.40
N VAL A 448 -70.62 -26.27 0.62
CA VAL A 448 -71.63 -25.22 0.82
C VAL A 448 -71.66 -24.27 -0.39
N GLN A 449 -70.48 -23.82 -0.82
CA GLN A 449 -70.37 -22.99 -2.02
C GLN A 449 -70.93 -23.69 -3.26
N ASP A 450 -70.53 -24.95 -3.47
CA ASP A 450 -71.00 -25.77 -4.57
C ASP A 450 -72.53 -25.90 -4.54
N ALA A 451 -73.08 -26.17 -3.35
CA ALA A 451 -74.53 -26.34 -3.18
C ALA A 451 -75.32 -25.10 -3.61
N ILE A 452 -74.83 -23.91 -3.25
CA ILE A 452 -75.48 -22.68 -3.70
C ILE A 452 -75.40 -22.52 -5.22
N ALA A 453 -74.20 -22.64 -5.79
CA ALA A 453 -74.00 -22.50 -7.23
C ALA A 453 -74.87 -23.50 -8.02
N VAL A 454 -74.98 -24.73 -7.53
CA VAL A 454 -75.85 -25.73 -8.15
C VAL A 454 -77.34 -25.35 -8.05
N ARG A 455 -77.79 -24.88 -6.89
CA ARG A 455 -79.19 -24.42 -6.75
C ARG A 455 -79.49 -23.26 -7.69
N LEU A 456 -78.52 -22.36 -7.83
CA LEU A 456 -78.63 -21.23 -8.73
C LEU A 456 -78.70 -21.68 -10.19
N ALA A 457 -77.86 -22.65 -10.56
CA ALA A 457 -77.89 -23.23 -11.90
C ALA A 457 -79.25 -23.85 -12.19
N GLU A 458 -79.77 -24.57 -11.19
CA GLU A 458 -81.11 -25.16 -11.25
C GLU A 458 -82.23 -24.10 -11.37
N TYR A 459 -82.16 -23.08 -10.53
CA TYR A 459 -83.08 -21.94 -10.60
C TYR A 459 -83.05 -21.27 -11.97
N ALA A 460 -81.85 -21.15 -12.53
CA ALA A 460 -81.64 -20.55 -13.84
C ALA A 460 -82.20 -21.40 -14.99
N GLY A 461 -82.48 -22.67 -14.70
CA GLY A 461 -83.17 -23.56 -15.65
C GLY A 461 -82.33 -24.71 -16.19
N HIS A 462 -81.23 -24.99 -15.51
CA HIS A 462 -80.26 -25.98 -15.96
C HIS A 462 -80.38 -27.34 -15.30
N GLN A 463 -79.83 -28.34 -15.96
CA GLN A 463 -79.87 -29.74 -15.50
C GLN A 463 -78.50 -30.38 -15.60
N ALA A 464 -78.21 -31.30 -14.70
CA ALA A 464 -76.95 -32.04 -14.70
C ALA A 464 -76.75 -32.82 -16.00
N PRO A 465 -75.56 -32.71 -16.61
CA PRO A 465 -75.30 -33.55 -17.78
C PRO A 465 -75.13 -35.01 -17.38
N GLU A 466 -75.84 -35.90 -18.06
CA GLU A 466 -75.66 -37.35 -17.91
C GLU A 466 -75.38 -37.94 -19.27
N ARG B 1 17.44 19.40 -6.59
CA ARG B 1 16.78 18.51 -5.58
C ARG B 1 15.28 18.43 -5.83
N LEU B 2 14.64 17.44 -5.22
CA LEU B 2 13.20 17.22 -5.35
C LEU B 2 12.41 18.39 -4.74
N THR B 3 12.85 18.85 -3.57
CA THR B 3 12.13 19.91 -2.84
C THR B 3 12.27 21.28 -3.51
N GLU B 4 13.42 21.50 -4.17
CA GLU B 4 13.70 22.77 -4.87
C GLU B 4 12.78 22.97 -6.07
N LEU B 5 12.64 21.92 -6.89
CA LEU B 5 11.73 21.96 -8.03
C LEU B 5 10.30 22.23 -7.58
N ARG B 6 9.90 21.57 -6.49
CA ARG B 6 8.56 21.73 -5.96
C ARG B 6 8.31 23.15 -5.47
N GLU B 7 9.26 23.72 -4.73
CA GLU B 7 9.14 25.11 -4.27
C GLU B 7 9.17 26.11 -5.44
N ASP B 8 9.97 25.80 -6.47
CA ASP B 8 10.05 26.64 -7.67
C ASP B 8 8.75 26.68 -8.49
N ILE B 9 8.13 25.52 -8.70
CA ILE B 9 6.83 25.48 -9.41
C ILE B 9 5.74 26.14 -8.56
N ASP B 10 5.72 25.85 -7.24
CA ASP B 10 4.82 26.52 -6.31
C ASP B 10 4.87 28.04 -6.53
N ALA B 11 6.08 28.58 -6.60
CA ALA B 11 6.29 30.02 -6.77
C ALA B 11 5.83 30.54 -8.12
N ILE B 12 6.10 29.78 -9.18
CA ILE B 12 5.65 30.16 -10.52
C ILE B 12 4.13 30.24 -10.54
N LEU B 13 3.50 29.29 -9.83
CA LEU B 13 2.04 29.20 -9.75
C LEU B 13 1.40 30.36 -9.02
N GLU B 14 2.17 30.99 -8.12
CA GLU B 14 1.79 32.27 -7.53
C GLU B 14 2.11 33.37 -8.52
N ASP B 15 1.18 33.61 -9.44
CA ASP B 15 1.36 34.60 -10.49
C ASP B 15 0.04 35.37 -10.61
N PRO B 16 0.10 36.68 -10.91
CA PRO B 16 -1.11 37.49 -11.03
C PRO B 16 -2.16 36.88 -11.97
N ALA B 17 -1.70 36.25 -13.06
CA ALA B 17 -2.58 35.66 -14.06
C ALA B 17 -3.43 34.52 -13.50
N LEU B 18 -3.00 33.92 -12.39
CA LEU B 18 -3.68 32.77 -11.81
C LEU B 18 -4.43 33.08 -10.50
N GLU B 19 -4.55 34.36 -10.17
CA GLU B 19 -5.26 34.76 -8.97
C GLU B 19 -6.70 34.27 -9.04
N GLY B 20 -7.12 33.56 -7.99
CA GLY B 20 -8.46 32.98 -7.90
C GLY B 20 -8.80 31.77 -8.77
N ALA B 21 -7.78 31.18 -9.41
CA ALA B 21 -7.96 30.06 -10.34
C ALA B 21 -7.62 28.69 -9.74
N VAL B 22 -8.01 27.62 -10.45
CA VAL B 22 -7.61 26.24 -10.10
C VAL B 22 -6.69 25.72 -11.21
N SER B 23 -5.53 25.21 -10.80
CA SER B 23 -4.57 24.62 -11.74
C SER B 23 -4.16 23.20 -11.36
N GLY B 24 -4.60 22.24 -12.16
CA GLY B 24 -4.08 20.88 -12.07
C GLY B 24 -2.71 20.84 -12.71
N VAL B 25 -1.69 20.54 -11.90
CA VAL B 25 -0.32 20.43 -12.38
C VAL B 25 0.34 19.13 -11.86
N VAL B 26 0.69 18.26 -12.80
CA VAL B 26 1.34 16.96 -12.49
C VAL B 26 2.56 16.72 -13.38
N VAL B 27 3.64 16.25 -12.75
CA VAL B 27 4.89 15.96 -13.44
C VAL B 27 5.43 14.60 -12.98
N VAL B 28 5.75 13.74 -13.94
CA VAL B 28 6.28 12.42 -13.63
C VAL B 28 7.56 12.15 -14.42
N ASP B 29 8.55 11.57 -13.76
CA ASP B 29 9.76 11.08 -14.41
C ASP B 29 9.41 9.76 -15.09
N THR B 30 9.42 9.76 -16.43
CA THR B 30 9.02 8.62 -17.24
C THR B 30 9.96 7.39 -17.07
N ALA B 31 11.24 7.67 -16.79
CA ALA B 31 12.24 6.60 -16.62
C ALA B 31 12.14 5.93 -15.26
N THR B 32 12.13 6.72 -14.19
CA THR B 32 12.08 6.19 -12.83
C THR B 32 10.67 5.90 -12.31
N GLY B 33 9.66 6.48 -12.95
CA GLY B 33 8.26 6.33 -12.53
C GLY B 33 7.89 7.27 -11.40
N GLU B 34 8.88 8.03 -10.93
CA GLU B 34 8.77 8.96 -9.82
C GLU B 34 7.85 10.16 -10.13
N GLU B 35 6.94 10.45 -9.21
CA GLU B 35 6.07 11.61 -9.31
C GLU B 35 6.83 12.79 -8.73
N LEU B 36 7.26 13.70 -9.60
CA LEU B 36 8.12 14.81 -9.19
C LEU B 36 7.31 15.96 -8.59
N TYR B 37 6.11 16.19 -9.12
CA TYR B 37 5.22 17.24 -8.64
C TYR B 37 3.76 16.84 -8.83
N SER B 38 2.92 17.18 -7.84
CA SER B 38 1.48 16.96 -7.94
C SER B 38 0.66 17.98 -7.17
N ARG B 39 -0.10 18.79 -7.90
CA ARG B 39 -1.02 19.73 -7.29
C ARG B 39 -2.39 19.64 -7.97
N ASP B 40 -3.41 19.34 -7.17
CA ASP B 40 -4.79 19.17 -7.67
C ASP B 40 -4.84 18.20 -8.87
N GLY B 41 -4.07 17.12 -8.78
CA GLY B 41 -3.95 16.18 -9.87
C GLY B 41 -5.24 15.46 -10.21
N GLY B 42 -6.12 15.33 -9.22
CA GLY B 42 -7.39 14.62 -9.40
C GLY B 42 -8.58 15.52 -9.61
N GLU B 43 -8.32 16.82 -9.72
CA GLU B 43 -9.36 17.81 -9.94
C GLU B 43 -9.87 17.74 -11.39
N GLN B 44 -11.17 17.52 -11.56
CA GLN B 44 -11.80 17.52 -12.89
C GLN B 44 -11.88 18.95 -13.44
N LEU B 45 -11.31 19.13 -14.63
CA LEU B 45 -11.14 20.46 -15.23
C LEU B 45 -11.42 20.38 -16.72
N LEU B 46 -11.86 21.50 -17.33
CA LEU B 46 -12.01 21.56 -18.78
C LEU B 46 -10.63 21.51 -19.43
N PRO B 47 -10.48 20.69 -20.48
CA PRO B 47 -9.18 20.55 -21.16
C PRO B 47 -8.92 21.50 -22.34
N ALA B 48 -9.95 22.15 -22.89
CA ALA B 48 -9.82 22.74 -24.23
C ALA B 48 -9.11 21.77 -25.21
N SER B 49 -8.27 22.30 -26.10
CA SER B 49 -7.59 21.50 -27.13
C SER B 49 -6.77 20.29 -26.62
N ASN B 50 -6.46 20.24 -25.32
CA ASN B 50 -5.76 19.06 -24.77
C ASN B 50 -6.57 17.75 -24.90
N MET B 51 -7.87 17.88 -25.14
CA MET B 51 -8.69 16.71 -25.48
C MET B 51 -8.19 15.94 -26.73
N LYS B 52 -7.55 16.63 -27.67
CA LYS B 52 -7.00 15.97 -28.88
C LYS B 52 -5.93 14.89 -28.57
N LEU B 53 -5.30 14.97 -27.40
CA LEU B 53 -4.34 13.94 -26.98
C LEU B 53 -5.04 12.60 -26.79
N PHE B 54 -6.22 12.65 -26.17
CA PHE B 54 -7.01 11.43 -25.97
C PHE B 54 -7.53 10.92 -27.31
N THR B 55 -8.04 11.85 -28.13
CA THR B 55 -8.62 11.51 -29.41
C THR B 55 -7.59 10.87 -30.35
N ALA B 56 -6.40 11.47 -30.42
CA ALA B 56 -5.33 10.96 -31.28
C ALA B 56 -4.83 9.58 -30.84
N ALA B 57 -4.66 9.38 -29.54
CA ALA B 57 -4.19 8.10 -29.00
C ALA B 57 -5.19 6.98 -29.29
N ALA B 58 -6.47 7.30 -29.15
CA ALA B 58 -7.55 6.35 -29.43
C ALA B 58 -7.64 6.05 -30.92
N ALA B 59 -7.43 7.06 -31.77
CA ALA B 59 -7.43 6.90 -33.22
C ALA B 59 -6.32 5.95 -33.71
N LEU B 60 -5.12 6.12 -33.19
CA LEU B 60 -4.01 5.21 -33.48
C LEU B 60 -4.26 3.78 -32.99
N GLU B 61 -4.91 3.67 -31.83
CA GLU B 61 -5.26 2.37 -31.24
C GLU B 61 -6.35 1.64 -32.04
N VAL B 62 -7.35 2.39 -32.48
CA VAL B 62 -8.51 1.82 -33.15
C VAL B 62 -8.25 1.66 -34.64
N LEU B 63 -7.87 2.75 -35.29
CA LEU B 63 -7.66 2.76 -36.75
C LEU B 63 -6.29 2.23 -37.17
N GLY B 64 -5.25 2.50 -36.39
CA GLY B 64 -3.87 2.15 -36.76
C GLY B 64 -3.12 3.28 -37.44
N ALA B 65 -1.81 3.35 -37.20
CA ALA B 65 -0.97 4.36 -37.82
C ALA B 65 -0.89 4.24 -39.34
N ASP B 66 -1.25 3.08 -39.90
CA ASP B 66 -1.19 2.87 -41.35
C ASP B 66 -2.54 3.05 -42.04
N HIS B 67 -3.56 3.47 -41.27
CA HIS B 67 -4.92 3.62 -41.79
C HIS B 67 -5.00 4.77 -42.78
N SER B 68 -5.76 4.57 -43.84
CA SER B 68 -5.98 5.63 -44.82
C SER B 68 -7.47 5.73 -45.11
N PHE B 69 -7.87 6.84 -45.73
CA PHE B 69 -9.28 7.14 -45.95
C PHE B 69 -9.56 7.26 -47.43
N GLY B 70 -10.70 6.72 -47.86
CA GLY B 70 -11.05 6.71 -49.27
C GLY B 70 -12.22 7.61 -49.62
N THR B 71 -12.22 8.04 -50.87
CA THR B 71 -13.32 8.76 -51.50
C THR B 71 -13.52 8.10 -52.85
N GLU B 72 -14.76 7.93 -53.29
CA GLU B 72 -15.00 7.35 -54.61
C GLU B 72 -16.16 8.01 -55.36
N VAL B 73 -16.23 7.71 -56.66
CA VAL B 73 -17.32 8.19 -57.51
C VAL B 73 -18.04 6.98 -58.11
N ALA B 74 -19.36 6.93 -57.91
CA ALA B 74 -20.15 5.77 -58.31
C ALA B 74 -21.34 6.11 -59.21
N ALA B 75 -21.58 5.21 -60.17
CA ALA B 75 -22.76 5.25 -61.04
C ALA B 75 -23.39 3.87 -61.04
N GLU B 76 -24.64 3.76 -61.47
CA GLU B 76 -25.35 2.47 -61.41
C GLU B 76 -24.69 1.41 -62.31
N SER B 77 -24.22 1.87 -63.46
CA SER B 77 -23.64 1.03 -64.48
C SER B 77 -22.48 1.78 -65.11
N ALA B 78 -21.69 1.08 -65.91
CA ALA B 78 -20.72 1.74 -66.76
C ALA B 78 -21.46 2.68 -67.74
N PRO B 79 -20.75 3.70 -68.27
CA PRO B 79 -21.42 4.63 -69.19
C PRO B 79 -22.03 3.91 -70.39
N GLY B 80 -23.20 4.40 -70.83
CA GLY B 80 -23.91 3.81 -71.97
C GLY B 80 -23.31 4.13 -73.34
N ARG B 81 -24.12 3.90 -74.39
CA ARG B 81 -23.68 4.05 -75.78
C ARG B 81 -23.27 5.48 -76.15
N ARG B 82 -23.88 6.47 -75.49
CA ARG B 82 -23.55 7.87 -75.75
C ARG B 82 -22.62 8.47 -74.71
N GLY B 83 -21.89 7.61 -73.97
CA GLY B 83 -21.02 8.05 -72.89
C GLY B 83 -21.79 8.69 -71.74
N GLU B 84 -23.01 8.22 -71.53
CA GLU B 84 -23.92 8.80 -70.55
C GLU B 84 -24.17 7.88 -69.35
N VAL B 85 -24.23 8.49 -68.17
CA VAL B 85 -24.75 7.87 -66.98
C VAL B 85 -25.98 8.68 -66.59
N GLN B 86 -26.84 8.13 -65.73
CA GLN B 86 -27.97 8.87 -65.20
C GLN B 86 -27.51 9.69 -63.98
N ASP B 87 -27.75 9.20 -62.75
CA ASP B 87 -27.28 9.87 -61.53
C ASP B 87 -25.83 9.47 -61.22
N LEU B 88 -25.11 10.36 -60.54
CA LEU B 88 -23.69 10.15 -60.22
C LEU B 88 -23.44 10.53 -58.76
N TYR B 89 -22.77 9.67 -58.00
CA TYR B 89 -22.54 9.91 -56.57
C TYR B 89 -21.06 10.14 -56.26
N LEU B 90 -20.78 11.21 -55.53
CA LEU B 90 -19.43 11.41 -54.97
C LEU B 90 -19.51 10.94 -53.52
N VAL B 91 -18.77 9.90 -53.20
CA VAL B 91 -18.92 9.23 -51.91
C VAL B 91 -17.69 9.45 -51.06
N GLY B 92 -17.85 10.19 -49.96
CA GLY B 92 -16.76 10.37 -48.99
C GLY B 92 -16.86 9.41 -47.80
N ARG B 93 -15.73 8.85 -47.41
CA ARG B 93 -15.69 8.02 -46.22
C ARG B 93 -14.69 8.54 -45.19
N GLY B 94 -14.81 9.83 -44.88
CA GLY B 94 -14.09 10.44 -43.75
C GLY B 94 -12.66 10.92 -43.95
N ASP B 95 -12.25 11.14 -45.20
CA ASP B 95 -10.93 11.73 -45.47
C ASP B 95 -10.89 13.20 -45.02
N PRO B 96 -10.04 13.52 -44.00
CA PRO B 96 -9.93 14.88 -43.49
C PRO B 96 -8.95 15.74 -44.31
N THR B 97 -8.42 15.18 -45.39
CA THR B 97 -7.40 15.88 -46.20
C THR B 97 -7.73 15.90 -47.70
N LEU B 98 -9.01 15.82 -48.02
CA LEU B 98 -9.47 15.80 -49.41
C LEU B 98 -9.48 17.21 -50.00
N SER B 99 -8.63 17.43 -51.02
CA SER B 99 -8.45 18.76 -51.63
C SER B 99 -9.25 18.93 -52.93
N ALA B 100 -9.37 20.18 -53.38
CA ALA B 100 -9.98 20.51 -54.66
C ALA B 100 -9.16 19.95 -55.84
N GLU B 101 -7.85 19.81 -55.66
CA GLU B 101 -7.02 19.11 -56.63
C GLU B 101 -7.36 17.63 -56.71
N ASP B 102 -7.60 17.00 -55.55
CA ASP B 102 -8.08 15.61 -55.52
C ASP B 102 -9.37 15.42 -56.31
N LEU B 103 -10.31 16.36 -56.14
CA LEU B 103 -11.55 16.40 -56.92
C LEU B 103 -11.31 16.49 -58.42
N ASP B 104 -10.32 17.29 -58.84
CA ASP B 104 -10.02 17.43 -60.26
C ASP B 104 -9.48 16.13 -60.84
N ALA B 105 -8.56 15.50 -60.12
CA ALA B 105 -7.99 14.23 -60.53
C ALA B 105 -9.09 13.15 -60.67
N MET B 106 -10.06 13.15 -59.75
CA MET B 106 -11.15 12.19 -59.80
C MET B 106 -12.09 12.49 -60.98
N ALA B 107 -12.34 13.79 -61.23
CA ALA B 107 -13.15 14.19 -62.38
C ALA B 107 -12.48 13.79 -63.69
N ALA B 108 -11.15 13.88 -63.75
CA ALA B 108 -10.38 13.40 -64.90
C ALA B 108 -10.50 11.89 -65.10
N GLU B 109 -10.40 11.13 -64.00
CA GLU B 109 -10.67 9.68 -64.04
C GLU B 109 -12.07 9.35 -64.58
N VAL B 110 -13.09 10.12 -64.16
CA VAL B 110 -14.45 9.91 -64.65
C VAL B 110 -14.55 10.06 -66.18
N ALA B 111 -13.94 11.11 -66.72
CA ALA B 111 -13.93 11.32 -68.18
C ALA B 111 -13.20 10.20 -68.91
N ALA B 112 -12.06 9.77 -68.34
CA ALA B 112 -11.23 8.70 -68.89
C ALA B 112 -11.93 7.33 -68.83
N SER B 113 -12.87 7.20 -67.90
CA SER B 113 -13.74 6.02 -67.79
C SER B 113 -14.65 5.87 -69.01
N GLY B 114 -14.88 6.96 -69.73
CA GLY B 114 -15.77 6.94 -70.89
C GLY B 114 -17.05 7.73 -70.67
N VAL B 115 -17.09 8.51 -69.59
CA VAL B 115 -18.26 9.32 -69.30
C VAL B 115 -18.14 10.68 -69.97
N ARG B 116 -19.16 11.00 -70.77
CA ARG B 116 -19.27 12.27 -71.48
C ARG B 116 -20.29 13.19 -70.79
N THR B 117 -21.38 12.59 -70.30
CA THR B 117 -22.49 13.35 -69.73
C THR B 117 -23.05 12.65 -68.50
N VAL B 118 -23.39 13.43 -67.49
CA VAL B 118 -24.26 12.99 -66.41
C VAL B 118 -25.66 13.53 -66.74
N ARG B 119 -26.54 12.62 -67.15
CA ARG B 119 -27.89 13.01 -67.60
C ARG B 119 -28.90 13.21 -66.46
N GLY B 120 -28.59 12.68 -65.28
CA GLY B 120 -29.41 12.93 -64.09
C GLY B 120 -28.70 13.87 -63.13
N ASP B 121 -28.91 13.66 -61.83
CA ASP B 121 -28.41 14.56 -60.79
C ASP B 121 -27.05 14.12 -60.23
N LEU B 122 -26.28 15.10 -59.77
CA LEU B 122 -25.02 14.83 -59.07
C LEU B 122 -25.27 14.87 -57.57
N TYR B 123 -25.01 13.76 -56.88
CA TYR B 123 -25.29 13.65 -55.45
C TYR B 123 -24.03 13.59 -54.60
N ALA B 124 -23.98 14.40 -53.54
CA ALA B 124 -22.94 14.31 -52.54
C ALA B 124 -23.37 13.35 -51.42
N ASP B 125 -22.64 12.26 -51.28
CA ASP B 125 -22.98 11.19 -50.35
C ASP B 125 -22.03 11.28 -49.16
N ASP B 126 -22.53 11.73 -48.01
CA ASP B 126 -21.71 11.69 -46.80
C ASP B 126 -22.29 10.77 -45.73
N THR B 127 -23.07 9.78 -46.15
CA THR B 127 -23.84 8.91 -45.25
C THR B 127 -22.97 7.99 -44.37
N TRP B 128 -21.68 7.92 -44.71
CA TRP B 128 -20.70 7.17 -43.92
C TRP B 128 -20.69 7.65 -42.46
N PHE B 129 -20.89 8.96 -42.28
CA PHE B 129 -21.16 9.53 -40.95
C PHE B 129 -22.62 9.96 -40.92
N ASP B 130 -23.15 10.22 -39.73
CA ASP B 130 -24.50 10.77 -39.62
C ASP B 130 -24.48 12.24 -40.05
N SER B 131 -25.65 12.87 -40.06
CA SER B 131 -25.79 14.25 -40.51
C SER B 131 -25.88 15.23 -39.35
N GLU B 132 -25.39 14.81 -38.17
CA GLU B 132 -25.29 15.74 -37.06
C GLU B 132 -24.04 16.59 -37.24
N ARG B 133 -24.23 17.87 -37.55
CA ARG B 133 -23.12 18.71 -38.00
C ARG B 133 -22.28 19.30 -36.86
N LEU B 134 -22.90 19.46 -35.70
CA LEU B 134 -22.29 20.20 -34.59
C LEU B 134 -22.63 19.55 -33.26
N VAL B 135 -21.71 19.57 -32.30
CA VAL B 135 -22.04 19.11 -30.94
C VAL B 135 -23.10 20.07 -30.34
N ASP B 136 -24.08 19.51 -29.63
CA ASP B 136 -25.19 20.29 -29.04
C ASP B 136 -24.75 21.53 -28.27
N ASP B 137 -23.76 21.37 -27.39
CA ASP B 137 -23.37 22.46 -26.52
C ASP B 137 -22.28 23.40 -27.05
N TRP B 138 -21.78 23.14 -28.27
CA TRP B 138 -20.99 24.16 -28.99
C TRP B 138 -21.82 25.45 -29.12
N TRP B 139 -21.15 26.58 -29.28
CA TRP B 139 -21.83 27.88 -29.37
C TRP B 139 -22.17 28.30 -30.81
N PRO B 140 -23.44 28.67 -31.08
CA PRO B 140 -23.82 29.20 -32.41
C PRO B 140 -22.93 30.35 -32.89
N GLU B 141 -22.44 31.15 -31.94
CA GLU B 141 -21.56 32.29 -32.20
C GLU B 141 -20.20 31.92 -32.81
N ASP B 142 -19.75 30.69 -32.56
CA ASP B 142 -18.48 30.21 -33.11
C ASP B 142 -18.62 29.66 -34.52
N GLU B 143 -19.85 29.35 -34.92
CA GLU B 143 -20.08 28.63 -36.18
C GLU B 143 -19.48 29.24 -37.46
N PRO B 144 -19.36 30.59 -37.55
CA PRO B 144 -18.78 31.10 -38.79
C PRO B 144 -17.27 30.81 -38.98
N TYR B 145 -16.59 30.37 -37.93
CA TYR B 145 -15.11 30.31 -37.95
C TYR B 145 -14.56 28.90 -38.12
N ALA B 146 -13.36 28.81 -38.70
CA ALA B 146 -12.80 27.53 -39.15
C ALA B 146 -12.78 26.46 -38.06
N TYR B 147 -12.47 26.87 -36.84
CA TYR B 147 -12.37 25.92 -35.74
C TYR B 147 -13.75 25.34 -35.38
N SER B 148 -14.83 25.89 -35.95
CA SER B 148 -16.17 25.34 -35.69
C SER B 148 -16.90 24.82 -36.96
N ALA B 149 -16.13 24.47 -37.99
CA ALA B 149 -16.64 23.86 -39.23
C ALA B 149 -17.58 22.71 -38.95
N GLN B 150 -18.66 22.62 -39.74
CA GLN B 150 -19.60 21.51 -39.65
C GLN B 150 -18.94 20.20 -40.01
N ILE B 151 -19.37 19.12 -39.35
CA ILE B 151 -18.74 17.81 -39.49
C ILE B 151 -19.45 16.89 -40.48
N SER B 152 -18.70 16.39 -41.45
CA SER B 152 -19.25 15.58 -42.53
C SER B 152 -18.23 14.51 -42.98
N ALA B 153 -18.73 13.36 -43.42
CA ALA B 153 -17.84 12.33 -43.99
C ALA B 153 -17.24 12.73 -45.35
N LEU B 154 -17.85 13.73 -45.99
CA LEU B 154 -17.41 14.24 -47.29
C LEU B 154 -17.28 15.77 -47.17
N THR B 155 -16.05 16.24 -47.21
CA THR B 155 -15.75 17.65 -46.94
C THR B 155 -14.46 18.02 -47.66
N VAL B 156 -14.37 19.26 -48.14
CA VAL B 156 -13.15 19.73 -48.81
C VAL B 156 -12.24 20.45 -47.82
N ALA B 157 -10.99 20.03 -47.79
CA ALA B 157 -9.97 20.61 -46.92
C ALA B 157 -9.14 21.62 -47.70
N HIS B 158 -8.98 22.81 -47.14
CA HIS B 158 -8.29 23.93 -47.78
C HIS B 158 -6.84 24.04 -47.30
N GLY B 159 -5.93 24.27 -48.24
CA GLY B 159 -4.53 24.55 -47.94
C GLY B 159 -3.74 23.35 -47.46
N GLU B 160 -2.44 23.52 -47.26
CA GLU B 160 -1.59 22.45 -46.73
C GLU B 160 -1.88 22.14 -45.24
N ARG B 161 -2.63 23.02 -44.58
CA ARG B 161 -3.05 22.74 -43.19
C ARG B 161 -4.33 21.89 -43.13
N PHE B 162 -5.00 21.75 -44.27
CA PHE B 162 -6.21 20.92 -44.41
C PHE B 162 -7.36 21.37 -43.51
N ASP B 163 -7.75 22.64 -43.65
CA ASP B 163 -8.87 23.18 -42.90
C ASP B 163 -10.17 22.83 -43.63
N THR B 164 -11.04 22.05 -42.97
CA THR B 164 -12.16 21.41 -43.63
C THR B 164 -13.42 22.27 -43.54
N GLY B 165 -14.30 22.11 -44.52
CA GLY B 165 -15.64 22.73 -44.51
C GLY B 165 -15.63 24.25 -44.50
N VAL B 166 -14.56 24.81 -45.06
CA VAL B 166 -14.37 26.26 -45.11
C VAL B 166 -14.22 26.77 -46.57
N THR B 167 -14.42 28.06 -46.78
CA THR B 167 -14.11 28.73 -48.04
C THR B 167 -13.22 29.93 -47.73
N GLU B 168 -12.34 30.28 -48.67
CA GLU B 168 -11.47 31.45 -48.48
C GLU B 168 -12.14 32.70 -49.03
N VAL B 169 -12.52 33.59 -48.13
CA VAL B 169 -13.11 34.88 -48.50
C VAL B 169 -11.99 35.93 -48.60
N SER B 170 -11.97 36.67 -49.71
CA SER B 170 -11.09 37.82 -49.80
C SER B 170 -11.87 39.10 -50.09
N VAL B 171 -11.54 40.16 -49.35
CA VAL B 171 -12.22 41.44 -49.48
C VAL B 171 -11.18 42.51 -49.81
N THR B 172 -11.43 43.23 -50.91
CA THR B 172 -10.50 44.24 -51.40
C THR B 172 -11.21 45.60 -51.49
N PRO B 173 -10.47 46.69 -51.22
CA PRO B 173 -11.08 48.03 -51.26
C PRO B 173 -11.33 48.50 -52.68
N ALA B 174 -12.41 49.25 -52.89
CA ALA B 174 -12.62 49.94 -54.17
C ALA B 174 -12.38 51.42 -53.93
N ALA B 175 -13.22 52.27 -54.52
CA ALA B 175 -13.12 53.70 -54.30
C ALA B 175 -13.80 54.09 -52.98
N GLU B 176 -13.18 55.03 -52.27
CA GLU B 176 -13.75 55.52 -51.01
C GLU B 176 -15.24 55.76 -51.14
N GLY B 177 -16.00 55.13 -50.25
CA GLY B 177 -17.44 55.30 -50.21
C GLY B 177 -18.21 54.24 -50.99
N GLU B 178 -17.56 53.64 -51.97
CA GLU B 178 -18.15 52.56 -52.76
C GLU B 178 -18.12 51.24 -51.97
N PRO B 179 -19.04 50.30 -52.29
CA PRO B 179 -18.96 48.99 -51.64
C PRO B 179 -17.62 48.31 -51.90
N ALA B 180 -17.14 47.57 -50.90
CA ALA B 180 -15.92 46.78 -51.06
C ALA B 180 -16.17 45.61 -52.02
N ASP B 181 -15.10 45.11 -52.64
CA ASP B 181 -15.21 43.95 -53.52
C ASP B 181 -14.97 42.65 -52.77
N VAL B 182 -15.99 41.80 -52.77
CA VAL B 182 -15.92 40.52 -52.07
C VAL B 182 -15.88 39.34 -53.04
N ASP B 183 -14.90 38.46 -52.82
CA ASP B 183 -14.85 37.16 -53.50
C ASP B 183 -14.98 36.03 -52.47
N LEU B 184 -15.87 35.08 -52.77
CA LEU B 184 -16.22 34.02 -51.85
C LEU B 184 -15.35 32.76 -51.96
N GLY B 185 -14.41 32.76 -52.90
CA GLY B 185 -13.49 31.60 -53.09
C GLY B 185 -14.21 30.37 -53.61
N ALA B 186 -13.90 29.20 -53.03
CA ALA B 186 -14.53 27.94 -53.44
C ALA B 186 -16.05 28.00 -53.43
N ALA B 187 -16.61 28.71 -52.45
CA ALA B 187 -18.07 28.86 -52.31
C ALA B 187 -18.72 29.88 -53.25
N GLU B 188 -17.95 30.45 -54.18
CA GLU B 188 -18.56 31.27 -55.25
C GLU B 188 -19.55 30.36 -55.98
N GLY B 189 -20.78 30.82 -56.11
CA GLY B 189 -21.82 30.01 -56.73
C GLY B 189 -22.55 29.06 -55.80
N TYR B 190 -22.13 29.02 -54.53
CA TYR B 190 -22.73 28.11 -53.58
C TYR B 190 -23.36 28.86 -52.39
N ALA B 191 -22.53 29.60 -51.67
CA ALA B 191 -23.00 30.46 -50.59
C ALA B 191 -23.61 31.72 -51.19
N GLU B 192 -24.52 32.36 -50.46
CA GLU B 192 -25.03 33.67 -50.87
C GLU B 192 -24.12 34.77 -50.31
N LEU B 193 -24.11 35.91 -50.99
CA LEU B 193 -23.37 37.07 -50.52
C LEU B 193 -24.33 38.18 -50.13
N ASP B 194 -24.14 38.69 -48.91
CA ASP B 194 -24.80 39.90 -48.46
C ASP B 194 -23.73 40.96 -48.15
N ASN B 195 -23.36 41.73 -49.17
CA ASN B 195 -22.28 42.70 -49.06
C ASN B 195 -22.79 44.10 -48.67
N ARG B 196 -22.66 44.41 -47.39
CA ARG B 196 -23.00 45.75 -46.87
C ARG B 196 -21.77 46.49 -46.33
N ALA B 197 -20.58 46.11 -46.80
CA ALA B 197 -19.33 46.75 -46.41
C ALA B 197 -19.01 47.96 -47.31
N VAL B 198 -18.38 48.97 -46.73
CA VAL B 198 -17.95 50.16 -47.47
C VAL B 198 -16.44 50.19 -47.55
N THR B 199 -15.94 50.82 -48.61
CA THR B 199 -14.56 51.24 -48.66
C THR B 199 -14.41 52.56 -47.90
N GLY B 200 -13.53 52.56 -46.90
CA GLY B 200 -13.31 53.77 -46.11
C GLY B 200 -12.25 54.64 -46.74
N ALA B 201 -12.09 55.85 -46.22
CA ALA B 201 -11.03 56.74 -46.70
C ALA B 201 -9.67 56.10 -46.45
N ALA B 202 -8.70 56.42 -47.30
CA ALA B 202 -7.32 56.00 -47.07
C ALA B 202 -6.85 56.41 -45.67
N GLY B 203 -6.15 55.51 -45.00
CA GLY B 203 -5.57 55.77 -43.68
C GLY B 203 -6.50 55.72 -42.47
N SER B 204 -7.75 55.31 -42.70
CA SER B 204 -8.78 55.25 -41.66
C SER B 204 -8.77 53.88 -40.96
N ALA B 205 -9.67 53.71 -39.98
CA ALA B 205 -9.77 52.46 -39.22
C ALA B 205 -10.40 51.33 -40.05
N ASN B 206 -9.82 50.13 -39.93
CA ASN B 206 -10.37 48.91 -40.51
C ASN B 206 -11.38 48.29 -39.54
N THR B 207 -12.66 48.42 -39.86
CA THR B 207 -13.75 47.85 -39.05
C THR B 207 -14.47 46.70 -39.79
N LEU B 208 -13.82 46.14 -40.81
CA LEU B 208 -14.40 45.05 -41.61
C LEU B 208 -14.76 43.83 -40.79
N VAL B 209 -16.02 43.38 -40.91
CA VAL B 209 -16.46 42.14 -40.30
C VAL B 209 -16.96 41.17 -41.39
N ILE B 210 -16.48 39.94 -41.35
CA ILE B 210 -16.95 38.89 -42.26
C ILE B 210 -17.67 37.81 -41.42
N ASP B 211 -18.97 37.68 -41.63
CA ASP B 211 -19.81 36.81 -40.83
C ASP B 211 -20.51 35.75 -41.69
N ARG B 212 -21.10 34.76 -41.02
CA ARG B 212 -22.14 33.93 -41.61
C ARG B 212 -23.27 33.87 -40.59
N PRO B 213 -24.35 34.65 -40.81
CA PRO B 213 -25.46 34.66 -39.83
C PRO B 213 -25.97 33.26 -39.52
N VAL B 214 -26.30 33.01 -38.26
CA VAL B 214 -26.70 31.69 -37.76
C VAL B 214 -27.84 31.08 -38.57
N GLY B 215 -27.68 29.81 -38.93
CA GLY B 215 -28.68 29.08 -39.71
C GLY B 215 -28.86 29.54 -41.15
N THR B 216 -27.87 30.24 -41.69
CA THR B 216 -27.88 30.61 -43.10
C THR B 216 -26.66 30.04 -43.81
N ASN B 217 -26.70 30.07 -45.14
CA ASN B 217 -25.50 29.80 -45.96
C ASN B 217 -25.11 31.08 -46.71
N THR B 218 -25.18 32.20 -45.98
CA THR B 218 -24.90 33.54 -46.50
C THR B 218 -23.63 34.06 -45.85
N ILE B 219 -22.69 34.55 -46.66
CA ILE B 219 -21.56 35.33 -46.13
C ILE B 219 -21.96 36.82 -46.09
N ALA B 220 -22.11 37.36 -44.88
CA ALA B 220 -22.45 38.76 -44.70
C ALA B 220 -21.21 39.60 -44.37
N VAL B 221 -20.98 40.65 -45.16
CA VAL B 221 -19.81 41.51 -44.93
C VAL B 221 -20.27 42.92 -44.54
N THR B 222 -19.83 43.37 -43.37
CA THR B 222 -20.18 44.69 -42.86
C THR B 222 -18.92 45.47 -42.48
N GLY B 223 -19.10 46.74 -42.13
CA GLY B 223 -17.99 47.56 -41.64
C GLY B 223 -17.26 48.26 -42.77
N SER B 224 -16.07 48.76 -42.48
CA SER B 224 -15.36 49.60 -43.42
C SER B 224 -13.92 49.16 -43.59
N LEU B 225 -13.51 49.04 -44.84
CA LEU B 225 -12.13 48.69 -45.20
C LEU B 225 -11.47 49.89 -45.87
N PRO B 226 -10.34 50.37 -45.33
CA PRO B 226 -9.67 51.57 -45.85
C PRO B 226 -9.22 51.40 -47.30
N ALA B 227 -9.33 52.48 -48.08
CA ALA B 227 -9.05 52.42 -49.51
C ALA B 227 -7.60 52.02 -49.81
N ASP B 228 -6.69 52.29 -48.86
CA ASP B 228 -5.28 51.96 -49.01
C ASP B 228 -4.84 50.66 -48.32
N ALA B 229 -5.82 49.91 -47.79
CA ALA B 229 -5.52 48.66 -47.10
C ALA B 229 -5.18 47.50 -48.04
N ALA B 230 -4.35 46.59 -47.56
CA ALA B 230 -4.12 45.30 -48.19
C ALA B 230 -5.43 44.50 -48.21
N PRO B 231 -5.56 43.52 -49.13
CA PRO B 231 -6.77 42.68 -49.14
C PRO B 231 -6.91 41.90 -47.82
N VAL B 232 -8.15 41.72 -47.38
CA VAL B 232 -8.43 40.90 -46.21
C VAL B 232 -8.70 39.49 -46.70
N THR B 233 -7.98 38.52 -46.13
CA THR B 233 -8.17 37.11 -46.50
C THR B 233 -8.58 36.31 -45.27
N ALA B 234 -9.75 35.66 -45.33
CA ALA B 234 -10.32 34.98 -44.15
C ALA B 234 -11.02 33.67 -44.48
N LEU B 235 -10.76 32.64 -43.66
CA LEU B 235 -11.51 31.39 -43.78
C LEU B 235 -12.83 31.50 -43.05
N ARG B 236 -13.92 31.17 -43.74
CA ARG B 236 -15.25 31.11 -43.14
C ARG B 236 -15.90 29.78 -43.51
N THR B 237 -16.65 29.22 -42.56
CA THR B 237 -17.37 27.98 -42.77
C THR B 237 -18.56 28.17 -43.71
N VAL B 238 -18.99 27.07 -44.33
CA VAL B 238 -20.24 27.03 -45.09
C VAL B 238 -21.19 26.02 -44.43
N ASP B 239 -22.47 26.17 -44.70
CA ASP B 239 -23.48 25.17 -44.39
C ASP B 239 -23.31 24.01 -45.36
N GLU B 240 -23.43 22.79 -44.82
CA GLU B 240 -23.30 21.52 -45.58
C GLU B 240 -22.00 21.39 -46.38
N PRO B 241 -20.89 21.05 -45.70
CA PRO B 241 -19.60 20.85 -46.39
C PRO B 241 -19.72 19.94 -47.61
N ALA B 242 -20.53 18.88 -47.49
CA ALA B 242 -20.70 17.87 -48.55
C ALA B 242 -21.32 18.43 -49.82
N ALA B 243 -22.24 19.37 -49.67
CA ALA B 243 -22.87 20.01 -50.83
C ALA B 243 -21.91 20.95 -51.53
N LEU B 244 -20.98 21.55 -50.79
CA LEU B 244 -19.93 22.39 -51.39
C LEU B 244 -18.97 21.48 -52.17
N ALA B 245 -18.64 20.31 -51.61
CA ALA B 245 -17.83 19.32 -52.35
C ALA B 245 -18.56 18.91 -53.63
N GLY B 246 -19.88 18.77 -53.57
CA GLY B 246 -20.69 18.52 -54.77
C GLY B 246 -20.58 19.64 -55.78
N HIS B 247 -20.77 20.88 -55.32
CA HIS B 247 -20.60 22.08 -56.14
C HIS B 247 -19.21 22.13 -56.80
N LEU B 248 -18.15 21.88 -56.03
CA LEU B 248 -16.80 21.86 -56.61
C LEU B 248 -16.55 20.67 -57.55
N PHE B 249 -17.12 19.51 -57.23
CA PHE B 249 -17.00 18.35 -58.12
C PHE B 249 -17.71 18.57 -59.45
N GLU B 250 -18.86 19.25 -59.42
CA GLU B 250 -19.57 19.61 -60.67
C GLU B 250 -18.71 20.50 -61.58
N GLU B 251 -18.06 21.49 -61.00
CA GLU B 251 -17.13 22.36 -61.73
C GLU B 251 -15.96 21.57 -62.32
N ALA B 252 -15.38 20.69 -61.52
CA ALA B 252 -14.24 19.89 -61.96
C ALA B 252 -14.64 18.95 -63.10
N LEU B 253 -15.82 18.33 -62.97
CA LEU B 253 -16.40 17.53 -64.04
C LEU B 253 -16.47 18.32 -65.34
N GLU B 254 -17.10 19.50 -65.29
CA GLU B 254 -17.24 20.38 -66.45
C GLU B 254 -15.90 20.77 -67.06
N SER B 255 -14.93 21.10 -66.21
CA SER B 255 -13.58 21.44 -66.64
C SER B 255 -12.89 20.28 -67.36
N ASN B 256 -13.28 19.06 -67.00
CA ASN B 256 -12.73 17.86 -67.62
C ASN B 256 -13.61 17.27 -68.73
N GLY B 257 -14.54 18.08 -69.24
CA GLY B 257 -15.37 17.71 -70.40
C GLY B 257 -16.59 16.84 -70.12
N VAL B 258 -17.04 16.83 -68.87
CA VAL B 258 -18.23 16.05 -68.50
C VAL B 258 -19.37 17.02 -68.16
N THR B 259 -20.39 16.98 -68.99
CA THR B 259 -21.58 17.82 -68.81
C THR B 259 -22.44 17.25 -67.68
N VAL B 260 -22.90 18.09 -66.77
CA VAL B 260 -23.86 17.65 -65.76
C VAL B 260 -25.20 18.32 -66.03
N LYS B 261 -26.18 17.51 -66.40
CA LYS B 261 -27.46 18.02 -66.91
C LYS B 261 -28.43 18.40 -65.78
N GLY B 262 -28.34 17.67 -64.68
CA GLY B 262 -29.29 17.83 -63.57
C GLY B 262 -28.81 18.74 -62.46
N ASP B 263 -29.29 18.44 -61.26
CA ASP B 263 -29.03 19.26 -60.08
C ASP B 263 -27.97 18.62 -59.19
N VAL B 264 -27.46 19.42 -58.27
CA VAL B 264 -26.45 18.99 -57.31
C VAL B 264 -27.08 19.09 -55.93
N GLY B 265 -26.93 18.05 -55.13
CA GLY B 265 -27.46 18.05 -53.78
C GLY B 265 -26.97 16.84 -53.02
N LEU B 266 -27.49 16.66 -51.81
CA LEU B 266 -27.11 15.53 -50.97
C LEU B 266 -27.97 14.30 -51.24
N GLY B 267 -27.34 13.13 -51.19
CA GLY B 267 -28.04 11.85 -51.32
C GLY B 267 -27.09 10.68 -51.15
N GLY B 268 -27.59 9.56 -50.64
CA GLY B 268 -26.76 8.37 -50.49
C GLY B 268 -26.98 7.39 -51.62
N VAL B 269 -25.93 6.67 -52.00
CA VAL B 269 -26.02 5.61 -53.01
C VAL B 269 -27.17 4.69 -52.65
N PRO B 270 -28.11 4.46 -53.59
CA PRO B 270 -29.28 3.62 -53.29
C PRO B 270 -28.87 2.20 -52.90
N ALA B 271 -29.57 1.65 -51.91
CA ALA B 271 -29.31 0.27 -51.46
C ALA B 271 -29.58 -0.78 -52.55
N ASP B 272 -30.47 -0.47 -53.49
CA ASP B 272 -30.84 -1.42 -54.54
C ASP B 272 -29.78 -1.59 -55.66
N TRP B 273 -28.81 -0.68 -55.72
CA TRP B 273 -27.69 -0.80 -56.65
C TRP B 273 -26.82 -2.00 -56.27
N GLN B 274 -26.89 -3.06 -57.08
CA GLN B 274 -26.15 -4.29 -56.79
C GLN B 274 -24.72 -4.34 -57.37
N ASP B 275 -24.56 -4.00 -58.64
CA ASP B 275 -23.23 -3.97 -59.27
C ASP B 275 -22.86 -2.52 -59.60
N ALA B 276 -22.63 -1.71 -58.56
CA ALA B 276 -22.30 -0.29 -58.75
C ALA B 276 -20.97 -0.11 -59.45
N GLU B 277 -20.91 0.83 -60.39
CA GLU B 277 -19.69 1.08 -61.15
C GLU B 277 -18.86 2.15 -60.47
N VAL B 278 -17.66 1.78 -60.05
CA VAL B 278 -16.74 2.75 -59.46
C VAL B 278 -15.90 3.42 -60.56
N LEU B 279 -16.15 4.70 -60.79
CA LEU B 279 -15.58 5.44 -61.93
C LEU B 279 -14.30 6.21 -61.61
N ALA B 280 -14.07 6.44 -60.31
CA ALA B 280 -12.92 7.17 -59.84
C ALA B 280 -12.81 6.96 -58.33
N ASP B 281 -11.59 7.04 -57.82
CA ASP B 281 -11.39 7.01 -56.37
C ASP B 281 -10.08 7.68 -55.95
N HIS B 282 -9.97 7.94 -54.65
CA HIS B 282 -8.79 8.59 -54.08
C HIS B 282 -8.48 7.99 -52.72
N THR B 283 -7.20 7.83 -52.41
CA THR B 283 -6.75 7.37 -51.10
C THR B 283 -5.86 8.42 -50.45
N SER B 284 -6.21 8.81 -49.22
CA SER B 284 -5.43 9.78 -48.44
C SER B 284 -4.09 9.21 -48.02
N ALA B 285 -3.20 10.08 -47.54
CA ALA B 285 -2.03 9.63 -46.79
C ALA B 285 -2.45 8.87 -45.52
N GLU B 286 -1.51 8.13 -44.93
CA GLU B 286 -1.80 7.32 -43.75
C GLU B 286 -1.93 8.17 -42.48
N LEU B 287 -2.66 7.65 -41.49
CA LEU B 287 -2.95 8.39 -40.26
C LEU B 287 -1.70 8.99 -39.60
N SER B 288 -0.62 8.22 -39.58
CA SER B 288 0.68 8.68 -39.08
C SER B 288 1.08 10.02 -39.70
N GLU B 289 0.85 10.20 -41.00
CA GLU B 289 1.19 11.46 -41.68
C GLU B 289 0.17 12.57 -41.39
N ILE B 290 -1.12 12.21 -41.35
CA ILE B 290 -2.20 13.17 -41.12
C ILE B 290 -2.14 13.77 -39.69
N LEU B 291 -1.56 13.03 -38.75
CA LEU B 291 -1.37 13.49 -37.37
C LEU B 291 -0.61 14.81 -37.26
N VAL B 292 0.35 15.03 -38.18
CA VAL B 292 1.18 16.23 -38.14
C VAL B 292 0.33 17.51 -38.26
N PRO B 293 -0.36 17.71 -39.41
CA PRO B 293 -1.21 18.92 -39.49
C PRO B 293 -2.31 18.96 -38.44
N PHE B 294 -2.79 17.79 -38.04
CA PHE B 294 -3.84 17.65 -37.03
C PHE B 294 -3.39 18.19 -35.65
N MET B 295 -2.29 17.67 -35.14
CA MET B 295 -1.78 18.03 -33.80
C MET B 295 -0.95 19.34 -33.75
N LYS B 296 -0.14 19.61 -34.78
CA LYS B 296 0.66 20.84 -34.80
C LYS B 296 -0.22 22.11 -34.72
N PHE B 297 -1.30 22.13 -35.51
CA PHE B 297 -2.18 23.29 -35.63
C PHE B 297 -3.50 23.10 -34.90
N SER B 298 -3.67 21.93 -34.28
CA SER B 298 -4.83 21.65 -33.44
C SER B 298 -6.12 21.75 -34.24
N ASN B 299 -6.25 20.87 -35.23
CA ASN B 299 -7.36 20.90 -36.18
C ASN B 299 -8.62 20.25 -35.59
N ASN B 300 -9.60 21.08 -35.22
CA ASN B 300 -10.85 20.62 -34.58
C ASN B 300 -11.68 19.66 -35.47
N GLY B 301 -11.78 19.97 -36.76
CA GLY B 301 -12.54 19.15 -37.71
C GLY B 301 -11.91 17.78 -37.86
N HIS B 302 -10.58 17.72 -37.94
CA HIS B 302 -9.86 16.44 -37.93
C HIS B 302 -10.25 15.61 -36.71
N ALA B 303 -10.25 16.24 -35.53
CA ALA B 303 -10.54 15.51 -34.30
C ALA B 303 -11.93 14.86 -34.32
N GLU B 304 -12.95 15.61 -34.77
CA GLU B 304 -14.33 15.11 -34.74
C GLU B 304 -14.58 14.02 -35.79
N MET B 305 -14.02 14.21 -36.98
CA MET B 305 -14.04 13.19 -38.00
C MET B 305 -13.42 11.90 -37.48
N LEU B 306 -12.25 11.97 -36.84
CA LEU B 306 -11.63 10.77 -36.26
C LEU B 306 -12.51 10.08 -35.23
N VAL B 307 -13.25 10.84 -34.43
CA VAL B 307 -14.21 10.23 -33.48
C VAL B 307 -15.29 9.43 -34.21
N LYS B 308 -15.92 10.03 -35.22
CA LYS B 308 -16.92 9.32 -36.01
C LYS B 308 -16.34 8.15 -36.82
N SER B 309 -15.08 8.24 -37.25
CA SER B 309 -14.38 7.09 -37.84
C SER B 309 -14.23 5.96 -36.81
N ILE B 310 -13.79 6.32 -35.60
CA ILE B 310 -13.73 5.36 -34.49
C ILE B 310 -15.10 4.68 -34.24
N GLY B 311 -16.18 5.45 -34.37
CA GLY B 311 -17.53 4.91 -34.24
C GLY B 311 -17.87 3.91 -35.34
N GLN B 312 -17.42 4.19 -36.58
CA GLN B 312 -17.57 3.25 -37.68
C GLN B 312 -16.81 1.97 -37.43
N GLU B 313 -15.56 2.08 -37.00
CA GLU B 313 -14.73 0.90 -36.77
C GLU B 313 -15.19 0.07 -35.58
N THR B 314 -15.54 0.73 -34.49
CA THR B 314 -15.89 0.03 -33.26
C THR B 314 -17.38 -0.33 -33.14
N ALA B 315 -18.22 0.20 -34.03
CA ALA B 315 -19.66 0.01 -33.88
C ALA B 315 -20.50 0.06 -35.17
N GLY B 316 -19.85 0.27 -36.32
CA GLY B 316 -20.56 0.44 -37.58
C GLY B 316 -21.48 1.66 -37.59
N ALA B 317 -21.12 2.66 -36.78
CA ALA B 317 -21.95 3.87 -36.65
C ALA B 317 -21.08 5.12 -36.59
N GLY B 318 -21.13 5.93 -37.66
CA GLY B 318 -20.33 7.15 -37.74
C GLY B 318 -20.99 8.30 -36.99
N THR B 319 -21.02 8.17 -35.67
CA THR B 319 -21.71 9.10 -34.78
C THR B 319 -20.82 9.51 -33.60
N TRP B 320 -21.16 10.65 -33.00
CA TRP B 320 -20.51 11.03 -31.76
C TRP B 320 -20.80 10.02 -30.65
N ASP B 321 -22.07 9.59 -30.52
CA ASP B 321 -22.43 8.72 -29.40
C ASP B 321 -21.61 7.42 -29.43
N ALA B 322 -21.50 6.80 -30.59
CA ALA B 322 -20.72 5.57 -30.73
C ALA B 322 -19.21 5.81 -30.74
N GLY B 323 -18.78 6.88 -31.39
CA GLY B 323 -17.35 7.20 -31.47
C GLY B 323 -16.72 7.47 -30.11
N LEU B 324 -17.45 8.18 -29.27
CA LEU B 324 -16.96 8.53 -27.94
C LEU B 324 -16.88 7.32 -26.99
N VAL B 325 -17.83 6.40 -27.11
CA VAL B 325 -17.77 5.09 -26.44
C VAL B 325 -16.51 4.35 -26.90
N GLY B 326 -16.30 4.34 -28.22
CA GLY B 326 -15.08 3.78 -28.82
C GLY B 326 -13.80 4.41 -28.28
N VAL B 327 -13.79 5.73 -28.13
CA VAL B 327 -12.62 6.44 -27.60
C VAL B 327 -12.28 6.01 -26.16
N GLU B 328 -13.28 5.99 -25.28
CA GLU B 328 -13.09 5.63 -23.88
C GLU B 328 -12.64 4.18 -23.74
N GLU B 329 -13.28 3.29 -24.49
CA GLU B 329 -12.96 1.85 -24.46
C GLU B 329 -11.52 1.63 -24.94
N ALA B 330 -11.12 2.33 -26.01
CA ALA B 330 -9.74 2.26 -26.51
C ALA B 330 -8.71 2.74 -25.47
N LEU B 331 -9.00 3.85 -24.81
CA LEU B 331 -8.13 4.41 -23.78
C LEU B 331 -7.93 3.44 -22.60
N SER B 332 -9.01 2.80 -22.17
CA SER B 332 -8.91 1.86 -21.05
C SER B 332 -8.15 0.60 -21.48
N GLY B 333 -8.30 0.22 -22.75
CA GLY B 333 -7.56 -0.88 -23.34
C GLY B 333 -6.08 -0.59 -23.41
N LEU B 334 -5.73 0.68 -23.55
CA LEU B 334 -4.34 1.14 -23.52
C LEU B 334 -3.75 1.21 -22.11
N GLY B 335 -4.59 0.97 -21.10
CA GLY B 335 -4.13 0.97 -19.71
C GLY B 335 -4.38 2.25 -18.91
N VAL B 336 -5.05 3.22 -19.53
CA VAL B 336 -5.37 4.48 -18.86
C VAL B 336 -6.61 4.31 -17.96
N ASP B 337 -6.52 4.81 -16.73
CA ASP B 337 -7.67 4.90 -15.84
C ASP B 337 -8.54 6.08 -16.30
N THR B 338 -9.75 5.79 -16.78
CA THR B 338 -10.64 6.80 -17.37
C THR B 338 -11.74 7.33 -16.45
N ALA B 339 -11.67 7.01 -15.15
CA ALA B 339 -12.71 7.38 -14.18
C ALA B 339 -13.02 8.87 -14.10
N GLY B 340 -12.00 9.71 -14.22
CA GLY B 340 -12.19 11.16 -14.16
C GLY B 340 -12.38 11.86 -15.50
N LEU B 341 -12.58 11.07 -16.56
CA LEU B 341 -12.80 11.64 -17.90
C LEU B 341 -14.27 11.77 -18.20
N VAL B 342 -14.68 12.93 -18.69
CA VAL B 342 -15.98 13.07 -19.34
C VAL B 342 -15.73 13.49 -20.80
N LEU B 343 -16.21 12.67 -21.74
CA LEU B 343 -15.93 12.85 -23.16
C LEU B 343 -17.17 13.37 -23.87
N ASN B 344 -17.17 14.66 -24.21
CA ASN B 344 -18.27 15.24 -24.97
C ASN B 344 -17.95 15.50 -26.45
N ASP B 345 -16.66 15.57 -26.79
CA ASP B 345 -16.24 15.66 -28.20
C ASP B 345 -14.77 15.26 -28.38
N GLY B 346 -14.27 15.35 -29.62
CA GLY B 346 -12.88 14.95 -29.88
C GLY B 346 -11.91 16.11 -29.82
N SER B 347 -12.41 17.31 -30.16
CA SER B 347 -11.54 18.48 -30.32
C SER B 347 -11.17 19.18 -29.02
N GLY B 348 -12.04 19.09 -28.03
CA GLY B 348 -11.91 19.90 -26.82
C GLY B 348 -12.71 21.19 -26.84
N LEU B 349 -13.42 21.44 -27.95
CA LEU B 349 -14.20 22.68 -28.10
C LEU B 349 -15.34 22.73 -27.08
N SER B 350 -15.95 21.58 -26.84
CA SER B 350 -17.11 21.50 -25.96
C SER B 350 -16.71 21.81 -24.53
N ARG B 351 -17.52 22.66 -23.90
CA ARG B 351 -17.36 22.97 -22.49
C ARG B 351 -17.91 21.85 -21.60
N GLY B 352 -18.37 20.77 -22.24
CA GLY B 352 -18.85 19.59 -21.54
C GLY B 352 -17.80 18.52 -21.34
N ASN B 353 -16.56 18.77 -21.81
CA ASN B 353 -15.45 17.86 -21.56
C ASN B 353 -14.85 18.07 -20.17
N LEU B 354 -14.30 17.00 -19.58
CA LEU B 354 -13.56 17.08 -18.33
C LEU B 354 -12.40 16.09 -18.35
N VAL B 355 -11.25 16.56 -17.87
CA VAL B 355 -10.11 15.68 -17.60
C VAL B 355 -9.59 15.95 -16.19
N THR B 356 -8.63 15.15 -15.74
CA THR B 356 -7.79 15.53 -14.59
C THR B 356 -6.34 15.51 -15.06
N ALA B 357 -5.46 16.28 -14.41
CA ALA B 357 -4.04 16.29 -14.80
C ALA B 357 -3.36 14.95 -14.59
N ASP B 358 -3.80 14.21 -13.56
CA ASP B 358 -3.38 12.82 -13.35
C ASP B 358 -3.71 11.92 -14.56
N THR B 359 -4.94 12.04 -15.07
CA THR B 359 -5.37 11.25 -16.24
C THR B 359 -4.52 11.55 -17.48
N VAL B 360 -4.13 12.81 -17.65
CA VAL B 360 -3.39 13.23 -18.82
C VAL B 360 -1.98 12.63 -18.78
N VAL B 361 -1.39 12.63 -17.59
CA VAL B 361 -0.03 12.11 -17.40
C VAL B 361 -0.02 10.58 -17.52
N ASP B 362 -1.09 9.94 -17.05
CA ASP B 362 -1.34 8.52 -17.25
C ASP B 362 -1.29 8.20 -18.76
N LEU B 363 -2.09 8.94 -19.53
CA LEU B 363 -2.13 8.79 -21.00
C LEU B 363 -0.76 8.99 -21.63
N LEU B 364 -0.06 10.05 -21.21
CA LEU B 364 1.23 10.38 -21.79
C LEU B 364 2.23 9.26 -21.53
N GLY B 365 2.11 8.61 -20.38
CA GLY B 365 2.92 7.44 -20.02
C GLY B 365 2.62 6.24 -20.91
N GLN B 366 1.34 5.88 -21.00
CA GLN B 366 0.91 4.73 -21.80
C GLN B 366 1.23 4.94 -23.29
N ALA B 367 1.08 6.18 -23.75
CA ALA B 367 1.36 6.52 -25.14
C ALA B 367 2.86 6.48 -25.45
N GLY B 368 3.67 6.78 -24.45
CA GLY B 368 5.13 6.78 -24.62
C GLY B 368 5.71 5.41 -24.90
N SER B 369 4.98 4.37 -24.51
CA SER B 369 5.44 3.00 -24.70
C SER B 369 4.56 2.15 -25.62
N ALA B 370 3.62 2.80 -26.31
CA ALA B 370 2.82 2.13 -27.34
C ALA B 370 3.65 1.93 -28.62
N PRO B 371 3.26 0.98 -29.49
CA PRO B 371 3.96 0.74 -30.75
C PRO B 371 4.08 1.97 -31.64
N TRP B 372 3.08 2.85 -31.58
CA TRP B 372 3.03 4.08 -32.37
C TRP B 372 3.57 5.32 -31.62
N ALA B 373 4.36 5.09 -30.58
CA ALA B 373 4.93 6.16 -29.75
C ALA B 373 5.66 7.24 -30.55
N GLN B 374 6.35 6.83 -31.62
CA GLN B 374 7.21 7.76 -32.37
C GLN B 374 6.45 8.74 -33.27
N THR B 375 5.40 8.28 -33.97
CA THR B 375 4.59 9.22 -34.77
C THR B 375 3.79 10.15 -33.88
N TRP B 376 3.17 9.58 -32.85
CA TRP B 376 2.47 10.33 -31.80
C TRP B 376 3.31 11.49 -31.28
N SER B 377 4.53 11.19 -30.81
CA SER B 377 5.41 12.22 -30.24
C SER B 377 5.87 13.25 -31.27
N ALA B 378 6.22 12.78 -32.48
CA ALA B 378 6.54 13.65 -33.61
C ALA B 378 5.45 14.69 -33.99
N SER B 379 4.18 14.33 -33.77
CA SER B 379 3.07 15.19 -34.19
C SER B 379 2.87 16.40 -33.27
N LEU B 380 3.40 16.29 -32.05
CA LEU B 380 3.24 17.34 -31.05
C LEU B 380 4.05 18.58 -31.40
N PRO B 381 3.47 19.77 -31.18
CA PRO B 381 4.22 21.03 -31.33
C PRO B 381 5.54 21.05 -30.53
N VAL B 382 6.58 21.57 -31.15
CA VAL B 382 7.89 21.69 -30.49
C VAL B 382 8.15 23.15 -30.17
N ALA B 383 8.37 23.43 -28.89
CA ALA B 383 8.64 24.78 -28.38
C ALA B 383 9.71 25.52 -29.15
N GLY B 384 9.37 26.75 -29.56
CA GLY B 384 10.32 27.71 -30.10
C GLY B 384 10.78 27.50 -31.53
N GLU B 385 10.18 26.55 -32.24
CA GLU B 385 10.59 26.24 -33.60
C GLU B 385 9.78 27.05 -34.60
N SER B 386 10.45 27.91 -35.37
CA SER B 386 9.74 28.88 -36.22
C SER B 386 9.07 28.25 -37.46
N ASP B 387 9.54 27.07 -37.85
CA ASP B 387 8.89 26.30 -38.91
C ASP B 387 7.46 25.90 -38.43
N PRO B 388 6.41 26.42 -39.09
CA PRO B 388 5.04 26.14 -38.67
C PRO B 388 4.75 24.65 -38.50
N PHE B 389 5.23 23.83 -39.44
CA PHE B 389 4.98 22.38 -39.40
C PHE B 389 5.79 21.65 -38.34
N VAL B 390 6.72 22.36 -37.71
CA VAL B 390 7.49 21.83 -36.58
C VAL B 390 7.02 22.47 -35.25
N GLY B 391 7.03 23.80 -35.20
CA GLY B 391 6.69 24.52 -33.98
C GLY B 391 5.21 24.49 -33.66
N GLY B 392 4.39 24.48 -34.71
CA GLY B 392 2.94 24.52 -34.55
C GLY B 392 2.48 25.66 -33.65
N THR B 393 1.56 25.34 -32.74
CA THR B 393 1.01 26.35 -31.84
C THR B 393 2.00 26.76 -30.74
N LEU B 394 3.17 26.14 -30.71
CA LEU B 394 4.25 26.54 -29.79
C LEU B 394 5.40 27.28 -30.47
N ALA B 395 5.22 27.62 -31.74
CA ALA B 395 6.27 28.24 -32.57
C ALA B 395 6.87 29.54 -32.01
N ASN B 396 6.02 30.39 -31.43
CA ASN B 396 6.43 31.69 -30.89
C ASN B 396 6.61 31.68 -29.37
N ARG B 397 6.62 30.51 -28.76
CA ARG B 397 6.79 30.41 -27.30
C ARG B 397 8.11 29.76 -26.91
N MET B 398 8.70 30.23 -25.80
CA MET B 398 9.88 29.58 -25.19
C MET B 398 11.18 29.68 -26.00
N ARG B 399 11.23 30.62 -26.92
CA ARG B 399 12.44 30.91 -27.70
C ARG B 399 13.48 31.56 -26.81
N GLY B 400 14.73 31.12 -26.94
CA GLY B 400 15.82 31.64 -26.13
C GLY B 400 15.82 31.10 -24.70
N THR B 401 14.99 30.10 -24.46
CA THR B 401 14.91 29.41 -23.17
C THR B 401 15.48 28.01 -23.33
N ALA B 402 15.73 27.34 -22.20
CA ALA B 402 16.14 25.93 -22.15
C ALA B 402 15.16 24.96 -22.81
N ALA B 403 13.90 25.37 -22.92
CA ALA B 403 12.85 24.57 -23.56
C ALA B 403 12.88 24.57 -25.09
N GLU B 404 13.57 25.54 -25.69
CA GLU B 404 13.57 25.69 -27.15
C GLU B 404 14.09 24.44 -27.84
N GLY B 405 13.29 23.88 -28.75
CA GLY B 405 13.65 22.66 -29.46
C GLY B 405 13.58 21.37 -28.67
N VAL B 406 13.05 21.44 -27.45
CA VAL B 406 13.07 20.30 -26.52
C VAL B 406 11.63 19.90 -26.15
N VAL B 407 10.87 20.82 -25.59
CA VAL B 407 9.52 20.50 -25.09
C VAL B 407 8.56 20.19 -26.26
N GLU B 408 7.89 19.05 -26.14
CA GLU B 408 6.89 18.58 -27.10
C GLU B 408 5.54 18.60 -26.37
N ALA B 409 4.63 19.49 -26.77
CA ALA B 409 3.40 19.70 -26.00
C ALA B 409 2.23 20.25 -26.81
N LYS B 410 1.03 19.76 -26.47
CA LYS B 410 -0.21 20.24 -27.06
C LYS B 410 -0.73 21.39 -26.22
N THR B 411 -1.15 22.46 -26.90
CA THR B 411 -1.69 23.66 -26.28
C THR B 411 -3.22 23.56 -26.22
N GLY B 412 -3.87 24.66 -25.85
CA GLY B 412 -5.33 24.67 -25.75
C GLY B 412 -5.82 25.82 -24.92
N THR B 413 -6.48 26.78 -25.57
CA THR B 413 -6.98 27.96 -24.87
C THR B 413 -8.34 28.38 -25.44
N MET B 414 -9.28 28.59 -24.52
CA MET B 414 -10.49 29.38 -24.75
C MET B 414 -10.78 30.14 -23.44
N SER B 415 -11.82 30.99 -23.41
CA SER B 415 -12.04 31.84 -22.25
C SER B 415 -12.18 31.03 -20.96
N GLY B 416 -11.43 31.44 -19.94
CA GLY B 416 -11.46 30.77 -18.65
C GLY B 416 -10.82 29.39 -18.57
N VAL B 417 -10.15 28.96 -19.66
CA VAL B 417 -9.58 27.60 -19.79
C VAL B 417 -8.26 27.59 -20.59
N SER B 418 -7.21 27.00 -20.03
CA SER B 418 -5.96 26.91 -20.78
C SER B 418 -5.15 25.72 -20.32
N ALA B 419 -4.43 25.09 -21.24
CA ALA B 419 -3.64 23.90 -20.90
C ALA B 419 -2.40 23.71 -21.76
N LEU B 420 -1.38 23.12 -21.13
CA LEU B 420 -0.16 22.69 -21.78
C LEU B 420 0.25 21.35 -21.16
N SER B 421 0.30 20.30 -22.00
CA SER B 421 0.69 18.96 -21.55
C SER B 421 1.55 18.28 -22.59
N GLY B 422 2.57 17.54 -22.15
CA GLY B 422 3.43 16.86 -23.10
C GLY B 422 4.67 16.24 -22.49
N TYR B 423 5.74 16.21 -23.27
CA TYR B 423 7.00 15.58 -22.83
C TYR B 423 8.15 16.56 -22.69
N VAL B 424 9.07 16.23 -21.79
CA VAL B 424 10.36 16.94 -21.71
C VAL B 424 11.46 15.87 -21.86
N PRO B 425 11.87 15.58 -23.11
CA PRO B 425 12.97 14.62 -23.29
C PRO B 425 14.27 15.11 -22.67
N GLY B 426 15.17 14.18 -22.33
CA GLY B 426 16.42 14.53 -21.71
C GLY B 426 17.45 13.42 -21.82
N PRO B 427 18.74 13.77 -21.70
CA PRO B 427 19.87 12.82 -21.75
C PRO B 427 19.70 11.59 -20.83
N GLU B 428 19.24 11.82 -19.59
CA GLU B 428 19.07 10.74 -18.60
C GLU B 428 17.74 10.00 -18.80
N GLY B 429 16.71 10.75 -19.11
CA GLY B 429 15.35 10.21 -19.24
C GLY B 429 14.33 11.30 -19.50
N GLU B 430 13.10 10.87 -19.75
CA GLU B 430 12.02 11.77 -20.16
C GLU B 430 11.10 12.13 -18.99
N LEU B 431 10.53 13.33 -19.07
CA LEU B 431 9.49 13.80 -18.13
C LEU B 431 8.16 13.89 -18.87
N ALA B 432 7.07 13.63 -18.15
CA ALA B 432 5.74 13.85 -18.68
C ALA B 432 5.02 14.82 -17.76
N PHE B 433 4.36 15.82 -18.36
CA PHE B 433 3.73 16.88 -17.58
C PHE B 433 2.38 17.28 -18.14
N SER B 434 1.51 17.73 -17.24
CA SER B 434 0.23 18.31 -17.61
C SER B 434 -0.08 19.50 -16.72
N ILE B 435 -0.35 20.64 -17.37
CA ILE B 435 -0.75 21.88 -16.70
C ILE B 435 -2.11 22.23 -17.28
N VAL B 436 -3.14 22.24 -16.41
CA VAL B 436 -4.51 22.56 -16.83
C VAL B 436 -5.02 23.69 -15.90
N ASN B 437 -5.27 24.85 -16.49
CA ASN B 437 -5.70 26.04 -15.73
C ASN B 437 -7.18 26.34 -16.03
N ASN B 438 -7.99 26.45 -14.97
CA ASN B 438 -9.41 26.76 -15.09
C ASN B 438 -9.79 27.88 -14.11
N GLY B 439 -10.65 28.79 -14.54
CA GLY B 439 -11.25 29.76 -13.62
C GLY B 439 -10.49 31.07 -13.44
N HIS B 440 -9.34 31.19 -14.11
CA HIS B 440 -8.64 32.46 -14.21
C HIS B 440 -9.53 33.48 -14.91
N SER B 441 -9.38 34.73 -14.51
CA SER B 441 -10.33 35.78 -14.83
C SER B 441 -9.94 36.65 -16.01
N GLY B 442 -8.69 36.58 -16.45
CA GLY B 442 -8.24 37.36 -17.60
C GLY B 442 -7.65 36.53 -18.73
N PRO B 443 -6.66 37.09 -19.44
CA PRO B 443 -5.96 36.38 -20.52
C PRO B 443 -5.34 35.05 -20.05
N ALA B 444 -5.31 34.07 -20.97
CA ALA B 444 -4.66 32.79 -20.72
C ALA B 444 -3.28 33.01 -20.09
N PRO B 445 -2.93 32.20 -19.06
CA PRO B 445 -1.60 32.30 -18.42
C PRO B 445 -0.52 31.54 -19.21
N LEU B 446 -0.36 31.88 -20.48
CA LEU B 446 0.64 31.21 -21.33
C LEU B 446 2.07 31.36 -20.81
N ALA B 447 2.41 32.55 -20.32
CA ALA B 447 3.74 32.81 -19.76
C ALA B 447 4.01 31.97 -18.53
N VAL B 448 2.96 31.72 -17.73
CA VAL B 448 3.10 30.83 -16.58
C VAL B 448 3.42 29.39 -17.01
N GLN B 449 2.65 28.90 -17.98
CA GLN B 449 2.88 27.56 -18.53
C GLN B 449 4.29 27.41 -19.09
N ASP B 450 4.74 28.41 -19.85
CA ASP B 450 6.11 28.45 -20.39
C ASP B 450 7.15 28.32 -19.28
N ALA B 451 6.97 29.09 -18.19
CA ALA B 451 7.92 29.12 -17.08
C ALA B 451 8.07 27.75 -16.41
N ILE B 452 6.96 27.04 -16.24
CA ILE B 452 6.98 25.68 -15.70
C ILE B 452 7.73 24.75 -16.65
N ALA B 453 7.40 24.84 -17.94
CA ALA B 453 8.00 24.00 -18.97
C ALA B 453 9.50 24.24 -19.05
N VAL B 454 9.92 25.51 -18.99
CA VAL B 454 11.33 25.88 -18.97
C VAL B 454 12.04 25.31 -17.73
N ARG B 455 11.44 25.48 -16.55
CA ARG B 455 12.02 24.95 -15.31
C ARG B 455 12.23 23.44 -15.43
N LEU B 456 11.23 22.75 -15.99
CA LEU B 456 11.29 21.30 -16.19
C LEU B 456 12.40 20.91 -17.18
N ALA B 457 12.59 21.73 -18.20
CA ALA B 457 13.66 21.53 -19.18
C ALA B 457 15.03 21.61 -18.53
N GLU B 458 15.18 22.56 -17.60
CA GLU B 458 16.41 22.71 -16.82
C GLU B 458 16.63 21.46 -15.97
N TYR B 459 15.57 21.01 -15.31
CA TYR B 459 15.61 19.84 -14.47
C TYR B 459 16.00 18.59 -15.25
N ALA B 460 15.53 18.50 -16.50
CA ALA B 460 15.84 17.38 -17.37
C ALA B 460 17.23 17.48 -18.00
N GLY B 461 17.93 18.59 -17.73
CA GLY B 461 19.33 18.69 -18.07
C GLY B 461 19.68 19.60 -19.22
N HIS B 462 18.75 20.49 -19.58
CA HIS B 462 18.97 21.41 -20.69
C HIS B 462 19.32 22.82 -20.23
N GLN B 463 20.08 23.52 -21.06
CA GLN B 463 20.38 24.94 -20.89
C GLN B 463 19.95 25.67 -22.14
N ALA B 464 19.61 26.94 -21.98
CA ALA B 464 19.24 27.81 -23.10
C ALA B 464 20.28 27.77 -24.24
N PRO B 465 19.82 27.64 -25.51
CA PRO B 465 20.74 27.74 -26.64
C PRO B 465 21.30 29.16 -26.77
N GLU B 466 22.37 29.38 -27.32
N ARG C 1 48.47 -5.67 61.96
CA ARG C 1 48.07 -6.81 61.08
C ARG C 1 46.57 -6.75 60.75
N LEU C 2 45.76 -7.43 61.56
CA LEU C 2 44.30 -7.41 61.40
C LEU C 2 43.67 -6.40 62.37
N THR C 3 44.26 -6.23 63.55
CA THR C 3 43.73 -5.26 64.52
C THR C 3 43.79 -3.85 63.93
N GLU C 4 44.84 -3.57 63.17
CA GLU C 4 45.00 -2.33 62.43
C GLU C 4 43.81 -2.04 61.52
N LEU C 5 43.46 -3.02 60.67
CA LEU C 5 42.29 -2.90 59.80
C LEU C 5 41.01 -2.65 60.58
N ARG C 6 40.84 -3.40 61.67
CA ARG C 6 39.69 -3.23 62.57
C ARG C 6 39.57 -1.84 63.19
N GLU C 7 40.68 -1.34 63.73
CA GLU C 7 40.76 0.03 64.28
C GLU C 7 40.41 1.08 63.24
N ASP C 8 40.96 0.92 62.03
CA ASP C 8 40.75 1.84 60.93
C ASP C 8 39.29 1.88 60.48
N ILE C 9 38.64 0.71 60.37
CA ILE C 9 37.21 0.69 60.05
C ILE C 9 36.36 1.25 61.21
N ASP C 10 36.69 0.90 62.44
CA ASP C 10 36.04 1.50 63.62
C ASP C 10 36.00 3.02 63.49
N ALA C 11 37.17 3.61 63.23
CA ALA C 11 37.32 5.07 63.16
C ALA C 11 36.54 5.68 61.98
N ILE C 12 36.57 5.04 60.83
CA ILE C 12 35.82 5.49 59.66
C ILE C 12 34.31 5.57 59.98
N LEU C 13 33.83 4.60 60.75
CA LEU C 13 32.41 4.53 61.12
C LEU C 13 31.99 5.58 62.15
N GLU C 14 32.98 6.23 62.77
CA GLU C 14 32.71 7.35 63.68
C GLU C 14 32.62 8.68 62.91
N ASP C 15 31.81 8.68 61.87
CA ASP C 15 31.66 9.80 60.97
C ASP C 15 30.36 10.54 61.29
N PRO C 16 30.36 11.89 61.18
CA PRO C 16 29.16 12.68 61.45
C PRO C 16 27.93 12.27 60.63
N ALA C 17 28.13 11.71 59.44
CA ALA C 17 27.04 11.30 58.57
C ALA C 17 26.23 10.13 59.18
N LEU C 18 26.86 9.38 60.07
CA LEU C 18 26.23 8.18 60.66
C LEU C 18 25.75 8.44 62.09
N GLU C 19 25.66 9.73 62.44
CA GLU C 19 25.09 10.17 63.70
C GLU C 19 23.71 9.57 63.93
N GLY C 20 23.57 8.78 64.99
CA GLY C 20 22.29 8.17 65.36
C GLY C 20 21.80 7.04 64.47
N ALA C 21 22.70 6.48 63.65
CA ALA C 21 22.37 5.44 62.66
C ALA C 21 22.81 4.05 63.06
N VAL C 22 22.34 3.04 62.32
CA VAL C 22 22.77 1.65 62.51
C VAL C 22 23.44 1.19 61.22
N SER C 23 24.63 0.65 61.35
CA SER C 23 25.39 0.18 60.20
C SER C 23 25.82 -1.27 60.36
N GLY C 24 25.24 -2.15 59.55
CA GLY C 24 25.74 -3.53 59.45
C GLY C 24 26.94 -3.56 58.51
N VAL C 25 28.08 -4.06 59.01
CA VAL C 25 29.32 -4.03 58.25
C VAL C 25 30.09 -5.35 58.42
N VAL C 26 30.22 -6.10 57.33
CA VAL C 26 30.91 -7.40 57.37
C VAL C 26 31.91 -7.52 56.23
N VAL C 27 33.11 -8.03 56.56
CA VAL C 27 34.18 -8.27 55.58
C VAL C 27 34.79 -9.66 55.80
N VAL C 28 34.95 -10.41 54.71
CA VAL C 28 35.42 -11.80 54.75
C VAL C 28 36.51 -11.99 53.69
N ASP C 29 37.56 -12.72 54.04
CA ASP C 29 38.52 -13.17 53.06
C ASP C 29 37.91 -14.38 52.39
N THR C 30 37.61 -14.27 51.08
CA THR C 30 36.90 -15.35 50.38
C THR C 30 37.70 -16.66 50.23
N ALA C 31 39.02 -16.57 50.30
CA ALA C 31 39.89 -17.74 50.21
C ALA C 31 39.71 -18.65 51.42
N THR C 32 39.65 -18.05 52.61
CA THR C 32 39.68 -18.82 53.85
C THR C 32 38.33 -18.83 54.58
N GLY C 33 37.52 -17.80 54.34
CA GLY C 33 36.27 -17.63 55.06
C GLY C 33 36.46 -16.85 56.35
N GLU C 34 37.68 -16.38 56.59
CA GLU C 34 37.94 -15.59 57.80
C GLU C 34 37.19 -14.24 57.79
N GLU C 35 36.47 -13.96 58.86
CA GLU C 35 35.85 -12.66 59.10
C GLU C 35 36.91 -11.66 59.51
N LEU C 36 37.16 -10.69 58.65
CA LEU C 36 38.14 -9.68 58.96
C LEU C 36 37.50 -8.54 59.75
N TYR C 37 36.20 -8.38 59.57
CA TYR C 37 35.45 -7.36 60.29
C TYR C 37 34.00 -7.79 60.39
N SER C 38 33.38 -7.48 61.52
CA SER C 38 31.98 -7.80 61.76
C SER C 38 31.36 -6.88 62.82
N ARG C 39 30.42 -6.05 62.39
CA ARG C 39 29.67 -5.17 63.29
C ARG C 39 28.20 -5.18 62.92
N ASP C 40 27.34 -5.59 63.85
CA ASP C 40 25.88 -5.62 63.62
C ASP C 40 25.50 -6.45 62.40
N GLY C 41 26.23 -7.54 62.17
CA GLY C 41 26.02 -8.39 61.00
C GLY C 41 24.69 -9.13 60.97
N GLY C 42 24.07 -9.29 62.14
CA GLY C 42 22.82 -10.04 62.27
C GLY C 42 21.60 -9.14 62.28
N GLU C 43 21.83 -7.84 62.13
CA GLU C 43 20.78 -6.85 62.25
C GLU C 43 19.98 -6.78 60.94
N GLN C 44 18.65 -6.88 61.07
CA GLN C 44 17.76 -6.77 59.91
C GLN C 44 17.64 -5.30 59.50
N LEU C 45 18.06 -5.03 58.26
CA LEU C 45 18.09 -3.67 57.70
C LEU C 45 17.49 -3.64 56.27
N LEU C 46 16.94 -2.48 55.88
CA LEU C 46 16.54 -2.23 54.49
C LEU C 46 17.80 -2.21 53.60
N PRO C 47 17.79 -2.98 52.50
CA PRO C 47 18.91 -3.01 51.56
C PRO C 47 18.90 -1.93 50.47
N ALA C 48 17.76 -1.28 50.24
CA ALA C 48 17.53 -0.49 49.01
C ALA C 48 17.94 -1.34 47.78
N SER C 49 18.58 -0.72 46.78
CA SER C 49 18.97 -1.41 45.53
C SER C 49 19.90 -2.63 45.71
N ASN C 50 20.47 -2.80 46.91
CA ASN C 50 21.30 -4.00 47.19
C ASN C 50 20.47 -5.29 47.14
N MET C 51 19.15 -5.17 47.24
CA MET C 51 18.24 -6.31 47.03
C MET C 51 18.48 -6.95 45.65
N LYS C 52 18.90 -6.16 44.66
CA LYS C 52 19.14 -6.68 43.32
C LYS C 52 20.21 -7.76 43.28
N LEU C 53 21.11 -7.78 44.25
CA LEU C 53 22.10 -8.88 44.36
C LEU C 53 21.40 -10.24 44.50
N PHE C 54 20.36 -10.27 45.33
CA PHE C 54 19.63 -11.49 45.57
C PHE C 54 18.84 -11.88 44.33
N THR C 55 18.18 -10.90 43.72
CA THR C 55 17.32 -11.12 42.56
C THR C 55 18.14 -11.64 41.37
N ALA C 56 19.34 -11.08 41.17
CA ALA C 56 20.19 -11.44 40.03
C ALA C 56 20.76 -12.86 40.17
N ALA C 57 21.19 -13.21 41.39
CA ALA C 57 21.64 -14.57 41.68
C ALA C 57 20.54 -15.62 41.43
N ALA C 58 19.34 -15.35 41.95
CA ALA C 58 18.21 -16.23 41.76
C ALA C 58 17.87 -16.41 40.27
N ALA C 59 17.89 -15.31 39.52
CA ALA C 59 17.61 -15.34 38.09
C ALA C 59 18.63 -16.22 37.37
N LEU C 60 19.90 -16.07 37.73
CA LEU C 60 20.95 -16.89 37.11
C LEU C 60 20.78 -18.38 37.43
N GLU C 61 20.41 -18.67 38.67
CA GLU C 61 20.13 -20.03 39.14
C GLU C 61 18.93 -20.65 38.43
N VAL C 62 17.85 -19.88 38.31
CA VAL C 62 16.54 -20.40 37.88
C VAL C 62 16.38 -20.40 36.35
N LEU C 63 16.70 -19.27 35.72
CA LEU C 63 16.55 -19.12 34.29
C LEU C 63 17.81 -19.56 33.51
N GLY C 64 18.99 -19.34 34.11
CA GLY C 64 20.25 -19.66 33.44
C GLY C 64 20.88 -18.46 32.75
N ALA C 65 22.21 -18.40 32.76
CA ALA C 65 22.95 -17.36 32.06
C ALA C 65 22.63 -17.26 30.56
N ASP C 66 22.18 -18.37 29.96
CA ASP C 66 21.87 -18.40 28.53
C ASP C 66 20.39 -18.18 28.20
N HIS C 67 19.60 -17.86 29.23
CA HIS C 67 18.15 -17.65 29.02
C HIS C 67 17.91 -16.44 28.11
N SER C 68 16.92 -16.54 27.22
CA SER C 68 16.49 -15.37 26.44
C SER C 68 14.96 -15.21 26.47
N PHE C 69 14.47 -14.02 26.10
CA PHE C 69 13.05 -13.70 26.20
C PHE C 69 12.44 -13.46 24.82
N GLY C 70 11.23 -13.96 24.61
CA GLY C 70 10.57 -13.87 23.31
C GLY C 70 9.34 -12.96 23.26
N THR C 71 9.09 -12.41 22.08
CA THR C 71 7.92 -11.58 21.80
C THR C 71 7.43 -12.08 20.44
N GLU C 72 6.11 -12.17 20.25
CA GLU C 72 5.53 -12.78 19.04
C GLU C 72 4.36 -11.96 18.55
N VAL C 73 4.01 -12.14 17.28
CA VAL C 73 2.81 -11.53 16.72
C VAL C 73 1.96 -12.65 16.14
N ALA C 74 0.72 -12.78 16.60
CA ALA C 74 -0.11 -13.93 16.23
C ALA C 74 -1.48 -13.55 15.70
N ALA C 75 -1.89 -14.25 14.64
CA ALA C 75 -3.24 -14.16 14.07
C ALA C 75 -3.84 -15.58 14.03
N GLU C 76 -5.17 -15.65 13.91
CA GLU C 76 -5.87 -16.94 13.92
C GLU C 76 -5.42 -17.86 12.78
N SER C 77 -5.15 -17.26 11.62
CA SER C 77 -4.55 -17.97 10.50
C SER C 77 -3.76 -17.01 9.61
N ALA C 78 -2.97 -17.57 8.70
CA ALA C 78 -2.29 -16.81 7.65
C ALA C 78 -3.27 -15.89 6.90
N PRO C 79 -2.77 -14.76 6.36
CA PRO C 79 -3.68 -13.84 5.67
C PRO C 79 -4.32 -14.46 4.42
N GLY C 80 -5.59 -14.12 4.19
CA GLY C 80 -6.33 -14.55 3.00
C GLY C 80 -5.75 -14.00 1.72
N ARG C 81 -6.31 -14.40 0.59
CA ARG C 81 -5.73 -14.05 -0.71
C ARG C 81 -5.76 -12.52 -0.97
N ARG C 82 -6.56 -11.80 -0.18
CA ARG C 82 -6.59 -10.33 -0.17
C ARG C 82 -5.58 -9.72 0.82
N GLY C 83 -4.77 -10.57 1.45
CA GLY C 83 -3.80 -10.13 2.45
C GLY C 83 -4.45 -9.64 3.74
N GLU C 84 -5.67 -10.08 3.98
CA GLU C 84 -6.41 -9.67 5.18
C GLU C 84 -6.35 -10.69 6.30
N VAL C 85 -6.26 -10.16 7.51
CA VAL C 85 -6.35 -10.89 8.76
C VAL C 85 -7.46 -10.21 9.56
N GLN C 86 -8.05 -10.90 10.53
CA GLN C 86 -9.08 -10.28 11.37
C GLN C 86 -8.43 -9.54 12.55
N ASP C 87 -8.36 -10.20 13.72
CA ASP C 87 -7.70 -9.63 14.90
C ASP C 87 -6.23 -10.01 14.93
N LEU C 88 -5.41 -9.15 15.52
CA LEU C 88 -3.97 -9.38 15.60
C LEU C 88 -3.45 -9.13 17.01
N TYR C 89 -2.60 -10.04 17.51
CA TYR C 89 -2.11 -9.95 18.88
C TYR C 89 -0.58 -9.83 18.93
N LEU C 90 -0.10 -8.86 19.70
CA LEU C 90 1.31 -8.69 19.99
C LEU C 90 1.49 -9.30 21.38
N VAL C 91 2.29 -10.35 21.46
CA VAL C 91 2.34 -11.15 22.68
C VAL C 91 3.70 -11.01 23.33
N GLY C 92 3.73 -10.46 24.53
CA GLY C 92 4.98 -10.27 25.25
C GLY C 92 5.22 -11.37 26.28
N ARG C 93 6.44 -11.88 26.33
CA ARG C 93 6.79 -12.89 27.33
C ARG C 93 8.00 -12.50 28.20
N GLY C 94 7.98 -11.27 28.71
CA GLY C 94 8.93 -10.84 29.74
C GLY C 94 10.25 -10.25 29.30
N ASP C 95 10.34 -9.81 28.03
CA ASP C 95 11.60 -9.21 27.51
C ASP C 95 11.78 -7.81 28.09
N PRO C 96 12.82 -7.60 28.93
CA PRO C 96 13.06 -6.29 29.54
C PRO C 96 13.87 -5.38 28.64
N THR C 97 14.12 -5.83 27.40
CA THR C 97 14.99 -5.10 26.48
C THR C 97 14.34 -4.91 25.11
N LEU C 98 13.00 -4.89 25.06
CA LEU C 98 12.26 -4.82 23.79
C LEU C 98 12.12 -3.37 23.30
N SER C 99 12.76 -3.06 22.17
CA SER C 99 12.87 -1.69 21.67
C SER C 99 11.85 -1.34 20.59
N ALA C 100 11.65 -0.04 20.36
CA ALA C 100 10.82 0.46 19.27
C ALA C 100 11.30 -0.09 17.91
N GLU C 101 12.61 -0.26 17.78
CA GLU C 101 13.21 -0.82 16.56
C GLU C 101 12.84 -2.29 16.42
N ASP C 102 12.86 -3.02 17.52
CA ASP C 102 12.36 -4.40 17.54
C ASP C 102 10.91 -4.47 17.06
N LEU C 103 10.07 -3.52 17.50
CA LEU C 103 8.68 -3.48 17.05
C LEU C 103 8.58 -3.20 15.54
N ASP C 104 9.47 -2.33 15.05
CA ASP C 104 9.48 -2.01 13.61
C ASP C 104 9.84 -3.23 12.79
N ALA C 105 10.87 -3.96 13.23
CA ALA C 105 11.31 -5.18 12.54
C ALA C 105 10.21 -6.26 12.53
N MET C 106 9.46 -6.37 13.62
CA MET C 106 8.33 -7.32 13.67
C MET C 106 7.25 -6.92 12.69
N ALA C 107 6.98 -5.61 12.63
CA ALA C 107 5.99 -5.06 11.69
C ALA C 107 6.40 -5.34 10.25
N ALA C 108 7.70 -5.24 9.97
CA ALA C 108 8.24 -5.59 8.65
C ALA C 108 7.99 -7.06 8.33
N GLU C 109 8.19 -7.95 9.31
CA GLU C 109 7.88 -9.37 9.13
C GLU C 109 6.39 -9.65 8.86
N VAL C 110 5.51 -8.91 9.55
CA VAL C 110 4.06 -9.03 9.33
C VAL C 110 3.71 -8.66 7.88
N ALA C 111 4.26 -7.54 7.40
CA ALA C 111 4.03 -7.14 6.02
C ALA C 111 4.61 -8.18 5.06
N ALA C 112 5.80 -8.70 5.39
CA ALA C 112 6.48 -9.67 4.54
C ALA C 112 5.78 -11.02 4.46
N SER C 113 4.88 -11.30 5.40
CA SER C 113 4.11 -12.53 5.40
C SER C 113 2.88 -12.41 4.50
N GLY C 114 2.65 -11.21 3.99
CA GLY C 114 1.57 -10.96 3.06
C GLY C 114 0.40 -10.19 3.63
N VAL C 115 0.55 -9.69 4.85
CA VAL C 115 -0.55 -8.94 5.47
C VAL C 115 -0.62 -7.52 4.89
N ARG C 116 -1.79 -7.18 4.36
CA ARG C 116 -2.08 -5.82 3.87
C ARG C 116 -2.95 -5.07 4.86
N THR C 117 -3.91 -5.79 5.46
CA THR C 117 -4.90 -5.15 6.32
C THR C 117 -5.22 -6.01 7.53
N VAL C 118 -5.25 -5.36 8.70
CA VAL C 118 -5.84 -5.94 9.89
C VAL C 118 -7.26 -5.41 9.89
N ARG C 119 -8.20 -6.29 9.54
CA ARG C 119 -9.62 -5.94 9.41
C ARG C 119 -10.27 -5.70 10.77
N GLY C 120 -9.81 -6.43 11.78
CA GLY C 120 -10.34 -6.31 13.13
C GLY C 120 -9.46 -5.45 14.00
N ASP C 121 -9.35 -5.83 15.28
CA ASP C 121 -8.65 -5.03 16.28
C ASP C 121 -7.24 -5.52 16.54
N LEU C 122 -6.37 -4.65 17.03
CA LEU C 122 -5.02 -5.03 17.43
C LEU C 122 -4.92 -5.09 18.95
N TYR C 123 -4.49 -6.24 19.46
CA TYR C 123 -4.40 -6.44 20.90
C TYR C 123 -2.98 -6.56 21.41
N ALA C 124 -2.78 -6.00 22.60
CA ALA C 124 -1.52 -6.15 23.30
C ALA C 124 -1.73 -7.16 24.41
N ASP C 125 -0.99 -8.27 24.30
CA ASP C 125 -1.12 -9.40 25.20
C ASP C 125 0.04 -9.43 26.19
N ASP C 126 -0.23 -9.05 27.44
CA ASP C 126 0.78 -9.15 28.49
C ASP C 126 0.41 -10.17 29.57
N THR C 127 -0.45 -11.14 29.23
CA THR C 127 -1.01 -12.09 30.19
C THR C 127 0.00 -13.10 30.76
N TRP C 128 1.17 -13.21 30.12
CA TRP C 128 2.30 -13.98 30.67
C TRP C 128 2.62 -13.61 32.12
N PHE C 129 2.54 -12.33 32.47
CA PHE C 129 2.61 -11.93 33.89
C PHE C 129 1.22 -11.49 34.36
N ASP C 130 1.08 -11.34 35.68
CA ASP C 130 0.01 -10.56 36.36
C ASP C 130 -0.31 -9.25 35.71
N SER C 131 -1.50 -8.72 35.99
CA SER C 131 -1.78 -7.30 35.77
C SER C 131 -1.55 -6.41 37.02
N GLU C 132 -0.84 -6.94 38.02
CA GLU C 132 -0.48 -6.12 39.20
C GLU C 132 0.74 -5.27 38.84
N ARG C 133 0.52 -3.98 38.68
CA ARG C 133 1.51 -3.10 38.07
C ARG C 133 2.57 -2.57 39.03
N LEU C 134 2.24 -2.54 40.31
CA LEU C 134 3.08 -1.88 41.30
C LEU C 134 3.02 -2.67 42.59
N VAL C 135 4.09 -2.65 43.37
CA VAL C 135 4.06 -3.28 44.70
C VAL C 135 3.20 -2.42 45.64
N ASP C 136 2.40 -3.12 46.45
CA ASP C 136 1.59 -2.51 47.52
C ASP C 136 2.21 -1.31 48.23
N ASP C 137 3.37 -1.52 48.86
CA ASP C 137 3.91 -0.48 49.73
C ASP C 137 4.81 0.55 49.03
N TRP C 138 4.95 0.44 47.70
CA TRP C 138 5.58 1.50 46.90
C TRP C 138 4.77 2.80 47.03
N TRP C 139 5.46 3.94 46.88
CA TRP C 139 4.84 5.27 47.02
C TRP C 139 4.26 5.79 45.73
N PRO C 140 2.98 6.21 45.75
CA PRO C 140 2.37 6.81 44.57
C PRO C 140 3.10 8.06 44.06
N GLU C 141 3.73 8.82 44.97
CA GLU C 141 4.47 10.03 44.60
C GLU C 141 5.64 9.70 43.66
N ASP C 142 6.13 8.46 43.74
CA ASP C 142 7.24 7.99 42.91
C ASP C 142 6.81 7.58 41.51
N GLU C 143 5.51 7.36 41.33
CA GLU C 143 5.00 6.73 40.08
C GLU C 143 5.32 7.45 38.75
N PRO C 144 5.48 8.78 38.76
CA PRO C 144 5.86 9.41 37.48
C PRO C 144 7.28 9.09 36.98
N TYR C 145 8.14 8.55 37.85
CA TYR C 145 9.58 8.43 37.55
C TYR C 145 10.00 7.06 37.06
N ALA C 146 11.02 7.04 36.20
CA ALA C 146 11.44 5.80 35.51
C ALA C 146 11.69 4.66 36.48
N TYR C 147 12.27 4.95 37.64
CA TYR C 147 12.57 3.89 38.61
C TYR C 147 11.32 3.23 39.24
N SER C 148 10.14 3.83 39.03
CA SER C 148 8.85 3.28 39.50
C SER C 148 7.87 2.87 38.38
N ALA C 149 8.41 2.60 37.18
CA ALA C 149 7.59 2.14 36.04
C ALA C 149 6.73 0.92 36.39
N GLN C 150 5.49 0.93 35.90
CA GLN C 150 4.56 -0.20 36.00
C GLN C 150 5.17 -1.45 35.37
N ILE C 151 4.93 -2.59 36.01
CA ILE C 151 5.46 -3.89 35.58
C ILE C 151 4.46 -4.67 34.73
N SER C 152 4.93 -5.10 33.57
CA SER C 152 4.13 -5.83 32.59
C SER C 152 5.02 -6.83 31.83
N ALA C 153 4.43 -7.93 31.35
CA ALA C 153 5.17 -8.87 30.48
C ALA C 153 5.45 -8.27 29.09
N LEU C 154 4.70 -7.23 28.73
CA LEU C 154 4.87 -6.55 27.44
C LEU C 154 5.14 -5.06 27.68
N THR C 155 6.39 -4.64 27.48
CA THR C 155 6.79 -3.28 27.74
C THR C 155 7.88 -2.86 26.76
N VAL C 156 7.89 -1.57 26.38
CA VAL C 156 8.93 -1.09 25.47
C VAL C 156 10.05 -0.46 26.29
N ALA C 157 11.27 -0.96 26.06
CA ALA C 157 12.43 -0.43 26.73
C ALA C 157 13.07 0.71 25.93
N HIS C 158 13.30 1.84 26.61
CA HIS C 158 13.89 3.02 25.97
C HIS C 158 15.42 3.04 26.10
N GLY C 159 16.10 3.33 24.99
CA GLY C 159 17.54 3.61 25.00
C GLY C 159 18.42 2.39 25.22
N GLU C 160 19.73 2.60 25.22
CA GLU C 160 20.70 1.50 25.40
C GLU C 160 20.73 0.99 26.85
N ARG C 161 20.14 1.77 27.78
CA ARG C 161 20.03 1.30 29.17
C ARG C 161 18.75 0.52 29.42
N PHE C 162 17.87 0.47 28.43
CA PHE C 162 16.64 -0.33 28.48
C PHE C 162 15.72 0.02 29.69
N ASP C 163 15.42 1.31 29.84
CA ASP C 163 14.41 1.75 30.82
C ASP C 163 13.01 1.46 30.30
N THR C 164 12.27 0.61 31.01
CA THR C 164 10.97 0.11 30.54
C THR C 164 9.80 0.99 30.94
N GLY C 165 8.72 0.90 30.17
CA GLY C 165 7.43 1.48 30.57
C GLY C 165 7.47 2.99 30.66
N VAL C 166 8.37 3.58 29.89
CA VAL C 166 8.56 5.04 29.89
C VAL C 166 8.47 5.66 28.50
N THR C 167 8.30 6.99 28.50
CA THR C 167 8.37 7.79 27.30
C THR C 167 9.32 8.97 27.56
N GLU C 168 9.92 9.47 26.49
CA GLU C 168 10.81 10.62 26.65
C GLU C 168 10.06 11.92 26.33
N VAL C 169 9.94 12.77 27.33
CA VAL C 169 9.30 14.08 27.16
C VAL C 169 10.39 15.11 26.92
N SER C 170 10.24 15.90 25.85
CA SER C 170 11.11 17.05 25.69
C SER C 170 10.34 18.37 25.59
N VAL C 171 10.85 19.36 26.30
CA VAL C 171 10.18 20.64 26.39
C VAL C 171 11.15 21.69 25.91
N THR C 172 10.74 22.46 24.90
CA THR C 172 11.61 23.45 24.29
C THR C 172 11.03 24.84 24.44
N PRO C 173 11.88 25.82 24.78
CA PRO C 173 11.42 27.19 24.93
C PRO C 173 10.95 27.74 23.58
N ALA C 174 9.90 28.55 23.62
CA ALA C 174 9.47 29.31 22.45
C ALA C 174 9.86 30.78 22.65
N ALA C 175 8.97 31.71 22.28
CA ALA C 175 9.25 33.11 22.55
C ALA C 175 8.88 33.42 23.99
N GLU C 176 9.64 34.30 24.64
CA GLU C 176 9.35 34.78 25.98
C GLU C 176 7.84 35.06 26.19
N GLY C 177 7.25 34.48 27.23
CA GLY C 177 5.84 34.76 27.57
C GLY C 177 4.86 33.81 26.91
N GLU C 178 5.36 33.10 25.89
CA GLU C 178 4.56 32.10 25.19
C GLU C 178 4.76 30.70 25.73
N PRO C 179 3.73 29.82 25.57
CA PRO C 179 3.84 28.44 26.03
C PRO C 179 5.10 27.74 25.52
N ALA C 180 5.71 26.93 26.38
CA ALA C 180 6.79 26.03 25.97
C ALA C 180 6.21 25.02 24.97
N ASP C 181 7.08 24.54 24.08
CA ASP C 181 6.73 23.43 23.18
C ASP C 181 7.10 22.08 23.80
N VAL C 182 6.12 21.17 23.85
CA VAL C 182 6.28 19.88 24.50
C VAL C 182 6.10 18.76 23.48
N ASP C 183 7.05 17.83 23.45
CA ASP C 183 6.90 16.60 22.67
C ASP C 183 6.92 15.43 23.66
N LEU C 184 5.90 14.57 23.60
CA LEU C 184 5.74 13.47 24.56
C LEU C 184 6.49 12.19 24.15
N GLY C 185 7.19 12.26 23.02
CA GLY C 185 8.01 11.12 22.54
C GLY C 185 7.13 9.98 22.09
N ALA C 186 7.48 8.77 22.52
CA ALA C 186 6.77 7.56 22.11
C ALA C 186 5.28 7.61 22.43
N ALA C 187 4.92 8.31 23.50
CA ALA C 187 3.53 8.38 23.97
C ALA C 187 2.70 9.48 23.30
N GLU C 188 3.27 10.14 22.29
CA GLU C 188 2.49 11.06 21.44
C GLU C 188 1.34 10.27 20.82
N GLY C 189 0.11 10.72 21.06
CA GLY C 189 -1.08 10.00 20.58
C GLY C 189 -1.55 8.90 21.53
N TYR C 190 -0.81 8.69 22.63
CA TYR C 190 -1.22 7.72 23.64
C TYR C 190 -1.56 8.43 24.97
N ALA C 191 -0.57 9.08 25.58
CA ALA C 191 -0.81 9.90 26.79
C ALA C 191 -1.46 11.23 26.44
N GLU C 192 -2.22 11.81 27.37
CA GLU C 192 -2.76 13.16 27.18
C GLU C 192 -1.76 14.23 27.62
N LEU C 193 -1.74 15.36 26.93
CA LEU C 193 -0.88 16.46 27.34
C LEU C 193 -1.68 17.57 28.04
N ASP C 194 -1.21 17.98 29.22
CA ASP C 194 -1.74 19.14 29.92
C ASP C 194 -0.57 20.13 30.05
N ASN C 195 -0.41 20.98 29.04
CA ASN C 195 0.73 21.90 28.97
C ASN C 195 0.39 23.29 29.48
N ARG C 196 0.83 23.58 30.71
CA ARG C 196 0.61 24.87 31.34
C ARG C 196 1.93 25.57 31.66
N ALA C 197 2.99 25.22 30.92
CA ALA C 197 4.31 25.82 31.11
C ALA C 197 4.50 27.05 30.22
N VAL C 198 5.26 28.01 30.72
CA VAL C 198 5.59 29.22 29.98
C VAL C 198 7.10 29.30 29.68
N THR C 199 7.42 30.03 28.62
CA THR C 199 8.79 30.39 28.31
C THR C 199 9.12 31.67 29.09
N GLY C 200 10.08 31.57 30.00
CA GLY C 200 10.53 32.75 30.74
C GLY C 200 11.50 33.57 29.93
N ALA C 201 11.83 34.75 30.43
CA ALA C 201 12.82 35.62 29.81
C ALA C 201 14.19 34.94 29.80
N ALA C 202 15.00 35.20 28.78
CA ALA C 202 16.38 34.68 28.76
C ALA C 202 17.09 35.00 30.09
N GLY C 203 17.78 34.01 30.66
CA GLY C 203 18.56 34.23 31.88
C GLY C 203 17.79 34.15 33.20
N SER C 204 16.52 33.76 33.14
CA SER C 204 15.67 33.65 34.34
C SER C 204 15.83 32.27 34.97
N ALA C 205 15.22 32.07 36.13
CA ALA C 205 15.22 30.76 36.79
C ALA C 205 14.39 29.74 36.00
N ASN C 206 14.89 28.51 35.94
CA ASN C 206 14.20 27.39 35.34
C ASN C 206 13.38 26.71 36.41
N THR C 207 12.07 26.86 36.34
CA THR C 207 11.18 26.23 37.33
C THR C 207 10.30 25.15 36.68
N LEU C 208 10.76 24.62 35.55
CA LEU C 208 9.97 23.66 34.78
C LEU C 208 9.80 22.34 35.52
N VAL C 209 8.55 21.89 35.61
CA VAL C 209 8.23 20.61 36.23
C VAL C 209 7.41 19.73 35.27
N ILE C 210 7.83 18.47 35.15
CA ILE C 210 7.14 17.50 34.31
C ILE C 210 6.59 16.39 35.20
N ASP C 211 5.27 16.24 35.17
CA ASP C 211 4.58 15.38 36.12
C ASP C 211 3.63 14.44 35.37
N ARG C 212 3.29 13.32 36.02
CA ARG C 212 2.10 12.54 35.65
C ARG C 212 1.19 12.46 36.88
N PRO C 213 0.11 13.27 36.91
CA PRO C 213 -0.76 13.23 38.08
C PRO C 213 -1.23 11.82 38.40
N VAL C 214 -1.22 11.45 39.68
CA VAL C 214 -1.53 10.09 40.15
C VAL C 214 -2.86 9.60 39.57
N GLY C 215 -2.90 8.34 39.17
CA GLY C 215 -4.09 7.74 38.60
C GLY C 215 -4.50 8.25 37.23
N THR C 216 -3.61 8.96 36.54
CA THR C 216 -3.91 9.44 35.19
C THR C 216 -2.88 8.95 34.20
N ASN C 217 -3.22 9.08 32.91
CA ASN C 217 -2.27 8.92 31.83
C ASN C 217 -2.04 10.27 31.14
N THR C 218 -1.91 11.31 31.96
CA THR C 218 -1.69 12.67 31.48
C THR C 218 -0.31 13.16 31.89
N ILE C 219 0.45 13.70 30.94
CA ILE C 219 1.69 14.42 31.26
C ILE C 219 1.39 15.91 31.46
N ALA C 220 1.59 16.37 32.69
CA ALA C 220 1.33 17.75 33.07
C ALA C 220 2.64 18.53 33.18
N VAL C 221 2.75 19.58 32.37
CA VAL C 221 3.95 20.40 32.36
C VAL C 221 3.60 21.78 32.91
N THR C 222 4.33 22.19 33.94
CA THR C 222 4.11 23.46 34.59
C THR C 222 5.44 24.21 34.79
N GLY C 223 5.35 25.48 35.12
CA GLY C 223 6.54 26.25 35.46
C GLY C 223 7.07 27.04 34.28
N SER C 224 8.31 27.47 34.39
CA SER C 224 8.90 28.39 33.45
C SER C 224 10.26 27.91 32.99
N LEU C 225 10.40 27.82 31.67
CA LEU C 225 11.66 27.45 31.03
C LEU C 225 12.25 28.68 30.33
N PRO C 226 13.48 29.10 30.70
CA PRO C 226 14.08 30.30 30.12
C PRO C 226 14.22 30.25 28.61
N ALA C 227 13.97 31.38 27.97
CA ALA C 227 13.97 31.47 26.50
C ALA C 227 15.28 30.98 25.89
N ASP C 228 16.39 31.27 26.58
CA ASP C 228 17.75 30.86 26.13
C ASP C 228 18.21 29.49 26.66
N ALA C 229 17.32 28.74 27.31
CA ALA C 229 17.71 27.45 27.87
C ALA C 229 17.76 26.34 26.81
N ALA C 230 18.64 25.35 27.04
CA ALA C 230 18.58 24.11 26.31
C ALA C 230 17.22 23.45 26.58
N PRO C 231 16.74 22.60 25.65
CA PRO C 231 15.52 21.85 25.94
C PRO C 231 15.69 20.97 27.18
N VAL C 232 14.58 20.72 27.87
CA VAL C 232 14.55 19.81 28.99
C VAL C 232 14.00 18.49 28.49
N THR C 233 14.74 17.42 28.80
CA THR C 233 14.44 16.10 28.31
C THR C 233 14.42 15.15 29.49
N ALA C 234 13.30 14.44 29.66
CA ALA C 234 13.08 13.59 30.82
C ALA C 234 12.23 12.40 30.49
N LEU C 235 12.62 11.26 31.07
CA LEU C 235 11.82 10.05 31.03
C LEU C 235 10.69 10.13 32.06
N ARG C 236 9.48 9.86 31.58
CA ARG C 236 8.33 9.71 32.47
C ARG C 236 7.53 8.46 32.13
N THR C 237 7.05 7.80 33.17
CA THR C 237 6.23 6.62 33.05
C THR C 237 4.89 6.93 32.37
N VAL C 238 4.29 5.90 31.79
CA VAL C 238 2.89 5.95 31.34
C VAL C 238 2.08 4.90 32.08
N ASP C 239 0.76 5.06 32.07
CA ASP C 239 -0.14 4.02 32.54
C ASP C 239 -0.20 2.93 31.47
N GLU C 240 -0.18 1.67 31.92
CA GLU C 240 -0.28 0.49 31.04
C GLU C 240 0.80 0.40 29.94
N PRO C 241 2.01 -0.04 30.33
CA PRO C 241 3.11 -0.22 29.38
C PRO C 241 2.76 -1.01 28.13
N ALA C 242 1.92 -2.06 28.29
CA ALA C 242 1.60 -2.93 27.15
C ALA C 242 0.69 -2.22 26.15
N ALA C 243 -0.15 -1.32 26.66
CA ALA C 243 -1.02 -0.51 25.80
C ALA C 243 -0.21 0.50 24.98
N LEU C 244 0.85 1.05 25.57
CA LEU C 244 1.77 1.90 24.79
C LEU C 244 2.47 1.05 23.73
N ALA C 245 2.89 -0.14 24.12
CA ALA C 245 3.54 -1.06 23.18
C ALA C 245 2.63 -1.32 21.97
N GLY C 246 1.34 -1.50 22.24
CA GLY C 246 0.33 -1.69 21.19
C GLY C 246 0.16 -0.47 20.30
N HIS C 247 0.13 0.72 20.93
CA HIS C 247 0.09 1.99 20.22
C HIS C 247 1.29 2.12 19.27
N LEU C 248 2.49 1.89 19.80
CA LEU C 248 3.71 1.92 18.99
C LEU C 248 3.72 0.87 17.88
N PHE C 249 3.14 -0.30 18.16
CA PHE C 249 3.14 -1.38 17.17
C PHE C 249 2.16 -1.10 16.04
N GLU C 250 1.05 -0.43 16.37
CA GLU C 250 0.12 0.04 15.36
C GLU C 250 0.83 0.99 14.38
N GLU C 251 1.56 1.95 14.94
CA GLU C 251 2.32 2.91 14.14
C GLU C 251 3.39 2.22 13.30
N ALA C 252 4.06 1.21 13.87
CA ALA C 252 5.05 0.41 13.13
C ALA C 252 4.40 -0.33 11.96
N LEU C 253 3.23 -0.92 12.23
CA LEU C 253 2.48 -1.61 11.20
C LEU C 253 2.13 -0.69 10.02
N GLU C 254 1.52 0.46 10.31
CA GLU C 254 1.18 1.39 9.23
C GLU C 254 2.37 1.97 8.48
N SER C 255 3.46 2.23 9.21
CA SER C 255 4.75 2.63 8.65
C SER C 255 5.32 1.57 7.68
N ASN C 256 4.93 0.31 7.88
CA ASN C 256 5.37 -0.81 7.04
C ASN C 256 4.32 -1.30 6.04
N GLY C 257 3.29 -0.48 5.81
CA GLY C 257 2.29 -0.78 4.80
C GLY C 257 1.05 -1.54 5.23
N VAL C 258 0.94 -1.84 6.53
CA VAL C 258 -0.19 -2.62 7.05
C VAL C 258 -1.22 -1.70 7.70
N THR C 259 -2.40 -1.65 7.10
CA THR C 259 -3.51 -0.85 7.64
C THR C 259 -4.22 -1.59 8.77
N VAL C 260 -4.43 -0.90 9.89
CA VAL C 260 -5.20 -1.47 11.00
C VAL C 260 -6.54 -0.77 11.04
N LYS C 261 -7.60 -1.50 10.75
CA LYS C 261 -8.95 -0.93 10.66
C LYS C 261 -9.62 -0.68 12.01
N GLY C 262 -9.41 -1.59 12.96
CA GLY C 262 -10.12 -1.54 14.24
C GLY C 262 -9.44 -0.72 15.32
N ASP C 263 -9.76 -1.03 16.57
CA ASP C 263 -9.19 -0.33 17.73
C ASP C 263 -7.93 -1.01 18.24
N VAL C 264 -7.19 -0.31 19.11
CA VAL C 264 -6.03 -0.85 19.80
C VAL C 264 -6.34 -0.94 21.29
N GLY C 265 -5.99 -2.08 21.90
CA GLY C 265 -6.25 -2.27 23.31
C GLY C 265 -5.58 -3.51 23.88
N LEU C 266 -5.86 -3.77 25.15
CA LEU C 266 -5.31 -4.91 25.84
C LEU C 266 -6.21 -6.11 25.59
N GLY C 267 -5.60 -7.28 25.43
CA GLY C 267 -6.33 -8.54 25.26
C GLY C 267 -5.39 -9.72 25.13
N GLY C 268 -5.85 -10.88 25.59
CA GLY C 268 -5.10 -12.13 25.48
C GLY C 268 -5.54 -12.97 24.30
N VAL C 269 -4.57 -13.62 23.64
CA VAL C 269 -4.88 -14.54 22.54
C VAL C 269 -6.01 -15.50 22.98
N PRO C 270 -7.07 -15.62 22.16
CA PRO C 270 -8.19 -16.50 22.54
C PRO C 270 -7.78 -17.98 22.68
N ALA C 271 -8.21 -18.62 23.76
CA ALA C 271 -8.10 -20.07 23.90
C ALA C 271 -8.75 -20.83 22.71
N ASP C 272 -9.75 -20.19 22.09
CA ASP C 272 -10.45 -20.66 20.87
C ASP C 272 -9.57 -21.03 19.68
N TRP C 273 -8.43 -20.35 19.58
CA TRP C 273 -7.59 -20.47 18.40
C TRP C 273 -6.91 -21.83 18.42
N GLN C 274 -7.21 -22.64 17.41
CA GLN C 274 -6.72 -24.03 17.39
C GLN C 274 -5.30 -24.16 16.83
N ASP C 275 -4.92 -23.23 15.95
CA ASP C 275 -3.64 -23.32 15.24
C ASP C 275 -3.21 -21.91 14.81
N ALA C 276 -2.90 -21.11 15.83
CA ALA C 276 -2.50 -19.71 15.64
C ALA C 276 -1.31 -19.60 14.69
N GLU C 277 -1.39 -18.67 13.75
CA GLU C 277 -0.28 -18.37 12.85
C GLU C 277 0.62 -17.30 13.45
N VAL C 278 1.87 -17.66 13.72
CA VAL C 278 2.86 -16.72 14.24
C VAL C 278 3.49 -15.99 13.07
N LEU C 279 3.09 -14.73 12.90
CA LEU C 279 3.48 -13.93 11.74
C LEU C 279 4.78 -13.14 11.91
N ALA C 280 5.23 -12.95 13.16
CA ALA C 280 6.49 -12.28 13.46
C ALA C 280 6.94 -12.65 14.87
N ASP C 281 8.26 -12.61 15.12
CA ASP C 281 8.77 -12.84 16.46
C ASP C 281 10.14 -12.17 16.65
N HIS C 282 10.56 -12.08 17.92
CA HIS C 282 11.84 -11.49 18.27
C HIS C 282 12.38 -12.18 19.53
N THR C 283 13.71 -12.36 19.58
CA THR C 283 14.38 -12.98 20.71
C THR C 283 15.42 -12.01 21.28
N SER C 284 15.40 -11.81 22.60
CA SER C 284 16.33 -10.89 23.27
C SER C 284 17.73 -11.47 23.29
N ALA C 285 18.72 -10.66 23.69
CA ALA C 285 20.04 -11.18 24.07
C ALA C 285 19.87 -12.10 25.29
N GLU C 286 20.88 -12.93 25.54
CA GLU C 286 20.86 -13.83 26.68
C GLU C 286 20.93 -13.07 28.01
N LEU C 287 20.49 -13.71 29.09
CA LEU C 287 20.47 -13.08 30.42
C LEU C 287 21.87 -12.61 30.86
N SER C 288 22.91 -13.36 30.51
CA SER C 288 24.28 -12.93 30.82
C SER C 288 24.56 -11.49 30.39
N GLU C 289 24.12 -11.16 29.17
CA GLU C 289 24.33 -9.83 28.58
C GLU C 289 23.34 -8.78 29.11
N ILE C 290 22.10 -9.20 29.37
CA ILE C 290 21.08 -8.31 29.97
C ILE C 290 21.47 -7.88 31.40
N LEU C 291 22.12 -8.77 32.17
CA LEU C 291 22.62 -8.46 33.52
C LEU C 291 23.42 -7.15 33.61
N VAL C 292 24.10 -6.78 32.53
CA VAL C 292 25.01 -5.62 32.56
C VAL C 292 24.26 -4.28 32.72
N PRO C 293 23.38 -3.89 31.76
CA PRO C 293 22.65 -2.63 32.03
C PRO C 293 21.73 -2.74 33.26
N PHE C 294 21.32 -3.96 33.59
CA PHE C 294 20.49 -4.22 34.77
C PHE C 294 21.23 -3.81 36.04
N MET C 295 22.41 -4.39 36.27
CA MET C 295 23.16 -4.18 37.50
C MET C 295 24.01 -2.90 37.53
N LYS C 296 24.60 -2.51 36.40
CA LYS C 296 25.44 -1.29 36.36
C LYS C 296 24.62 -0.03 36.70
N PHE C 297 23.40 0.03 36.18
CA PHE C 297 22.56 1.22 36.32
C PHE C 297 21.38 1.01 37.27
N SER C 298 21.30 -0.20 37.84
CA SER C 298 20.31 -0.55 38.87
C SER C 298 18.89 -0.39 38.33
N ASN C 299 18.55 -1.21 37.34
CA ASN C 299 17.26 -1.10 36.65
C ASN C 299 16.17 -1.79 37.47
N ASN C 300 15.28 -0.97 38.05
CA ASN C 300 14.22 -1.48 38.92
C ASN C 300 13.21 -2.35 38.17
N GLY C 301 12.79 -1.90 36.98
CA GLY C 301 11.86 -2.69 36.16
C GLY C 301 12.38 -4.07 35.77
N HIS C 302 13.63 -4.15 35.33
CA HIS C 302 14.30 -5.41 35.06
C HIS C 302 14.18 -6.37 36.24
N ALA C 303 14.37 -5.83 37.44
CA ALA C 303 14.38 -6.66 38.65
C ALA C 303 13.00 -7.29 38.89
N GLU C 304 11.94 -6.49 38.76
CA GLU C 304 10.60 -7.01 39.05
C GLU C 304 10.13 -7.97 37.96
N MET C 305 10.49 -7.70 36.70
CA MET C 305 10.18 -8.59 35.58
C MET C 305 10.88 -9.94 35.77
N LEU C 306 12.14 -9.90 36.18
CA LEU C 306 12.85 -11.16 36.47
C LEU C 306 12.19 -11.97 37.58
N VAL C 307 11.66 -11.30 38.61
CA VAL C 307 10.92 -11.99 39.68
C VAL C 307 9.70 -12.73 39.14
N LYS C 308 8.92 -12.06 38.31
CA LYS C 308 7.76 -12.73 37.73
C LYS C 308 8.18 -13.83 36.74
N SER C 309 9.31 -13.64 36.04
CA SER C 309 9.81 -14.70 35.17
C SER C 309 10.23 -15.90 36.01
N ILE C 310 10.86 -15.64 37.15
CA ILE C 310 11.17 -16.70 38.12
C ILE C 310 9.86 -17.42 38.54
N GLY C 311 8.81 -16.65 38.83
CA GLY C 311 7.50 -17.22 39.16
C GLY C 311 6.99 -18.16 38.07
N GLN C 312 7.11 -17.74 36.81
CA GLN C 312 6.65 -18.56 35.67
C GLN C 312 7.43 -19.86 35.54
N GLU C 313 8.76 -19.77 35.64
CA GLU C 313 9.63 -20.91 35.46
C GLU C 313 9.45 -21.93 36.57
N THR C 314 9.25 -21.41 37.77
CA THR C 314 9.26 -22.24 38.98
C THR C 314 7.88 -22.82 39.30
N ALA C 315 6.83 -22.02 39.10
CA ALA C 315 5.47 -22.39 39.52
C ALA C 315 4.43 -22.24 38.42
N GLY C 316 4.83 -21.69 37.28
CA GLY C 316 3.89 -21.41 36.20
C GLY C 316 2.92 -20.29 36.58
N ALA C 317 3.46 -19.27 37.25
CA ALA C 317 2.66 -18.12 37.71
C ALA C 317 3.51 -16.85 37.69
N GLY C 318 3.15 -15.93 36.79
CA GLY C 318 3.86 -14.65 36.62
C GLY C 318 3.47 -13.61 37.64
N THR C 319 3.78 -13.89 38.91
CA THR C 319 3.29 -13.05 40.01
C THR C 319 4.41 -12.77 41.01
N TRP C 320 4.26 -11.68 41.77
CA TRP C 320 5.18 -11.39 42.87
C TRP C 320 5.27 -12.49 43.94
N ASP C 321 4.11 -12.95 44.43
CA ASP C 321 4.07 -14.00 45.45
C ASP C 321 4.85 -15.24 45.04
N ALA C 322 4.54 -15.76 43.84
CA ALA C 322 5.18 -16.94 43.28
C ALA C 322 6.66 -16.71 42.97
N GLY C 323 6.98 -15.56 42.35
CA GLY C 323 8.36 -15.18 42.05
C GLY C 323 9.24 -15.05 43.28
N LEU C 324 8.73 -14.37 44.30
CA LEU C 324 9.48 -14.15 45.54
C LEU C 324 9.75 -15.45 46.30
N VAL C 325 8.78 -16.36 46.26
CA VAL C 325 8.94 -17.71 46.79
C VAL C 325 10.09 -18.42 46.03
N GLY C 326 10.05 -18.35 44.70
CA GLY C 326 11.12 -18.91 43.87
C GLY C 326 12.49 -18.32 44.13
N VAL C 327 12.57 -17.01 44.35
CA VAL C 327 13.85 -16.36 44.70
C VAL C 327 14.45 -16.95 45.98
N GLU C 328 13.64 -17.00 47.04
CA GLU C 328 14.06 -17.58 48.34
C GLU C 328 14.56 -19.02 48.18
N GLU C 329 13.77 -19.83 47.46
CA GLU C 329 14.11 -21.23 47.23
C GLU C 329 15.40 -21.37 46.43
N ALA C 330 15.55 -20.54 45.39
CA ALA C 330 16.78 -20.53 44.61
C ALA C 330 17.99 -20.15 45.45
N LEU C 331 17.81 -19.17 46.35
CA LEU C 331 18.91 -18.74 47.22
C LEU C 331 19.36 -19.84 48.19
N SER C 332 18.38 -20.54 48.77
CA SER C 332 18.65 -21.70 49.64
C SER C 332 19.36 -22.84 48.91
N GLY C 333 18.93 -23.11 47.69
CA GLY C 333 19.54 -24.14 46.86
C GLY C 333 21.00 -23.85 46.59
N LEU C 334 21.31 -22.56 46.49
CA LEU C 334 22.67 -22.06 46.28
C LEU C 334 23.53 -22.09 47.56
N GLY C 335 22.90 -22.36 48.71
CA GLY C 335 23.62 -22.53 49.97
C GLY C 335 23.55 -21.34 50.92
N VAL C 336 22.83 -20.30 50.52
CA VAL C 336 22.62 -19.11 51.34
C VAL C 336 21.59 -19.42 52.43
N ASP C 337 21.95 -19.11 53.68
CA ASP C 337 21.01 -19.14 54.79
C ASP C 337 20.12 -17.88 54.72
N THR C 338 18.84 -18.08 54.44
CA THR C 338 17.89 -17.00 54.18
C THR C 338 17.04 -16.62 55.41
N ALA C 339 17.44 -17.09 56.59
CA ALA C 339 16.67 -16.86 57.82
C ALA C 339 16.30 -15.39 58.08
N GLY C 340 17.23 -14.47 57.82
CA GLY C 340 17.02 -13.05 58.08
C GLY C 340 16.51 -12.21 56.91
N LEU C 341 16.21 -12.88 55.80
CA LEU C 341 15.71 -12.21 54.61
C LEU C 341 14.21 -12.03 54.65
N VAL C 342 13.74 -10.83 54.31
CA VAL C 342 12.31 -10.59 54.09
C VAL C 342 12.22 -10.02 52.68
N LEU C 343 11.52 -10.73 51.81
CA LEU C 343 11.46 -10.36 50.40
C LEU C 343 10.09 -9.79 50.07
N ASN C 344 10.07 -8.52 49.65
CA ASN C 344 8.83 -7.88 49.27
C ASN C 344 8.79 -7.45 47.80
N ASP C 345 9.97 -7.29 47.19
CA ASP C 345 10.10 -7.06 45.75
C ASP C 345 11.50 -7.47 45.28
N GLY C 346 11.79 -7.32 44.00
CA GLY C 346 13.08 -7.70 43.44
C GLY C 346 14.06 -6.56 43.34
N SER C 347 13.56 -5.32 43.24
CA SER C 347 14.41 -4.14 42.99
C SER C 347 15.04 -3.53 44.25
N GLY C 348 14.38 -3.71 45.40
CA GLY C 348 14.75 -3.02 46.63
C GLY C 348 14.04 -1.70 46.89
N LEU C 349 13.19 -1.28 45.96
CA LEU C 349 12.42 -0.04 46.12
C LEU C 349 11.52 -0.09 47.36
N SER C 350 10.93 -1.24 47.60
CA SER C 350 9.97 -1.39 48.71
C SER C 350 10.66 -1.27 50.06
N ARG C 351 10.04 -0.47 50.94
CA ARG C 351 10.50 -0.33 52.31
C ARG C 351 10.13 -1.54 53.16
N GLY C 352 9.44 -2.51 52.54
CA GLY C 352 9.10 -3.78 53.18
C GLY C 352 10.17 -4.86 53.06
N ASN C 353 11.31 -4.56 52.43
CA ASN C 353 12.43 -5.51 52.33
C ASN C 353 13.36 -5.46 53.56
N LEU C 354 13.93 -6.61 53.92
CA LEU C 354 14.95 -6.69 54.97
C LEU C 354 16.06 -7.67 54.60
N VAL C 355 17.30 -7.24 54.83
CA VAL C 355 18.44 -8.14 54.75
C VAL C 355 19.23 -8.08 56.07
N THR C 356 20.29 -8.88 56.14
CA THR C 356 21.38 -8.63 57.09
C THR C 356 22.69 -8.60 56.30
N ALA C 357 23.66 -7.85 56.81
CA ALA C 357 25.01 -7.83 56.21
C ALA C 357 25.67 -9.22 56.14
N ASP C 358 25.45 -10.05 57.16
CA ASP C 358 25.88 -11.46 57.14
C ASP C 358 25.29 -12.23 55.97
N THR C 359 23.98 -12.05 55.72
CA THR C 359 23.32 -12.68 54.57
C THR C 359 23.90 -12.23 53.22
N VAL C 360 24.22 -10.94 53.11
CA VAL C 360 24.74 -10.40 51.86
C VAL C 360 26.10 -11.03 51.57
N VAL C 361 26.97 -11.08 52.58
CA VAL C 361 28.30 -11.67 52.43
C VAL C 361 28.23 -13.18 52.12
N ASP C 362 27.26 -13.86 52.72
CA ASP C 362 27.02 -15.28 52.45
C ASP C 362 26.74 -15.45 50.94
N LEU C 363 25.77 -14.69 50.41
CA LEU C 363 25.49 -14.67 48.98
C LEU C 363 26.74 -14.39 48.12
N LEU C 364 27.52 -13.40 48.56
CA LEU C 364 28.72 -13.03 47.81
C LEU C 364 29.72 -14.17 47.73
N GLY C 365 29.81 -14.94 48.81
CA GLY C 365 30.65 -16.14 48.85
C GLY C 365 30.16 -17.23 47.91
N GLN C 366 28.85 -17.52 47.97
CA GLN C 366 28.24 -18.59 47.18
C GLN C 366 28.25 -18.27 45.69
N ALA C 367 27.90 -17.02 45.36
CA ALA C 367 27.86 -16.56 43.97
C ALA C 367 29.24 -16.62 43.32
N GLY C 368 30.26 -16.23 44.08
CA GLY C 368 31.64 -16.21 43.60
C GLY C 368 32.19 -17.57 43.20
N SER C 369 31.59 -18.64 43.70
CA SER C 369 32.01 -20.00 43.34
C SER C 369 30.98 -20.74 42.45
N ALA C 370 29.90 -20.06 42.08
CA ALA C 370 28.88 -20.63 41.19
C ALA C 370 29.38 -20.71 39.74
N PRO C 371 28.79 -21.60 38.91
CA PRO C 371 29.23 -21.70 37.50
C PRO C 371 29.16 -20.36 36.75
N TRP C 372 28.23 -19.50 37.15
CA TRP C 372 28.01 -18.20 36.52
C TRP C 372 28.75 -17.03 37.20
N ALA C 373 29.71 -17.34 38.08
CA ALA C 373 30.47 -16.31 38.82
C ALA C 373 30.99 -15.17 37.95
N GLN C 374 31.52 -15.49 36.76
CA GLN C 374 32.08 -14.50 35.85
C GLN C 374 31.06 -13.49 35.32
N THR C 375 29.91 -13.98 34.84
CA THR C 375 28.87 -13.08 34.34
C THR C 375 28.28 -12.23 35.48
N TRP C 376 28.19 -12.83 36.67
CA TRP C 376 27.81 -12.15 37.91
C TRP C 376 28.76 -11.00 38.25
N SER C 377 30.05 -11.32 38.38
CA SER C 377 31.10 -10.31 38.60
C SER C 377 31.06 -9.16 37.61
N ALA C 378 31.05 -9.48 36.32
CA ALA C 378 31.08 -8.49 35.24
C ALA C 378 29.94 -7.45 35.24
N SER C 379 28.78 -7.82 35.81
CA SER C 379 27.61 -6.93 35.80
C SER C 379 27.72 -5.85 36.87
N LEU C 380 28.62 -6.02 37.83
CA LEU C 380 28.74 -5.11 38.96
C LEU C 380 29.51 -3.85 38.58
N PRO C 381 29.01 -2.67 39.02
CA PRO C 381 29.72 -1.40 38.87
C PRO C 381 31.18 -1.51 39.36
N VAL C 382 32.12 -0.97 38.57
CA VAL C 382 33.54 -0.91 38.97
C VAL C 382 33.91 0.49 39.45
N ALA C 383 34.37 0.58 40.70
CA ALA C 383 34.71 1.86 41.34
C ALA C 383 35.57 2.78 40.47
N GLY C 384 35.10 4.01 40.31
CA GLY C 384 35.89 5.06 39.69
C GLY C 384 36.15 4.92 38.21
N GLU C 385 35.33 4.16 37.50
CA GLU C 385 35.51 4.02 36.04
C GLU C 385 34.55 4.96 35.34
N SER C 386 35.08 5.92 34.58
CA SER C 386 34.23 6.99 34.02
C SER C 386 33.28 6.54 32.88
N ASP C 387 33.64 5.46 32.19
CA ASP C 387 32.79 4.83 31.17
C ASP C 387 31.51 4.27 31.84
N PRO C 388 30.32 4.85 31.51
CA PRO C 388 29.08 4.47 32.23
C PRO C 388 28.77 2.96 32.30
N PHE C 389 28.97 2.25 31.19
CA PHE C 389 28.78 0.79 31.14
C PHE C 389 29.84 -0.05 31.92
N VAL C 390 30.86 0.61 32.45
CA VAL C 390 31.86 -0.04 33.30
C VAL C 390 31.69 0.43 34.76
N GLY C 391 31.71 1.74 34.95
CA GLY C 391 31.55 2.34 36.27
C GLY C 391 30.13 2.27 36.81
N GLY C 392 29.13 2.33 35.94
CA GLY C 392 27.73 2.36 36.39
C GLY C 392 27.53 3.39 37.49
N THR C 393 26.80 3.02 38.55
CA THR C 393 26.49 3.93 39.66
C THR C 393 27.69 4.24 40.57
N LEU C 394 28.86 3.70 40.21
CA LEU C 394 30.10 3.96 40.91
C LEU C 394 31.06 4.85 40.11
N ALA C 395 30.62 5.30 38.93
CA ALA C 395 31.51 6.01 37.99
C ALA C 395 32.17 7.25 38.56
N ASN C 396 31.49 7.96 39.45
CA ASN C 396 32.04 9.20 40.00
C ASN C 396 32.65 9.05 41.40
N ARG C 397 32.74 7.80 41.89
CA ARG C 397 33.23 7.56 43.26
C ARG C 397 34.58 6.86 43.27
N MET C 398 35.40 7.19 44.27
CA MET C 398 36.70 6.53 44.49
C MET C 398 37.75 6.72 43.36
N ARG C 399 37.52 7.68 42.48
CA ARG C 399 38.54 8.04 41.49
C ARG C 399 39.80 8.54 42.20
N GLY C 400 40.95 8.08 41.71
CA GLY C 400 42.25 8.46 42.26
C GLY C 400 42.54 7.82 43.61
N THR C 401 41.84 6.74 43.93
CA THR C 401 42.09 5.98 45.17
C THR C 401 42.57 4.57 44.82
N ALA C 402 43.04 3.85 45.84
CA ALA C 402 43.40 2.43 45.70
C ALA C 402 42.27 1.54 45.18
N ALA C 403 41.02 1.98 45.39
CA ALA C 403 39.82 1.25 44.96
C ALA C 403 39.53 1.44 43.45
N GLU C 404 40.08 2.49 42.83
CA GLU C 404 39.81 2.76 41.42
C GLU C 404 40.17 1.58 40.54
N GLY C 405 39.20 1.14 39.74
CA GLY C 405 39.40 0.02 38.83
C GLY C 405 39.49 -1.34 39.51
N VAL C 406 39.29 -1.38 40.83
CA VAL C 406 39.41 -2.61 41.62
C VAL C 406 38.06 -3.08 42.22
N VAL C 407 37.46 -2.24 43.05
CA VAL C 407 36.26 -2.63 43.78
C VAL C 407 35.08 -2.80 42.81
N GLU C 408 34.40 -3.94 42.92
CA GLU C 408 33.20 -4.26 42.17
C GLU C 408 32.06 -4.40 43.19
N ALA C 409 31.07 -3.51 43.12
CA ALA C 409 30.04 -3.43 44.16
C ALA C 409 28.73 -2.78 43.68
N LYS C 410 27.62 -3.26 44.26
CA LYS C 410 26.27 -2.74 44.01
C LYS C 410 25.96 -1.64 45.01
N THR C 411 25.43 -0.54 44.50
CA THR C 411 25.08 0.63 45.31
C THR C 411 23.59 0.50 45.72
N GLY C 412 23.04 1.54 46.34
CA GLY C 412 21.62 1.54 46.73
C GLY C 412 21.35 2.61 47.75
N THR C 413 20.63 3.65 47.34
CA THR C 413 20.31 4.77 48.21
C THR C 413 18.86 5.27 48.03
N MET C 414 18.15 5.41 49.14
CA MET C 414 16.93 6.20 49.24
C MET C 414 16.92 6.82 50.65
N SER C 415 15.94 7.65 51.00
CA SER C 415 16.02 8.38 52.27
C SER C 415 16.16 7.44 53.47
N GLY C 416 17.19 7.68 54.28
CA GLY C 416 17.41 6.91 55.50
C GLY C 416 18.00 5.53 55.30
N VAL C 417 18.41 5.23 54.05
CA VAL C 417 18.88 3.89 53.63
C VAL C 417 19.96 4.04 52.56
N SER C 418 21.12 3.43 52.78
CA SER C 418 22.21 3.45 51.81
C SER C 418 23.03 2.17 52.00
N ALA C 419 23.55 1.60 50.91
CA ALA C 419 24.27 0.36 50.99
C ALA C 419 25.31 0.25 49.89
N LEU C 420 26.42 -0.42 50.21
CA LEU C 420 27.45 -0.77 49.25
C LEU C 420 28.00 -2.15 49.57
N SER C 421 27.87 -3.08 48.63
CA SER C 421 28.32 -4.45 48.86
C SER C 421 28.93 -5.05 47.61
N GLY C 422 30.00 -5.83 47.80
CA GLY C 422 30.65 -6.48 46.66
C GLY C 422 32.01 -7.04 47.02
N TYR C 423 32.98 -6.89 46.10
CA TYR C 423 34.26 -7.61 46.16
C TYR C 423 35.47 -6.69 46.03
N VAL C 424 36.54 -7.07 46.69
CA VAL C 424 37.83 -6.39 46.52
C VAL C 424 38.86 -7.44 46.12
N PRO C 425 39.10 -7.60 44.80
CA PRO C 425 40.17 -8.47 44.35
C PRO C 425 41.54 -7.87 44.66
N GLY C 426 42.53 -8.74 44.85
CA GLY C 426 43.90 -8.28 45.04
C GLY C 426 44.89 -9.42 45.23
N PRO C 427 46.19 -9.11 45.10
CA PRO C 427 47.30 -10.08 45.25
C PRO C 427 47.50 -10.57 46.69
N GLU C 428 46.94 -9.84 47.66
CA GLU C 428 46.96 -10.29 49.07
C GLU C 428 45.74 -11.16 49.38
N GLY C 429 44.86 -11.32 48.40
CA GLY C 429 43.70 -12.20 48.49
C GLY C 429 42.39 -11.44 48.41
N GLU C 430 41.45 -11.98 47.63
CA GLU C 430 40.15 -11.34 47.40
C GLU C 430 39.30 -11.25 48.67
N LEU C 431 38.64 -10.11 48.85
CA LEU C 431 37.74 -9.88 49.97
C LEU C 431 36.30 -9.74 49.45
N ALA C 432 35.33 -10.12 50.29
CA ALA C 432 33.91 -9.84 50.06
C ALA C 432 33.40 -8.98 51.20
N PHE C 433 32.54 -8.02 50.90
CA PHE C 433 32.10 -7.07 51.96
C PHE C 433 30.66 -6.62 51.79
N SER C 434 30.04 -6.25 52.89
CA SER C 434 28.71 -5.64 52.88
C SER C 434 28.65 -4.51 53.91
N ILE C 435 28.15 -3.37 53.45
CA ILE C 435 27.93 -2.19 54.28
C ILE C 435 26.49 -1.76 54.06
N VAL C 436 25.68 -1.82 55.10
CA VAL C 436 24.27 -1.41 54.98
C VAL C 436 23.98 -0.37 56.06
N ASN C 437 23.65 0.86 55.64
CA ASN C 437 23.40 1.97 56.57
C ASN C 437 21.92 2.30 56.65
N ASN C 438 21.36 2.36 57.86
CA ASN C 438 19.94 2.70 58.06
C ASN C 438 19.81 3.77 59.15
N GLY C 439 18.87 4.71 58.97
CA GLY C 439 18.46 5.57 60.06
C GLY C 439 19.31 6.82 60.28
N HIS C 440 20.36 6.95 59.47
CA HIS C 440 21.08 8.21 59.35
C HIS C 440 20.09 9.29 58.93
N SER C 441 20.32 10.51 59.37
CA SER C 441 19.32 11.57 59.24
C SER C 441 19.46 12.49 58.05
N GLY C 442 20.60 12.45 57.36
CA GLY C 442 20.82 13.38 56.26
C GLY C 442 21.05 12.70 54.91
N PRO C 443 21.95 13.26 54.09
CA PRO C 443 22.30 12.64 52.80
C PRO C 443 23.00 11.31 53.00
N ALA C 444 22.89 10.41 52.03
CA ALA C 444 23.50 9.09 52.11
C ALA C 444 24.98 9.23 52.51
N PRO C 445 25.46 8.33 53.39
CA PRO C 445 26.88 8.40 53.78
C PRO C 445 27.81 7.76 52.74
N LEU C 446 27.80 8.27 51.50
CA LEU C 446 28.59 7.66 50.41
C LEU C 446 30.10 7.72 50.63
N ALA C 447 30.58 8.86 51.14
CA ALA C 447 32.02 9.00 51.44
C ALA C 447 32.50 8.00 52.50
N VAL C 448 31.64 7.68 53.47
CA VAL C 448 31.95 6.69 54.52
C VAL C 448 32.11 5.29 53.90
N GLN C 449 31.16 4.92 53.03
CA GLN C 449 31.23 3.68 52.25
C GLN C 449 32.51 3.62 51.42
N ASP C 450 32.81 4.71 50.72
CA ASP C 450 34.01 4.86 49.89
C ASP C 450 35.26 4.64 50.73
N ALA C 451 35.30 5.30 51.88
CA ALA C 451 36.44 5.21 52.77
C ALA C 451 36.72 3.77 53.23
N ILE C 452 35.66 3.03 53.56
CA ILE C 452 35.80 1.60 53.93
C ILE C 452 36.34 0.78 52.75
N ALA C 453 35.73 0.96 51.58
CA ALA C 453 36.13 0.24 50.39
C ALA C 453 37.58 0.55 50.00
N VAL C 454 37.99 1.80 50.13
CA VAL C 454 39.37 2.20 49.82
C VAL C 454 40.35 1.50 50.78
N ARG C 455 39.97 1.45 52.06
CA ARG C 455 40.78 0.80 53.09
C ARG C 455 40.92 -0.70 52.84
N LEU C 456 39.84 -1.35 52.40
CA LEU C 456 39.91 -2.76 51.98
C LEU C 456 40.82 -2.98 50.75
N ALA C 457 40.73 -2.08 49.78
CA ALA C 457 41.61 -2.09 48.60
C ALA C 457 43.10 -2.09 48.98
N GLU C 458 43.44 -1.22 49.94
CA GLU C 458 44.82 -1.14 50.48
C GLU C 458 45.22 -2.46 51.16
N TYR C 459 44.31 -3.02 51.94
CA TYR C 459 44.54 -4.28 52.64
C TYR C 459 44.81 -5.42 51.66
N ALA C 460 44.07 -5.40 50.54
CA ALA C 460 44.16 -6.42 49.50
C ALA C 460 45.41 -6.25 48.61
N GLY C 461 46.15 -5.16 48.82
CA GLY C 461 47.47 -4.98 48.21
C GLY C 461 47.52 -3.96 47.09
N HIS C 462 46.58 -3.02 47.08
CA HIS C 462 46.54 -2.01 46.05
C HIS C 462 46.99 -0.62 46.52
N GLN C 463 47.49 0.17 45.57
CA GLN C 463 47.74 1.60 45.76
C GLN C 463 47.02 2.38 44.68
N ALA C 464 46.80 3.68 44.93
CA ALA C 464 46.10 4.53 43.95
C ALA C 464 46.86 4.61 42.62
N PRO C 465 46.13 4.59 41.49
CA PRO C 465 46.73 4.79 40.17
C PRO C 465 47.41 6.16 40.08
N GLU C 466 48.39 6.35 39.36
N ARG D 1 20.70 23.50 -10.39
CA ARG D 1 22.14 23.41 -10.03
C ARG D 1 22.79 22.08 -10.46
N LEU D 2 21.98 21.08 -10.77
CA LEU D 2 22.47 19.74 -11.15
C LEU D 2 23.30 19.75 -12.44
N THR D 3 22.84 20.46 -13.47
CA THR D 3 23.58 20.56 -14.73
C THR D 3 24.98 21.14 -14.49
N GLU D 4 25.06 22.20 -13.69
CA GLU D 4 26.34 22.83 -13.35
C GLU D 4 27.24 21.90 -12.53
N LEU D 5 26.63 21.17 -11.59
CA LEU D 5 27.36 20.16 -10.80
C LEU D 5 28.04 19.14 -11.72
N ARG D 6 27.25 18.61 -12.66
CA ARG D 6 27.75 17.63 -13.63
C ARG D 6 28.87 18.19 -14.49
N GLU D 7 28.72 19.43 -14.96
CA GLU D 7 29.76 20.11 -15.72
C GLU D 7 31.02 20.31 -14.89
N ASP D 8 30.84 20.72 -13.64
CA ASP D 8 31.96 20.94 -12.74
C ASP D 8 32.75 19.65 -12.50
N ILE D 9 32.03 18.56 -12.24
CA ILE D 9 32.66 17.25 -12.07
C ILE D 9 33.32 16.79 -13.38
N ASP D 10 32.63 16.96 -14.52
CA ASP D 10 33.21 16.66 -15.83
C ASP D 10 34.56 17.35 -15.97
N ALA D 11 34.58 18.65 -15.67
CA ALA D 11 35.78 19.48 -15.79
C ALA D 11 36.91 18.99 -14.88
N ILE D 12 36.57 18.65 -13.64
CA ILE D 12 37.54 18.13 -12.66
C ILE D 12 38.26 16.88 -13.18
N LEU D 13 37.51 16.00 -13.82
CA LEU D 13 38.05 14.73 -14.30
C LEU D 13 38.87 14.83 -15.60
N GLU D 14 39.06 16.04 -16.12
CA GLU D 14 39.93 16.23 -17.28
C GLU D 14 41.38 16.50 -16.84
N ASP D 15 41.60 16.46 -15.53
CA ASP D 15 42.89 16.77 -14.89
C ASP D 15 44.04 15.88 -15.38
N PRO D 16 45.20 16.50 -15.70
CA PRO D 16 46.39 15.78 -16.17
C PRO D 16 46.86 14.64 -15.25
N ALA D 17 46.62 14.75 -13.94
CA ALA D 17 46.95 13.68 -13.00
C ALA D 17 46.26 12.35 -13.33
N LEU D 18 45.10 12.45 -14.00
CA LEU D 18 44.31 11.28 -14.42
C LEU D 18 44.58 10.80 -15.85
N GLU D 19 45.70 11.24 -16.43
CA GLU D 19 46.08 10.83 -17.79
C GLU D 19 46.34 9.33 -17.88
N GLY D 20 45.60 8.67 -18.77
CA GLY D 20 45.72 7.23 -18.95
C GLY D 20 45.09 6.39 -17.85
N ALA D 21 44.30 7.04 -16.99
CA ALA D 21 43.65 6.36 -15.88
C ALA D 21 42.18 6.06 -16.19
N VAL D 22 41.60 5.11 -15.44
CA VAL D 22 40.17 4.85 -15.48
C VAL D 22 39.58 5.25 -14.13
N SER D 23 38.49 6.01 -14.16
CA SER D 23 37.87 6.54 -12.95
C SER D 23 36.37 6.25 -12.92
N GLY D 24 35.95 5.47 -11.93
CA GLY D 24 34.54 5.19 -11.69
C GLY D 24 34.03 6.23 -10.72
N VAL D 25 33.11 7.06 -11.18
CA VAL D 25 32.54 8.11 -10.32
C VAL D 25 31.02 8.06 -10.36
N VAL D 26 30.44 7.79 -9.20
CA VAL D 26 28.99 7.66 -9.05
C VAL D 26 28.50 8.46 -7.84
N VAL D 27 27.48 9.28 -8.06
CA VAL D 27 26.86 10.03 -6.95
C VAL D 27 25.35 9.80 -6.95
N VAL D 28 24.81 9.46 -5.79
CA VAL D 28 23.39 9.09 -5.66
C VAL D 28 22.73 9.88 -4.54
N ASP D 29 21.55 10.39 -4.83
CA ASP D 29 20.72 11.09 -3.85
C ASP D 29 20.01 10.01 -3.06
N THR D 30 20.41 9.87 -1.81
CA THR D 30 19.98 8.78 -0.94
C THR D 30 18.50 8.83 -0.55
N ALA D 31 17.97 10.04 -0.41
CA ALA D 31 16.55 10.20 -0.10
C ALA D 31 15.67 9.70 -1.26
N THR D 32 16.08 10.01 -2.50
CA THR D 32 15.29 9.68 -3.69
C THR D 32 15.74 8.42 -4.42
N GLY D 33 17.05 8.14 -4.37
CA GLY D 33 17.65 7.05 -5.14
C GLY D 33 18.10 7.45 -6.54
N GLU D 34 17.92 8.73 -6.90
CA GLU D 34 18.33 9.21 -8.21
C GLU D 34 19.85 9.28 -8.33
N GLU D 35 20.35 8.92 -9.51
CA GLU D 35 21.76 9.09 -9.84
C GLU D 35 21.97 10.52 -10.25
N LEU D 36 22.85 11.22 -9.54
CA LEU D 36 23.18 12.60 -9.86
C LEU D 36 24.35 12.67 -10.84
N TYR D 37 25.21 11.66 -10.77
CA TYR D 37 26.37 11.58 -11.64
C TYR D 37 26.82 10.13 -11.82
N SER D 38 27.22 9.78 -13.03
CA SER D 38 27.69 8.43 -13.33
C SER D 38 28.70 8.39 -14.49
N ARG D 39 29.94 8.07 -14.17
CA ARG D 39 30.93 7.76 -15.20
C ARG D 39 31.64 6.46 -14.86
N ASP D 40 31.63 5.54 -15.84
CA ASP D 40 32.26 4.23 -15.71
C ASP D 40 31.88 3.52 -14.42
N GLY D 41 30.59 3.62 -14.07
CA GLY D 41 30.03 3.06 -12.83
C GLY D 41 30.14 1.54 -12.72
N GLY D 42 30.19 0.87 -13.88
CA GLY D 42 30.23 -0.59 -13.93
C GLY D 42 31.59 -1.15 -14.27
N GLU D 43 32.61 -0.29 -14.29
CA GLU D 43 33.98 -0.71 -14.59
C GLU D 43 34.60 -1.39 -13.37
N GLN D 44 35.23 -2.54 -13.58
CA GLN D 44 35.88 -3.27 -12.48
C GLN D 44 37.28 -2.70 -12.19
N LEU D 45 37.49 -2.33 -10.94
CA LEU D 45 38.69 -1.60 -10.53
C LEU D 45 39.17 -2.08 -9.18
N LEU D 46 40.47 -2.03 -8.94
CA LEU D 46 40.99 -2.37 -7.61
C LEU D 46 40.54 -1.28 -6.63
N PRO D 47 40.06 -1.69 -5.43
CA PRO D 47 39.55 -0.70 -4.45
C PRO D 47 40.56 -0.20 -3.41
N ALA D 48 41.74 -0.83 -3.30
CA ALA D 48 42.60 -0.67 -2.12
C ALA D 48 41.73 -0.74 -0.85
N SER D 49 42.00 0.09 0.16
CA SER D 49 41.25 0.01 1.42
C SER D 49 39.76 0.32 1.38
N ASN D 50 39.19 0.64 0.22
CA ASN D 50 37.74 0.75 0.13
C ASN D 50 37.06 -0.62 0.25
N MET D 51 37.86 -1.67 0.11
CA MET D 51 37.42 -3.02 0.41
C MET D 51 36.88 -3.13 1.84
N LYS D 52 37.46 -2.36 2.77
CA LYS D 52 37.03 -2.40 4.16
C LYS D 52 35.56 -2.05 4.40
N LEU D 53 34.95 -1.29 3.46
CA LEU D 53 33.52 -1.01 3.54
C LEU D 53 32.72 -2.29 3.45
N PHE D 54 33.12 -3.17 2.54
CA PHE D 54 32.47 -4.47 2.40
C PHE D 54 32.68 -5.34 3.62
N THR D 55 33.93 -5.41 4.09
CA THR D 55 34.29 -6.21 5.24
C THR D 55 33.53 -5.77 6.51
N ALA D 56 33.48 -4.45 6.76
CA ALA D 56 32.79 -3.91 7.96
C ALA D 56 31.29 -4.19 7.93
N ALA D 57 30.66 -3.98 6.77
CA ALA D 57 29.24 -4.26 6.60
C ALA D 57 28.91 -5.75 6.84
N ALA D 58 29.69 -6.63 6.23
CA ALA D 58 29.58 -8.07 6.46
C ALA D 58 29.83 -8.47 7.92
N ALA D 59 30.81 -7.83 8.56
CA ALA D 59 31.08 -8.10 9.99
C ALA D 59 29.87 -7.74 10.86
N LEU D 60 29.25 -6.60 10.56
CA LEU D 60 28.10 -6.10 11.31
C LEU D 60 26.88 -7.01 11.12
N GLU D 61 26.67 -7.47 9.88
CA GLU D 61 25.59 -8.41 9.56
C GLU D 61 25.79 -9.79 10.22
N VAL D 62 27.01 -10.32 10.17
CA VAL D 62 27.28 -11.70 10.60
C VAL D 62 27.52 -11.82 12.10
N LEU D 63 28.36 -10.95 12.64
CA LEU D 63 28.75 -10.97 14.05
C LEU D 63 27.79 -10.15 14.93
N GLY D 64 27.29 -9.04 14.40
CA GLY D 64 26.45 -8.09 15.17
C GLY D 64 27.25 -6.96 15.79
N ALA D 65 26.60 -5.81 16.00
CA ALA D 65 27.23 -4.65 16.61
C ALA D 65 27.66 -4.87 18.06
N ASP D 66 27.01 -5.79 18.78
CA ASP D 66 27.47 -6.08 20.15
C ASP D 66 28.30 -7.33 20.31
N HIS D 67 28.86 -7.83 19.21
CA HIS D 67 29.75 -8.97 19.28
C HIS D 67 31.05 -8.61 20.02
N SER D 68 31.51 -9.49 20.91
CA SER D 68 32.76 -9.28 21.63
C SER D 68 33.70 -10.47 21.42
N PHE D 69 34.97 -10.26 21.71
CA PHE D 69 36.00 -11.27 21.42
C PHE D 69 36.67 -11.66 22.72
N GLY D 70 36.93 -12.96 22.88
CA GLY D 70 37.41 -13.51 24.14
C GLY D 70 38.83 -14.02 24.05
N THR D 71 39.52 -13.97 25.19
CA THR D 71 40.86 -14.55 25.35
C THR D 71 40.84 -15.26 26.71
N GLU D 72 41.38 -16.48 26.77
CA GLU D 72 41.36 -17.28 28.02
C GLU D 72 42.72 -17.84 28.39
N VAL D 73 42.82 -18.26 29.65
CA VAL D 73 43.97 -18.99 30.15
C VAL D 73 43.49 -20.33 30.74
N ALA D 74 44.11 -21.43 30.33
CA ALA D 74 43.61 -22.78 30.67
C ALA D 74 44.69 -23.71 31.20
N ALA D 75 44.34 -24.49 32.23
CA ALA D 75 45.14 -25.61 32.72
C ALA D 75 44.29 -26.90 32.71
N GLU D 76 44.93 -28.07 32.77
CA GLU D 76 44.20 -29.35 32.73
C GLU D 76 43.17 -29.47 33.85
N SER D 77 43.51 -28.95 35.02
CA SER D 77 42.58 -28.77 36.13
C SER D 77 43.08 -27.69 37.07
N ALA D 78 42.28 -27.38 38.10
CA ALA D 78 42.61 -26.37 39.10
C ALA D 78 43.90 -26.74 39.84
N PRO D 79 44.67 -25.74 40.26
CA PRO D 79 45.85 -26.04 41.08
C PRO D 79 45.45 -26.61 42.45
N GLY D 80 46.32 -27.41 43.04
CA GLY D 80 46.17 -27.84 44.43
C GLY D 80 46.48 -26.70 45.39
N ARG D 81 46.37 -26.99 46.68
CA ARG D 81 46.72 -26.03 47.74
C ARG D 81 48.16 -25.49 47.63
N ARG D 82 49.07 -26.32 47.12
CA ARG D 82 50.48 -25.94 46.93
C ARG D 82 50.65 -24.99 45.72
N GLY D 83 49.59 -24.88 44.90
CA GLY D 83 49.53 -23.88 43.85
C GLY D 83 50.33 -24.17 42.60
N GLU D 84 50.41 -25.45 42.22
CA GLU D 84 51.17 -25.85 41.04
C GLU D 84 50.26 -26.32 39.93
N VAL D 85 50.61 -25.97 38.69
CA VAL D 85 50.02 -26.61 37.52
C VAL D 85 51.16 -27.14 36.66
N GLN D 86 50.85 -27.97 35.69
CA GLN D 86 51.87 -28.44 34.79
C GLN D 86 51.99 -27.44 33.64
N ASP D 87 51.33 -27.74 32.50
CA ASP D 87 51.33 -26.87 31.33
C ASP D 87 50.21 -25.83 31.44
N LEU D 88 50.38 -24.72 30.72
CA LEU D 88 49.45 -23.59 30.78
C LEU D 88 49.30 -23.03 29.37
N TYR D 89 48.05 -22.74 28.97
CA TYR D 89 47.74 -22.28 27.62
C TYR D 89 47.12 -20.88 27.64
N LEU D 90 47.68 -19.96 26.84
CA LEU D 90 47.04 -18.67 26.57
C LEU D 90 46.32 -18.87 25.26
N VAL D 91 44.99 -18.70 25.31
CA VAL D 91 44.13 -19.06 24.20
C VAL D 91 43.48 -17.80 23.63
N GLY D 92 43.77 -17.46 22.38
CA GLY D 92 43.14 -16.31 21.72
C GLY D 92 41.99 -16.72 20.81
N ARG D 93 40.84 -16.05 20.91
CA ARG D 93 39.74 -16.27 19.95
C ARG D 93 39.39 -15.00 19.16
N GLY D 94 40.42 -14.35 18.62
CA GLY D 94 40.23 -13.31 17.61
C GLY D 94 40.06 -11.87 18.05
N ASP D 95 40.48 -11.55 19.27
CA ASP D 95 40.43 -10.16 19.76
C ASP D 95 41.50 -9.32 19.03
N PRO D 96 41.05 -8.31 18.25
CA PRO D 96 41.99 -7.45 17.55
C PRO D 96 42.43 -6.24 18.37
N THR D 97 42.04 -6.22 19.65
CA THR D 97 42.34 -5.12 20.57
C THR D 97 42.94 -5.61 21.90
N LEU D 98 43.66 -6.73 21.87
CA LEU D 98 44.25 -7.33 23.07
C LEU D 98 45.57 -6.66 23.40
N SER D 99 45.66 -5.99 24.55
CA SER D 99 46.86 -5.22 24.92
C SER D 99 47.75 -5.93 25.93
N ALA D 100 48.96 -5.43 26.07
CA ALA D 100 49.88 -5.85 27.10
C ALA D 100 49.26 -5.67 28.49
N GLU D 101 48.51 -4.58 28.68
CA GLU D 101 47.79 -4.36 29.94
C GLU D 101 46.78 -5.47 30.20
N ASP D 102 46.03 -5.84 29.16
CA ASP D 102 45.03 -6.93 29.25
C ASP D 102 45.68 -8.25 29.67
N LEU D 103 46.88 -8.51 29.14
CA LEU D 103 47.67 -9.68 29.54
C LEU D 103 48.05 -9.62 31.02
N ASP D 104 48.40 -8.43 31.49
CA ASP D 104 48.76 -8.24 32.90
C ASP D 104 47.57 -8.57 33.79
N ALA D 105 46.39 -8.07 33.45
CA ALA D 105 45.17 -8.37 34.19
C ALA D 105 44.86 -9.88 34.22
N MET D 106 45.10 -10.56 33.10
CA MET D 106 44.88 -12.00 33.05
C MET D 106 45.89 -12.75 33.91
N ALA D 107 47.15 -12.29 33.90
CA ALA D 107 48.19 -12.82 34.76
C ALA D 107 47.83 -12.65 36.24
N ALA D 108 47.21 -11.52 36.59
CA ALA D 108 46.78 -11.29 37.97
C ALA D 108 45.65 -12.26 38.38
N GLU D 109 44.75 -12.57 37.45
CA GLU D 109 43.68 -13.55 37.69
C GLU D 109 44.23 -14.97 37.90
N VAL D 110 45.21 -15.35 37.08
CA VAL D 110 45.90 -16.65 37.21
C VAL D 110 46.41 -16.83 38.65
N ALA D 111 47.13 -15.82 39.15
CA ALA D 111 47.63 -15.85 40.53
C ALA D 111 46.48 -15.90 41.53
N ALA D 112 45.42 -15.11 41.29
CA ALA D 112 44.25 -15.08 42.18
C ALA D 112 43.46 -16.40 42.19
N SER D 113 43.53 -17.14 41.10
CA SER D 113 42.94 -18.49 41.02
C SER D 113 43.74 -19.51 41.83
N GLY D 114 44.90 -19.11 42.33
CA GLY D 114 45.70 -19.95 43.22
C GLY D 114 46.96 -20.53 42.63
N VAL D 115 47.34 -20.09 41.43
CA VAL D 115 48.57 -20.59 40.80
C VAL D 115 49.77 -19.72 41.18
N ARG D 116 50.87 -20.37 41.51
CA ARG D 116 52.13 -19.63 41.71
C ARG D 116 53.34 -20.29 41.06
N THR D 117 53.17 -21.51 40.56
CA THR D 117 54.20 -22.18 39.78
C THR D 117 53.60 -22.91 38.58
N VAL D 118 54.12 -22.58 37.39
CA VAL D 118 53.85 -23.35 36.19
C VAL D 118 55.08 -24.26 36.01
N ARG D 119 54.92 -25.54 36.34
CA ARG D 119 56.04 -26.49 36.32
C ARG D 119 56.41 -26.88 34.90
N GLY D 120 55.41 -27.02 34.04
CA GLY D 120 55.64 -27.42 32.67
C GLY D 120 55.88 -26.21 31.79
N ASP D 121 55.31 -26.24 30.59
CA ASP D 121 55.55 -25.22 29.58
C ASP D 121 54.36 -24.29 29.41
N LEU D 122 54.60 -23.06 28.93
CA LEU D 122 53.51 -22.13 28.59
C LEU D 122 53.32 -22.08 27.06
N TYR D 123 52.09 -22.36 26.61
CA TYR D 123 51.78 -22.42 25.19
C TYR D 123 50.89 -21.26 24.75
N ALA D 124 51.16 -20.74 23.55
CA ALA D 124 50.32 -19.73 22.93
C ALA D 124 49.45 -20.43 21.89
N ASP D 125 48.14 -20.43 22.14
CA ASP D 125 47.17 -21.13 21.32
C ASP D 125 46.42 -20.14 20.44
N ASP D 126 46.73 -20.15 19.14
CA ASP D 126 45.99 -19.34 18.17
C ASP D 126 45.19 -20.21 17.19
N THR D 127 44.90 -21.45 17.57
CA THR D 127 44.25 -22.43 16.70
C THR D 127 42.82 -22.09 16.31
N TRP D 128 42.24 -21.06 16.92
CA TRP D 128 40.89 -20.57 16.58
C TRP D 128 40.78 -20.12 15.10
N PHE D 129 41.88 -19.58 14.56
CA PHE D 129 42.04 -19.31 13.12
C PHE D 129 43.12 -20.30 12.63
N ASP D 130 43.23 -20.45 11.31
CA ASP D 130 44.30 -21.28 10.73
C ASP D 130 45.65 -20.55 10.88
N SER D 131 46.72 -21.15 10.38
CA SER D 131 48.04 -20.56 10.53
C SER D 131 48.54 -19.88 9.26
N GLU D 132 47.63 -19.59 8.31
CA GLU D 132 48.00 -18.82 7.12
C GLU D 132 48.14 -17.35 7.53
N ARG D 133 49.40 -16.89 7.56
CA ARG D 133 49.72 -15.59 8.13
C ARG D 133 49.47 -14.43 7.17
N LEU D 134 49.62 -14.71 5.86
CA LEU D 134 49.62 -13.67 4.83
C LEU D 134 48.85 -14.16 3.61
N VAL D 135 48.15 -13.25 2.94
CA VAL D 135 47.47 -13.58 1.68
C VAL D 135 48.50 -13.89 0.60
N ASP D 136 48.25 -14.91 -0.22
CA ASP D 136 49.26 -15.41 -1.15
C ASP D 136 49.84 -14.33 -2.04
N ASP D 137 48.97 -13.48 -2.60
CA ASP D 137 49.44 -12.44 -3.55
C ASP D 137 49.91 -11.11 -2.93
N TRP D 138 49.89 -11.01 -1.59
CA TRP D 138 50.55 -9.90 -0.91
C TRP D 138 52.06 -9.94 -1.26
N TRP D 139 52.71 -8.77 -1.24
CA TRP D 139 54.14 -8.65 -1.60
C TRP D 139 55.08 -8.77 -0.38
N PRO D 140 56.12 -9.63 -0.48
CA PRO D 140 57.02 -9.87 0.65
C PRO D 140 57.86 -8.67 1.05
N GLU D 141 58.17 -7.78 0.11
CA GLU D 141 58.86 -6.53 0.46
C GLU D 141 58.05 -5.64 1.43
N ASP D 142 56.72 -5.82 1.50
CA ASP D 142 55.85 -5.05 2.41
C ASP D 142 55.81 -5.60 3.84
N GLU D 143 56.34 -6.81 4.02
CA GLU D 143 56.15 -7.53 5.27
C GLU D 143 56.62 -6.83 6.58
N PRO D 144 57.72 -6.04 6.54
CA PRO D 144 58.19 -5.40 7.79
C PRO D 144 57.24 -4.33 8.37
N TYR D 145 56.31 -3.83 7.55
CA TYR D 145 55.48 -2.66 7.92
C TYR D 145 54.13 -3.05 8.53
N ALA D 146 53.63 -2.18 9.42
CA ALA D 146 52.52 -2.52 10.31
C ALA D 146 51.31 -3.01 9.56
N TYR D 147 51.02 -2.36 8.43
CA TYR D 147 49.87 -2.70 7.61
C TYR D 147 49.96 -4.13 7.02
N SER D 148 51.16 -4.70 7.00
CA SER D 148 51.35 -6.04 6.48
C SER D 148 51.57 -7.10 7.57
N ALA D 149 51.20 -6.79 8.82
CA ALA D 149 51.37 -7.76 9.93
C ALA D 149 50.69 -9.10 9.67
N GLN D 150 51.32 -10.15 10.18
CA GLN D 150 50.82 -11.51 10.07
C GLN D 150 49.49 -11.65 10.80
N ILE D 151 48.61 -12.48 10.27
CA ILE D 151 47.27 -12.68 10.85
C ILE D 151 47.25 -13.87 11.82
N SER D 152 46.75 -13.62 13.03
CA SER D 152 46.61 -14.66 14.05
C SER D 152 45.38 -14.41 14.92
N ALA D 153 44.79 -15.50 15.41
CA ALA D 153 43.74 -15.41 16.41
C ALA D 153 44.26 -14.90 17.76
N LEU D 154 45.58 -15.01 17.99
CA LEU D 154 46.21 -14.52 19.20
C LEU D 154 47.29 -13.51 18.85
N THR D 155 46.99 -12.23 18.99
CA THR D 155 47.95 -11.19 18.66
C THR D 155 47.90 -10.05 19.69
N VAL D 156 49.05 -9.49 20.03
CA VAL D 156 49.07 -8.28 20.89
C VAL D 156 48.89 -6.98 20.08
N ALA D 157 47.91 -6.17 20.47
CA ALA D 157 47.67 -4.89 19.80
C ALA D 157 48.37 -3.73 20.55
N HIS D 158 49.09 -2.91 19.78
CA HIS D 158 49.85 -1.77 20.31
C HIS D 158 49.07 -0.45 20.25
N GLY D 159 49.06 0.27 21.39
CA GLY D 159 48.58 1.66 21.45
C GLY D 159 47.07 1.76 21.37
N GLU D 160 46.55 2.99 21.44
CA GLU D 160 45.11 3.22 21.44
C GLU D 160 44.51 2.90 20.07
N ARG D 161 45.37 2.86 19.04
CA ARG D 161 44.97 2.50 17.68
C ARG D 161 44.88 0.98 17.46
N PHE D 162 45.43 0.19 18.39
CA PHE D 162 45.41 -1.27 18.33
C PHE D 162 46.04 -1.85 17.06
N ASP D 163 47.29 -1.43 16.78
CA ASP D 163 48.05 -2.05 15.70
C ASP D 163 48.56 -3.40 16.18
N THR D 164 48.15 -4.48 15.50
CA THR D 164 48.42 -5.86 15.93
C THR D 164 49.69 -6.42 15.27
N GLY D 165 50.34 -7.35 15.98
CA GLY D 165 51.44 -8.13 15.39
C GLY D 165 52.68 -7.30 15.15
N VAL D 166 52.79 -6.20 15.91
CA VAL D 166 53.92 -5.28 15.81
C VAL D 166 54.61 -5.02 17.14
N THR D 167 55.82 -4.47 17.04
CA THR D 167 56.54 -3.95 18.19
C THR D 167 56.99 -2.54 17.87
N GLU D 168 57.11 -1.68 18.88
CA GLU D 168 57.61 -0.33 18.63
C GLU D 168 59.12 -0.34 18.79
N VAL D 169 59.79 0.01 17.70
CA VAL D 169 61.24 0.16 17.66
C VAL D 169 61.56 1.63 17.90
N SER D 170 62.45 1.90 18.85
CA SER D 170 62.87 3.26 19.08
C SER D 170 64.39 3.42 18.92
N VAL D 171 64.78 4.45 18.18
CA VAL D 171 66.19 4.69 17.88
C VAL D 171 66.62 6.04 18.43
N THR D 172 67.60 6.02 19.33
CA THR D 172 68.09 7.24 19.98
C THR D 172 69.54 7.51 19.52
N PRO D 173 69.79 8.70 18.93
CA PRO D 173 71.14 8.98 18.47
C PRO D 173 72.04 9.21 19.67
N ALA D 174 73.31 8.86 19.53
CA ALA D 174 74.31 9.27 20.49
C ALA D 174 74.93 10.58 20.01
N ALA D 175 76.25 10.70 20.05
CA ALA D 175 76.94 11.87 19.55
C ALA D 175 77.51 11.53 18.17
N GLU D 176 77.85 12.55 17.38
CA GLU D 176 78.40 12.33 16.04
C GLU D 176 79.46 11.22 16.04
N GLY D 177 79.33 10.31 15.07
CA GLY D 177 80.29 9.24 14.84
C GLY D 177 80.22 8.06 15.78
N GLU D 178 79.22 8.05 16.67
CA GLU D 178 79.00 6.95 17.60
C GLU D 178 77.76 6.13 17.21
N PRO D 179 77.71 4.85 17.65
CA PRO D 179 76.54 4.00 17.34
C PRO D 179 75.22 4.57 17.87
N ALA D 180 74.13 4.32 17.17
CA ALA D 180 72.81 4.68 17.68
C ALA D 180 72.35 3.61 18.65
N ASP D 181 71.48 4.00 19.59
CA ASP D 181 70.86 3.05 20.48
C ASP D 181 69.52 2.60 19.91
N VAL D 182 69.28 1.29 19.91
CA VAL D 182 68.00 0.74 19.44
C VAL D 182 67.30 -0.09 20.54
N ASP D 183 66.08 0.31 20.91
CA ASP D 183 65.19 -0.48 21.77
C ASP D 183 64.15 -1.17 20.89
N LEU D 184 63.92 -2.45 21.14
CA LEU D 184 62.97 -3.23 20.35
C LEU D 184 61.51 -3.19 20.86
N GLY D 185 61.30 -2.53 22.00
CA GLY D 185 59.96 -2.42 22.60
C GLY D 185 59.47 -3.75 23.16
N ALA D 186 58.19 -4.04 22.94
CA ALA D 186 57.58 -5.28 23.40
C ALA D 186 58.36 -6.53 23.00
N ALA D 187 58.98 -6.48 21.83
CA ALA D 187 59.65 -7.66 21.26
C ALA D 187 61.08 -7.82 21.77
N GLU D 188 61.48 -6.96 22.70
CA GLU D 188 62.77 -7.08 23.39
C GLU D 188 62.81 -8.48 24.04
N GLY D 189 63.81 -9.28 23.67
CA GLY D 189 63.93 -10.67 24.18
C GLY D 189 63.10 -11.69 23.41
N TYR D 190 62.45 -11.26 22.33
CA TYR D 190 61.74 -12.18 21.44
C TYR D 190 62.33 -12.12 20.03
N ALA D 191 62.37 -10.92 19.45
CA ALA D 191 63.01 -10.70 18.15
C ALA D 191 64.50 -10.48 18.33
N GLU D 192 65.28 -10.84 17.31
CA GLU D 192 66.72 -10.57 17.30
C GLU D 192 67.02 -9.15 16.78
N LEU D 193 68.10 -8.55 17.27
CA LEU D 193 68.51 -7.21 16.84
C LEU D 193 69.82 -7.26 16.08
N ASP D 194 69.82 -6.71 14.86
CA ASP D 194 71.05 -6.45 14.13
C ASP D 194 71.21 -4.95 13.90
N ASN D 195 71.85 -4.27 14.85
CA ASN D 195 71.94 -2.82 14.82
C ASN D 195 73.29 -2.37 14.26
N ARG D 196 73.26 -1.90 13.01
CA ARG D 196 74.45 -1.32 12.38
C ARG D 196 74.36 0.20 12.29
N ALA D 197 73.25 0.78 12.77
CA ALA D 197 73.03 2.23 12.68
C ALA D 197 74.09 3.06 13.42
N VAL D 198 74.51 4.16 12.79
CA VAL D 198 75.42 5.11 13.41
C VAL D 198 74.76 6.47 13.56
N THR D 199 75.39 7.31 14.38
CA THR D 199 75.00 8.71 14.56
C THR D 199 75.87 9.61 13.69
N GLY D 200 75.22 10.45 12.89
CA GLY D 200 75.93 11.47 12.10
C GLY D 200 75.98 12.82 12.79
N ALA D 201 76.63 13.77 12.13
CA ALA D 201 76.74 15.13 12.65
C ALA D 201 75.35 15.75 12.78
N ALA D 202 75.21 16.70 13.70
CA ALA D 202 73.99 17.52 13.75
C ALA D 202 73.71 18.04 12.33
N GLY D 203 72.44 18.00 11.93
CA GLY D 203 72.04 18.53 10.61
C GLY D 203 72.55 17.77 9.39
N SER D 204 73.22 16.63 9.61
CA SER D 204 73.65 15.73 8.53
C SER D 204 72.47 15.01 7.86
N ALA D 205 72.72 14.37 6.73
CA ALA D 205 71.69 13.63 5.98
C ALA D 205 71.17 12.45 6.81
N ASN D 206 69.85 12.36 6.97
CA ASN D 206 69.21 11.25 7.66
C ASN D 206 69.05 10.07 6.69
N THR D 207 69.73 8.96 6.98
CA THR D 207 69.69 7.78 6.12
C THR D 207 69.28 6.51 6.86
N LEU D 208 68.72 6.67 8.07
CA LEU D 208 68.27 5.56 8.91
C LEU D 208 67.21 4.70 8.22
N VAL D 209 67.43 3.38 8.27
CA VAL D 209 66.49 2.38 7.75
C VAL D 209 66.30 1.26 8.79
N ILE D 210 65.04 0.98 9.10
CA ILE D 210 64.67 -0.08 10.04
C ILE D 210 63.87 -1.10 9.24
N ASP D 211 64.44 -2.31 9.18
CA ASP D 211 63.96 -3.40 8.33
C ASP D 211 63.75 -4.67 9.16
N ARG D 212 62.92 -5.56 8.65
CA ARG D 212 62.93 -6.97 9.08
C ARG D 212 63.14 -7.86 7.85
N PRO D 213 64.38 -8.35 7.62
CA PRO D 213 64.62 -9.17 6.42
C PRO D 213 63.62 -10.35 6.29
N VAL D 214 63.14 -10.61 5.07
CA VAL D 214 62.10 -11.64 4.83
C VAL D 214 62.42 -13.00 5.40
N GLY D 215 61.41 -13.62 5.99
CA GLY D 215 61.55 -14.97 6.51
C GLY D 215 62.32 -15.07 7.81
N THR D 216 62.70 -13.91 8.38
CA THR D 216 63.46 -13.87 9.63
C THR D 216 62.71 -13.11 10.74
N ASN D 217 63.14 -13.33 11.97
CA ASN D 217 62.60 -12.60 13.13
C ASN D 217 63.66 -11.64 13.69
N THR D 218 64.34 -10.95 12.79
CA THR D 218 65.43 -10.05 13.16
C THR D 218 65.12 -8.64 12.70
N ILE D 219 65.17 -7.68 13.63
CA ILE D 219 65.05 -6.27 13.27
C ILE D 219 66.45 -5.76 12.90
N ALA D 220 66.62 -5.36 11.63
CA ALA D 220 67.92 -4.92 11.10
C ALA D 220 67.90 -3.41 10.87
N VAL D 221 68.83 -2.74 11.55
CA VAL D 221 68.90 -1.28 11.46
C VAL D 221 70.23 -0.87 10.84
N THR D 222 70.13 -0.01 9.82
CA THR D 222 71.29 0.46 9.07
C THR D 222 71.22 1.98 8.89
N GLY D 223 72.28 2.55 8.33
CA GLY D 223 72.28 3.96 7.94
C GLY D 223 72.64 4.84 9.12
N SER D 224 72.28 6.12 9.03
CA SER D 224 72.82 7.17 9.93
C SER D 224 71.72 8.13 10.40
N LEU D 225 71.61 8.31 11.72
CA LEU D 225 70.65 9.27 12.27
C LEU D 225 71.45 10.46 12.80
N PRO D 226 71.06 11.70 12.40
CA PRO D 226 71.78 12.89 12.87
C PRO D 226 71.74 13.03 14.39
N ALA D 227 72.80 13.59 14.96
CA ALA D 227 72.92 13.74 16.42
C ALA D 227 71.77 14.55 17.03
N ASP D 228 71.28 15.54 16.29
CA ASP D 228 70.24 16.45 16.79
C ASP D 228 68.83 16.08 16.33
N ALA D 229 68.69 14.92 15.71
CA ALA D 229 67.38 14.45 15.26
C ALA D 229 66.61 13.96 16.48
N ALA D 230 65.29 14.17 16.49
CA ALA D 230 64.45 13.60 17.54
C ALA D 230 64.56 12.08 17.51
N PRO D 231 64.55 11.44 18.70
CA PRO D 231 64.57 9.98 18.77
C PRO D 231 63.41 9.42 17.93
N VAL D 232 63.70 8.36 17.18
CA VAL D 232 62.73 7.81 16.22
C VAL D 232 61.92 6.69 16.86
N THR D 233 60.62 6.68 16.58
CA THR D 233 59.79 5.53 16.91
C THR D 233 59.17 5.01 15.64
N ALA D 234 59.23 3.68 15.46
CA ALA D 234 58.63 3.03 14.29
C ALA D 234 58.08 1.64 14.62
N LEU D 235 56.84 1.40 14.21
CA LEU D 235 56.23 0.08 14.32
C LEU D 235 56.77 -0.88 13.27
N ARG D 236 57.31 -2.00 13.73
CA ARG D 236 57.71 -3.08 12.83
C ARG D 236 57.02 -4.41 13.22
N THR D 237 56.69 -5.21 12.21
CA THR D 237 56.09 -6.51 12.40
C THR D 237 57.09 -7.49 13.02
N VAL D 238 56.56 -8.54 13.66
CA VAL D 238 57.40 -9.65 14.08
C VAL D 238 56.88 -10.91 13.42
N ASP D 239 57.71 -11.95 13.37
CA ASP D 239 57.22 -13.27 12.94
C ASP D 239 56.42 -13.88 14.08
N GLU D 240 55.32 -14.57 13.74
CA GLU D 240 54.48 -15.31 14.70
C GLU D 240 53.95 -14.44 15.87
N PRO D 241 52.93 -13.60 15.59
CA PRO D 241 52.36 -12.74 16.63
C PRO D 241 52.00 -13.47 17.91
N ALA D 242 51.51 -14.71 17.80
CA ALA D 242 51.01 -15.42 18.98
C ALA D 242 52.16 -15.80 19.90
N ALA D 243 53.33 -16.04 19.30
CA ALA D 243 54.55 -16.36 20.07
C ALA D 243 55.09 -15.15 20.82
N LEU D 244 54.89 -13.95 20.25
CA LEU D 244 55.17 -12.74 21.01
C LEU D 244 54.18 -12.58 22.18
N ALA D 245 52.91 -12.89 21.93
CA ALA D 245 51.91 -12.84 22.99
C ALA D 245 52.29 -13.76 24.15
N GLY D 246 52.79 -14.96 23.82
CA GLY D 246 53.27 -15.92 24.84
C GLY D 246 54.44 -15.38 25.63
N HIS D 247 55.40 -14.78 24.92
CA HIS D 247 56.53 -14.09 25.54
C HIS D 247 56.09 -13.03 26.56
N LEU D 248 55.26 -12.08 26.11
CA LEU D 248 54.75 -11.02 26.97
C LEU D 248 53.94 -11.56 28.15
N PHE D 249 53.18 -12.63 27.93
CA PHE D 249 52.39 -13.24 29.01
C PHE D 249 53.28 -13.93 30.07
N GLU D 250 54.38 -14.55 29.64
CA GLU D 250 55.37 -15.10 30.60
C GLU D 250 55.90 -13.99 31.50
N GLU D 251 56.28 -12.87 30.88
CA GLU D 251 56.71 -11.69 31.63
C GLU D 251 55.62 -11.19 32.60
N ALA D 252 54.38 -11.19 32.14
CA ALA D 252 53.24 -10.76 32.96
C ALA D 252 53.01 -11.70 34.14
N LEU D 253 53.10 -13.01 33.90
CA LEU D 253 52.98 -14.01 34.95
C LEU D 253 54.06 -13.80 36.00
N GLU D 254 55.30 -13.62 35.55
CA GLU D 254 56.43 -13.36 36.42
C GLU D 254 56.24 -12.14 37.32
N SER D 255 55.70 -11.05 36.75
CA SER D 255 55.44 -9.82 37.52
C SER D 255 54.32 -9.99 38.52
N ASN D 256 53.43 -10.95 38.27
CA ASN D 256 52.32 -11.25 39.15
C ASN D 256 52.58 -12.41 40.11
N GLY D 257 53.85 -12.81 40.22
CA GLY D 257 54.26 -13.79 41.21
C GLY D 257 54.11 -15.24 40.78
N VAL D 258 54.01 -15.46 39.47
CA VAL D 258 53.88 -16.81 38.91
C VAL D 258 55.18 -17.18 38.19
N THR D 259 55.88 -18.19 38.72
CA THR D 259 57.11 -18.71 38.13
C THR D 259 56.79 -19.71 37.03
N VAL D 260 57.30 -19.45 35.82
CA VAL D 260 57.19 -20.40 34.71
C VAL D 260 58.53 -21.14 34.60
N LYS D 261 58.52 -22.44 34.90
CA LYS D 261 59.74 -23.25 34.93
C LYS D 261 60.20 -23.72 33.55
N GLY D 262 59.24 -23.96 32.66
CA GLY D 262 59.52 -24.52 31.34
C GLY D 262 59.74 -23.48 30.26
N ASP D 263 59.51 -23.90 29.01
CA ASP D 263 59.73 -23.07 27.83
C ASP D 263 58.43 -22.43 27.35
N VAL D 264 58.57 -21.46 26.45
CA VAL D 264 57.42 -20.76 25.89
C VAL D 264 57.39 -21.01 24.38
N GLY D 265 56.23 -21.44 23.87
CA GLY D 265 56.07 -21.63 22.42
C GLY D 265 54.62 -21.80 22.00
N LEU D 266 54.44 -22.09 20.71
CA LEU D 266 53.11 -22.26 20.12
C LEU D 266 52.55 -23.64 20.43
N GLY D 267 51.24 -23.68 20.71
CA GLY D 267 50.56 -24.96 20.91
C GLY D 267 49.10 -24.82 21.26
N GLY D 268 48.30 -25.79 20.85
CA GLY D 268 46.87 -25.76 21.12
C GLY D 268 46.47 -26.65 22.26
N VAL D 269 45.47 -26.23 23.04
CA VAL D 269 44.94 -27.02 24.16
C VAL D 269 44.71 -28.46 23.69
N PRO D 270 45.33 -29.45 24.36
CA PRO D 270 45.19 -30.84 23.89
C PRO D 270 43.72 -31.30 23.81
N ALA D 271 43.41 -32.09 22.79
CA ALA D 271 42.06 -32.61 22.58
C ALA D 271 41.56 -33.46 23.75
N ASP D 272 42.49 -34.07 24.49
CA ASP D 272 42.12 -34.99 25.59
C ASP D 272 41.80 -34.28 26.91
N TRP D 273 42.02 -32.97 26.98
CA TRP D 273 41.62 -32.19 28.15
C TRP D 273 40.09 -32.05 28.14
N GLN D 274 39.42 -32.99 28.78
CA GLN D 274 37.95 -33.04 28.81
C GLN D 274 37.34 -32.16 29.90
N ASP D 275 38.18 -31.67 30.81
CA ASP D 275 37.69 -30.92 31.97
C ASP D 275 38.57 -29.70 32.29
N ALA D 276 38.98 -28.98 31.25
CA ALA D 276 39.95 -27.89 31.38
C ALA D 276 39.48 -26.79 32.34
N GLU D 277 40.43 -26.30 33.14
CA GLU D 277 40.15 -25.25 34.10
C GLU D 277 40.55 -23.89 33.53
N VAL D 278 39.55 -23.03 33.37
CA VAL D 278 39.79 -21.66 32.93
C VAL D 278 40.17 -20.79 34.14
N LEU D 279 41.44 -20.43 34.20
CA LEU D 279 42.01 -19.71 35.34
C LEU D 279 41.92 -18.19 35.20
N ALA D 280 41.71 -17.74 33.95
CA ALA D 280 41.62 -16.30 33.64
C ALA D 280 40.96 -16.11 32.30
N ASP D 281 40.36 -14.94 32.10
CA ASP D 281 39.80 -14.58 30.80
C ASP D 281 39.61 -13.07 30.62
N HIS D 282 39.41 -12.65 29.37
CA HIS D 282 39.23 -11.24 29.03
C HIS D 282 38.19 -11.10 27.92
N THR D 283 37.43 -10.02 27.96
CA THR D 283 36.43 -9.77 26.95
C THR D 283 36.71 -8.40 26.33
N SER D 284 36.83 -8.37 25.01
CA SER D 284 37.09 -7.12 24.28
C SER D 284 35.88 -6.20 24.40
N ALA D 285 36.06 -4.96 23.95
CA ALA D 285 34.93 -4.07 23.70
C ALA D 285 34.09 -4.69 22.58
N GLU D 286 32.85 -4.24 22.43
CA GLU D 286 31.96 -4.79 21.41
C GLU D 286 32.34 -4.29 20.02
N LEU D 287 31.83 -4.97 18.99
CA LEU D 287 32.26 -4.70 17.62
C LEU D 287 32.02 -3.24 17.22
N SER D 288 30.88 -2.68 17.66
CA SER D 288 30.56 -1.27 17.37
C SER D 288 31.70 -0.33 17.76
N GLU D 289 32.34 -0.60 18.90
CA GLU D 289 33.46 0.20 19.36
C GLU D 289 34.74 -0.06 18.58
N ILE D 290 35.03 -1.33 18.30
CA ILE D 290 36.25 -1.71 17.58
C ILE D 290 36.28 -1.10 16.17
N LEU D 291 35.11 -0.97 15.54
CA LEU D 291 35.01 -0.37 14.19
C LEU D 291 35.66 1.01 14.03
N VAL D 292 35.65 1.78 15.12
CA VAL D 292 36.21 3.14 15.08
C VAL D 292 37.73 3.11 14.77
N PRO D 293 38.56 2.52 15.67
CA PRO D 293 39.97 2.50 15.25
C PRO D 293 40.23 1.69 13.97
N PHE D 294 39.37 0.69 13.69
CA PHE D 294 39.46 -0.10 12.45
C PHE D 294 39.30 0.80 11.21
N MET D 295 38.11 1.40 11.05
CA MET D 295 37.83 2.19 9.84
C MET D 295 38.53 3.56 9.75
N LYS D 296 38.64 4.27 10.88
CA LYS D 296 39.25 5.60 10.94
C LYS D 296 40.68 5.54 10.40
N PHE D 297 41.44 4.55 10.87
CA PHE D 297 42.87 4.42 10.51
C PHE D 297 43.16 3.36 9.46
N SER D 298 42.12 2.68 8.97
CA SER D 298 42.27 1.67 7.90
C SER D 298 43.20 0.55 8.31
N ASN D 299 42.85 -0.10 9.42
CA ASN D 299 43.66 -1.13 10.03
C ASN D 299 43.53 -2.44 9.26
N ASN D 300 44.58 -2.86 8.57
CA ASN D 300 44.50 -4.08 7.75
C ASN D 300 44.32 -5.35 8.55
N GLY D 301 45.09 -5.48 9.63
CA GLY D 301 44.99 -6.62 10.53
C GLY D 301 43.60 -6.80 11.10
N HIS D 302 42.97 -5.71 11.55
CA HIS D 302 41.57 -5.78 11.97
C HIS D 302 40.70 -6.39 10.86
N ALA D 303 40.89 -5.95 9.63
CA ALA D 303 40.04 -6.45 8.52
C ALA D 303 40.15 -7.97 8.31
N GLU D 304 41.38 -8.47 8.19
CA GLU D 304 41.63 -9.90 7.98
C GLU D 304 41.14 -10.77 9.14
N MET D 305 41.37 -10.31 10.38
CA MET D 305 40.84 -11.02 11.57
C MET D 305 39.31 -11.07 11.55
N LEU D 306 38.66 -10.00 11.11
CA LEU D 306 37.19 -9.98 11.02
C LEU D 306 36.67 -10.96 9.96
N VAL D 307 37.36 -11.03 8.81
CA VAL D 307 37.08 -12.06 7.80
C VAL D 307 37.19 -13.48 8.38
N LYS D 308 38.28 -13.77 9.09
CA LYS D 308 38.45 -15.11 9.67
C LYS D 308 37.42 -15.37 10.78
N SER D 309 37.02 -14.33 11.51
CA SER D 309 35.93 -14.48 12.49
C SER D 309 34.59 -14.79 11.82
N ILE D 310 34.34 -14.17 10.67
CA ILE D 310 33.14 -14.44 9.87
C ILE D 310 33.16 -15.91 9.41
N GLY D 311 34.35 -16.42 9.11
CA GLY D 311 34.51 -17.81 8.70
C GLY D 311 34.15 -18.76 9.83
N GLN D 312 34.61 -18.45 11.05
CA GLN D 312 34.27 -19.24 12.23
C GLN D 312 32.77 -19.26 12.49
N GLU D 313 32.13 -18.11 12.38
CA GLU D 313 30.72 -17.94 12.70
C GLU D 313 29.80 -18.64 11.68
N THR D 314 30.16 -18.54 10.41
CA THR D 314 29.36 -19.11 9.33
C THR D 314 29.70 -20.56 8.98
N ALA D 315 30.98 -20.93 9.11
CA ALA D 315 31.47 -22.21 8.59
C ALA D 315 32.38 -23.02 9.51
N GLY D 316 32.56 -22.55 10.75
CA GLY D 316 33.36 -23.28 11.74
C GLY D 316 34.86 -23.31 11.46
N ALA D 317 35.36 -22.32 10.73
CA ALA D 317 36.78 -22.31 10.37
C ALA D 317 37.27 -20.90 10.17
N GLY D 318 38.36 -20.57 10.86
CA GLY D 318 38.94 -19.24 10.75
C GLY D 318 39.87 -19.12 9.56
N THR D 319 39.30 -19.05 8.35
CA THR D 319 40.08 -19.06 7.10
C THR D 319 39.62 -17.98 6.14
N TRP D 320 40.53 -17.54 5.26
CA TRP D 320 40.17 -16.60 4.18
C TRP D 320 39.13 -17.21 3.23
N ASP D 321 39.29 -18.49 2.89
CA ASP D 321 38.33 -19.19 2.04
C ASP D 321 36.91 -19.13 2.65
N ALA D 322 36.79 -19.50 3.94
CA ALA D 322 35.47 -19.49 4.58
C ALA D 322 34.93 -18.07 4.79
N GLY D 323 35.79 -17.17 5.26
CA GLY D 323 35.36 -15.81 5.64
C GLY D 323 34.91 -15.00 4.45
N LEU D 324 35.60 -15.16 3.32
CA LEU D 324 35.30 -14.38 2.10
C LEU D 324 33.98 -14.82 1.45
N VAL D 325 33.69 -16.13 1.47
CA VAL D 325 32.36 -16.67 1.10
C VAL D 325 31.30 -16.04 2.00
N GLY D 326 31.60 -15.97 3.30
CA GLY D 326 30.69 -15.39 4.28
C GLY D 326 30.45 -13.90 4.06
N VAL D 327 31.49 -13.20 3.62
CA VAL D 327 31.34 -11.78 3.30
C VAL D 327 30.39 -11.59 2.12
N GLU D 328 30.64 -12.30 1.02
CA GLU D 328 29.78 -12.22 -0.16
C GLU D 328 28.33 -12.53 0.19
N GLU D 329 28.11 -13.60 0.96
CA GLU D 329 26.74 -14.03 1.31
C GLU D 329 26.02 -12.99 2.16
N ALA D 330 26.73 -12.38 3.10
CA ALA D 330 26.18 -11.34 3.96
C ALA D 330 25.79 -10.09 3.17
N LEU D 331 26.64 -9.73 2.19
CA LEU D 331 26.38 -8.63 1.28
C LEU D 331 25.10 -8.84 0.43
N SER D 332 24.97 -10.03 -0.16
CA SER D 332 23.74 -10.38 -0.92
C SER D 332 22.50 -10.33 -0.02
N GLY D 333 22.62 -10.89 1.19
CA GLY D 333 21.55 -10.83 2.18
C GLY D 333 21.17 -9.42 2.60
N LEU D 334 22.13 -8.49 2.53
CA LEU D 334 21.90 -7.08 2.82
C LEU D 334 21.25 -6.36 1.62
N GLY D 335 21.17 -7.05 0.48
CA GLY D 335 20.53 -6.51 -0.73
C GLY D 335 21.51 -5.98 -1.78
N VAL D 336 22.81 -6.07 -1.50
CA VAL D 336 23.82 -5.62 -2.44
C VAL D 336 23.99 -6.63 -3.57
N ASP D 337 24.02 -6.11 -4.81
CA ASP D 337 24.34 -6.89 -6.00
C ASP D 337 25.87 -7.07 -6.09
N THR D 338 26.33 -8.30 -5.86
CA THR D 338 27.77 -8.62 -5.81
C THR D 338 28.36 -9.12 -7.13
N ALA D 339 27.59 -9.02 -8.22
CA ALA D 339 28.06 -9.49 -9.55
C ALA D 339 29.46 -8.97 -9.92
N GLY D 340 29.74 -7.70 -9.62
CA GLY D 340 31.04 -7.08 -9.95
C GLY D 340 32.17 -7.24 -8.94
N LEU D 341 31.86 -7.79 -7.76
CA LEU D 341 32.84 -7.95 -6.67
C LEU D 341 33.71 -9.17 -6.84
N VAL D 342 35.01 -8.98 -6.72
CA VAL D 342 35.97 -10.07 -6.61
C VAL D 342 36.69 -9.90 -5.29
N LEU D 343 36.50 -10.86 -4.39
CA LEU D 343 37.06 -10.77 -3.02
C LEU D 343 38.26 -11.67 -2.83
N ASN D 344 39.41 -11.07 -2.57
CA ASN D 344 40.63 -11.84 -2.32
C ASN D 344 41.19 -11.60 -0.90
N ASP D 345 40.77 -10.48 -0.29
CA ASP D 345 41.02 -10.26 1.13
C ASP D 345 39.98 -9.29 1.74
N GLY D 346 40.13 -9.03 3.03
CA GLY D 346 39.23 -8.10 3.70
C GLY D 346 39.73 -6.69 3.77
N SER D 347 41.07 -6.50 3.76
CA SER D 347 41.64 -5.17 3.99
C SER D 347 41.75 -4.31 2.73
N GLY D 348 41.77 -4.95 1.55
CA GLY D 348 42.06 -4.26 0.30
C GLY D 348 43.54 -4.19 -0.03
N LEU D 349 44.39 -4.79 0.80
CA LEU D 349 45.84 -4.82 0.51
C LEU D 349 46.12 -5.62 -0.76
N SER D 350 45.38 -6.71 -0.99
CA SER D 350 45.58 -7.58 -2.15
C SER D 350 45.22 -6.90 -3.45
N ARG D 351 46.09 -7.04 -4.45
CA ARG D 351 45.80 -6.58 -5.80
C ARG D 351 44.79 -7.48 -6.54
N GLY D 352 44.38 -8.56 -5.88
CA GLY D 352 43.42 -9.49 -6.47
C GLY D 352 41.98 -9.08 -6.25
N ASN D 353 41.78 -7.95 -5.58
CA ASN D 353 40.44 -7.44 -5.28
C ASN D 353 39.87 -6.63 -6.45
N LEU D 354 38.55 -6.71 -6.65
CA LEU D 354 37.86 -5.86 -7.63
C LEU D 354 36.53 -5.38 -7.08
N VAL D 355 36.21 -4.11 -7.36
CA VAL D 355 34.87 -3.56 -7.10
C VAL D 355 34.41 -2.80 -8.35
N THR D 356 33.19 -2.26 -8.32
CA THR D 356 32.78 -1.19 -9.22
C THR D 356 32.22 -0.06 -8.37
N ALA D 357 32.22 1.16 -8.90
CA ALA D 357 31.70 2.30 -8.14
C ALA D 357 30.19 2.16 -7.89
N ASP D 358 29.47 1.55 -8.83
CA ASP D 358 28.04 1.26 -8.64
C ASP D 358 27.83 0.32 -7.47
N THR D 359 28.71 -0.69 -7.33
CA THR D 359 28.65 -1.64 -6.22
C THR D 359 28.88 -0.96 -4.87
N VAL D 360 29.89 -0.08 -4.81
CA VAL D 360 30.21 0.66 -3.59
C VAL D 360 29.05 1.56 -3.16
N VAL D 361 28.45 2.25 -4.14
CA VAL D 361 27.32 3.13 -3.88
C VAL D 361 26.06 2.32 -3.49
N ASP D 362 25.90 1.14 -4.10
CA ASP D 362 24.85 0.21 -3.71
C ASP D 362 25.01 -0.11 -2.21
N LEU D 363 26.22 -0.50 -1.80
CA LEU D 363 26.51 -0.77 -0.39
C LEU D 363 26.22 0.43 0.52
N LEU D 364 26.68 1.61 0.11
CA LEU D 364 26.51 2.81 0.92
C LEU D 364 25.03 3.06 1.21
N GLY D 365 24.19 2.80 0.21
CA GLY D 365 22.73 2.89 0.36
C GLY D 365 22.12 1.87 1.33
N GLN D 366 22.46 0.59 1.14
CA GLN D 366 21.97 -0.47 2.02
C GLN D 366 22.42 -0.27 3.48
N ALA D 367 23.64 0.19 3.66
CA ALA D 367 24.20 0.47 4.98
C ALA D 367 23.39 1.57 5.68
N GLY D 368 22.98 2.56 4.89
CA GLY D 368 22.14 3.65 5.37
C GLY D 368 20.84 3.18 6.00
N SER D 369 20.29 2.09 5.49
CA SER D 369 18.96 1.65 5.92
C SER D 369 19.01 0.47 6.89
N ALA D 370 20.23 -0.01 7.18
CA ALA D 370 20.43 -1.11 8.12
C ALA D 370 20.33 -0.63 9.58
N PRO D 371 19.97 -1.53 10.52
CA PRO D 371 19.79 -1.18 11.94
C PRO D 371 21.07 -0.65 12.60
N TRP D 372 22.21 -0.98 12.01
CA TRP D 372 23.52 -0.54 12.51
C TRP D 372 24.10 0.68 11.77
N ALA D 373 23.25 1.38 11.00
CA ALA D 373 23.65 2.59 10.26
C ALA D 373 24.46 3.61 11.09
N GLN D 374 24.02 3.86 12.32
CA GLN D 374 24.76 4.78 13.20
C GLN D 374 26.17 4.31 13.61
N THR D 375 26.35 3.04 13.97
CA THR D 375 27.72 2.58 14.29
C THR D 375 28.62 2.54 13.04
N TRP D 376 28.01 2.26 11.88
CA TRP D 376 28.65 2.37 10.55
C TRP D 376 29.17 3.78 10.32
N SER D 377 28.28 4.77 10.38
CA SER D 377 28.66 6.19 10.27
C SER D 377 29.78 6.61 11.24
N ALA D 378 29.69 6.17 12.51
CA ALA D 378 30.69 6.59 13.50
C ALA D 378 32.10 6.04 13.23
N SER D 379 32.21 5.09 12.31
CA SER D 379 33.50 4.51 11.96
C SER D 379 34.23 5.29 10.85
N LEU D 380 33.49 6.09 10.08
CA LEU D 380 34.04 6.73 8.88
C LEU D 380 34.77 8.03 9.16
N PRO D 381 36.00 8.17 8.64
CA PRO D 381 36.77 9.42 8.75
C PRO D 381 35.93 10.64 8.34
N VAL D 382 36.04 11.72 9.11
CA VAL D 382 35.41 13.01 8.79
C VAL D 382 36.48 13.95 8.22
N ALA D 383 36.22 14.50 7.04
CA ALA D 383 37.20 15.34 6.33
C ALA D 383 37.74 16.51 7.15
N GLY D 384 39.07 16.66 7.14
CA GLY D 384 39.76 17.81 7.72
C GLY D 384 39.66 18.02 9.22
N GLU D 385 39.31 16.97 9.96
CA GLU D 385 39.26 17.06 11.43
C GLU D 385 40.59 16.63 12.06
N SER D 386 41.16 17.51 12.88
CA SER D 386 42.51 17.32 13.46
C SER D 386 42.64 16.18 14.45
N ASP D 387 41.60 15.92 15.25
CA ASP D 387 41.62 14.83 16.21
C ASP D 387 41.74 13.51 15.41
N PRO D 388 42.86 12.78 15.59
CA PRO D 388 43.11 11.58 14.79
C PRO D 388 41.97 10.55 14.83
N PHE D 389 41.31 10.43 15.98
CA PHE D 389 40.17 9.51 16.10
C PHE D 389 38.88 10.02 15.45
N VAL D 390 38.87 11.29 15.04
CA VAL D 390 37.74 11.86 14.32
C VAL D 390 38.03 11.95 12.81
N GLY D 391 39.14 12.58 12.46
CA GLY D 391 39.56 12.74 11.07
C GLY D 391 40.16 11.51 10.41
N GLY D 392 40.80 10.66 11.23
CA GLY D 392 41.44 9.45 10.73
C GLY D 392 42.30 9.73 9.51
N THR D 393 42.12 8.96 8.45
CA THR D 393 42.93 9.15 7.25
C THR D 393 42.53 10.37 6.42
N LEU D 394 41.56 11.15 6.90
CA LEU D 394 41.19 12.39 6.23
C LEU D 394 41.57 13.63 7.03
N ALA D 395 42.24 13.41 8.17
CA ALA D 395 42.60 14.51 9.10
C ALA D 395 43.24 15.73 8.43
N ASN D 396 44.14 15.49 7.48
CA ASN D 396 44.89 16.54 6.78
C ASN D 396 44.42 16.78 5.35
N ARG D 397 43.15 16.48 5.07
CA ARG D 397 42.59 16.75 3.76
C ARG D 397 41.34 17.61 3.88
N MET D 398 41.16 18.51 2.91
CA MET D 398 39.95 19.33 2.79
C MET D 398 39.75 20.33 3.94
N ARG D 399 40.84 20.66 4.62
CA ARG D 399 40.79 21.66 5.68
C ARG D 399 40.51 23.02 5.09
N GLY D 400 39.62 23.77 5.74
CA GLY D 400 39.26 25.11 5.30
C GLY D 400 38.29 25.14 4.12
N THR D 401 37.70 24.00 3.79
CA THR D 401 36.72 23.93 2.72
C THR D 401 35.32 23.61 3.26
N ALA D 402 34.32 23.67 2.38
CA ALA D 402 32.93 23.29 2.66
C ALA D 402 32.77 21.84 3.16
N ALA D 403 33.76 20.99 2.86
CA ALA D 403 33.79 19.56 3.25
C ALA D 403 34.31 19.30 4.68
N GLU D 404 35.03 20.27 5.23
CA GLU D 404 35.58 20.11 6.59
C GLU D 404 34.48 19.90 7.62
N GLY D 405 34.59 18.81 8.39
CA GLY D 405 33.57 18.48 9.40
C GLY D 405 32.25 17.95 8.86
N VAL D 406 32.16 17.78 7.53
CA VAL D 406 30.91 17.45 6.86
C VAL D 406 30.98 16.12 6.10
N VAL D 407 31.91 16.01 5.17
CA VAL D 407 32.10 14.78 4.40
C VAL D 407 32.70 13.66 5.25
N GLU D 408 32.03 12.51 5.26
CA GLU D 408 32.53 11.31 5.91
C GLU D 408 32.75 10.24 4.84
N ALA D 409 33.99 9.76 4.75
CA ALA D 409 34.37 8.87 3.66
C ALA D 409 35.52 7.94 4.01
N LYS D 410 35.60 6.83 3.28
CA LYS D 410 36.70 5.88 3.42
C LYS D 410 37.72 6.06 2.29
N THR D 411 38.99 6.05 2.67
CA THR D 411 40.11 6.23 1.77
C THR D 411 40.61 4.87 1.27
N GLY D 412 41.61 4.88 0.40
CA GLY D 412 42.29 3.67 -0.02
C GLY D 412 43.25 3.98 -1.15
N THR D 413 44.55 4.00 -0.86
CA THR D 413 45.54 4.24 -1.92
C THR D 413 46.66 3.23 -1.87
N MET D 414 47.13 2.85 -3.06
CA MET D 414 48.29 1.99 -3.30
C MET D 414 48.87 2.44 -4.63
N SER D 415 49.94 1.79 -5.06
CA SER D 415 50.53 2.09 -6.38
C SER D 415 49.47 1.97 -7.50
N GLY D 416 49.26 3.07 -8.22
CA GLY D 416 48.33 3.10 -9.36
C GLY D 416 46.87 2.86 -8.97
N VAL D 417 46.56 3.03 -7.69
CA VAL D 417 45.20 2.82 -7.17
C VAL D 417 44.85 3.88 -6.12
N SER D 418 43.68 4.51 -6.25
CA SER D 418 43.22 5.44 -5.23
C SER D 418 41.70 5.56 -5.21
N ALA D 419 41.12 5.67 -4.01
CA ALA D 419 39.65 5.73 -3.88
C ALA D 419 39.17 6.55 -2.71
N LEU D 420 38.01 7.17 -2.88
CA LEU D 420 37.31 7.91 -1.82
C LEU D 420 35.81 7.68 -1.97
N SER D 421 35.20 7.08 -0.95
CA SER D 421 33.78 6.79 -1.00
C SER D 421 33.11 7.05 0.34
N GLY D 422 31.96 7.72 0.30
CA GLY D 422 31.21 7.99 1.51
C GLY D 422 29.95 8.80 1.30
N TYR D 423 29.73 9.76 2.19
CA TYR D 423 28.48 10.49 2.29
C TYR D 423 28.70 12.00 2.45
N VAL D 424 27.73 12.76 1.96
CA VAL D 424 27.70 14.19 2.14
C VAL D 424 26.31 14.54 2.66
N PRO D 425 26.22 15.00 3.91
CA PRO D 425 24.94 15.36 4.52
C PRO D 425 24.59 16.84 4.35
N GLY D 426 23.76 17.36 5.26
CA GLY D 426 23.52 18.80 5.39
C GLY D 426 22.05 19.14 5.26
N PRO D 427 21.73 20.45 5.43
CA PRO D 427 20.36 20.98 5.30
C PRO D 427 19.63 20.56 4.01
N GLU D 428 20.38 20.01 3.05
CA GLU D 428 19.81 19.56 1.77
C GLU D 428 19.43 18.07 1.78
N GLY D 429 20.13 17.29 2.59
CA GLY D 429 19.85 15.84 2.72
C GLY D 429 21.12 15.02 2.83
N GLU D 430 21.07 13.76 2.41
CA GLU D 430 22.28 12.94 2.35
C GLU D 430 22.57 12.36 0.95
N LEU D 431 23.80 12.55 0.49
CA LEU D 431 24.26 11.97 -0.78
C LEU D 431 25.28 10.86 -0.51
N ALA D 432 25.31 9.85 -1.38
CA ALA D 432 26.34 8.82 -1.36
C ALA D 432 27.16 8.91 -2.64
N PHE D 433 28.47 8.75 -2.51
CA PHE D 433 29.36 8.88 -3.66
C PHE D 433 30.45 7.84 -3.59
N SER D 434 30.94 7.43 -4.77
CA SER D 434 32.16 6.63 -4.85
C SER D 434 33.04 7.18 -5.96
N ILE D 435 34.30 7.43 -5.63
CA ILE D 435 35.33 7.80 -6.61
C ILE D 435 36.43 6.73 -6.55
N VAL D 436 36.60 5.98 -7.63
CA VAL D 436 37.67 4.96 -7.69
C VAL D 436 38.55 5.21 -8.91
N ASN D 437 39.82 5.52 -8.67
CA ASN D 437 40.78 5.80 -9.74
C ASN D 437 41.81 4.67 -9.86
N ASN D 438 42.00 4.15 -11.07
CA ASN D 438 43.04 3.14 -11.31
C ASN D 438 43.93 3.55 -12.48
N GLY D 439 45.22 3.22 -12.43
CA GLY D 439 46.08 3.33 -13.61
C GLY D 439 46.82 4.65 -13.89
N HIS D 440 46.54 5.68 -13.08
CA HIS D 440 47.31 6.93 -13.12
C HIS D 440 48.79 6.62 -12.90
N SER D 441 49.66 7.46 -13.45
CA SER D 441 51.09 7.19 -13.40
C SER D 441 51.87 8.03 -12.37
N GLY D 442 51.26 9.07 -11.82
CA GLY D 442 51.95 9.89 -10.84
C GLY D 442 51.44 9.63 -9.43
N PRO D 443 51.39 10.69 -8.60
CA PRO D 443 50.79 10.57 -7.27
C PRO D 443 49.30 10.26 -7.37
N ALA D 444 48.76 9.64 -6.33
CA ALA D 444 47.30 9.46 -6.22
C ALA D 444 46.58 10.80 -6.48
N PRO D 445 45.46 10.76 -7.23
CA PRO D 445 44.71 11.99 -7.55
C PRO D 445 43.83 12.42 -6.37
N LEU D 446 44.46 12.57 -5.21
CA LEU D 446 43.80 13.00 -3.98
C LEU D 446 43.16 14.40 -4.14
N ALA D 447 43.83 15.28 -4.88
CA ALA D 447 43.31 16.64 -5.07
C ALA D 447 42.06 16.62 -5.95
N VAL D 448 42.03 15.70 -6.90
CA VAL D 448 40.85 15.46 -7.72
C VAL D 448 39.69 15.00 -6.84
N GLN D 449 39.95 13.99 -5.99
CA GLN D 449 38.93 13.45 -5.09
C GLN D 449 38.41 14.53 -4.15
N ASP D 450 39.33 15.34 -3.61
CA ASP D 450 38.98 16.42 -2.69
C ASP D 450 38.12 17.47 -3.39
N ALA D 451 38.47 17.81 -4.63
CA ALA D 451 37.69 18.81 -5.39
C ALA D 451 36.25 18.33 -5.59
N ILE D 452 36.07 17.05 -5.90
CA ILE D 452 34.72 16.49 -6.09
C ILE D 452 33.95 16.49 -4.76
N ALA D 453 34.58 16.01 -3.70
CA ALA D 453 33.95 16.02 -2.38
C ALA D 453 33.55 17.42 -1.91
N VAL D 454 34.42 18.41 -2.13
CA VAL D 454 34.14 19.83 -1.81
C VAL D 454 32.96 20.36 -2.63
N ARG D 455 32.98 20.08 -3.93
CA ARG D 455 31.91 20.46 -4.84
C ARG D 455 30.55 19.85 -4.43
N LEU D 456 30.59 18.57 -4.03
CA LEU D 456 29.40 17.89 -3.52
C LEU D 456 28.89 18.51 -2.23
N ALA D 457 29.81 18.90 -1.35
CA ALA D 457 29.45 19.57 -0.11
C ALA D 457 28.78 20.93 -0.37
N GLU D 458 29.30 21.64 -1.37
CA GLU D 458 28.72 22.91 -1.78
C GLU D 458 27.35 22.69 -2.42
N TYR D 459 27.24 21.63 -3.22
CA TYR D 459 25.95 21.23 -3.81
C TYR D 459 24.95 20.95 -2.70
N ALA D 460 25.44 20.38 -1.61
CA ALA D 460 24.64 20.07 -0.42
C ALA D 460 24.40 21.26 0.52
N GLY D 461 24.72 22.46 0.05
CA GLY D 461 24.43 23.70 0.78
C GLY D 461 25.43 24.20 1.81
N HIS D 462 26.63 23.62 1.83
CA HIS D 462 27.68 24.02 2.78
C HIS D 462 28.64 25.02 2.17
N GLN D 463 29.16 25.92 2.99
CA GLN D 463 30.17 26.91 2.56
C GLN D 463 31.51 26.70 3.29
N ALA D 464 32.59 27.22 2.71
CA ALA D 464 33.93 27.13 3.31
C ALA D 464 34.05 28.05 4.53
N PRO D 465 34.70 27.56 5.62
CA PRO D 465 34.90 28.40 6.79
C PRO D 465 35.88 29.53 6.49
N GLU D 466 35.68 30.67 7.15
CA GLU D 466 36.59 31.82 7.03
C GLU D 466 37.03 32.27 8.41
S SO4 E . -57.35 -20.06 -5.08
O1 SO4 E . -57.59 -20.11 -3.64
O2 SO4 E . -58.36 -19.25 -5.76
O3 SO4 E . -57.35 -21.42 -5.61
O4 SO4 E . -56.05 -19.43 -5.32
S SO4 F . -40.46 -11.86 -30.49
O1 SO4 F . -41.27 -10.88 -29.76
O2 SO4 F . -39.63 -11.14 -31.44
O3 SO4 F . -41.37 -12.76 -31.19
O4 SO4 F . -39.59 -12.64 -29.59
S SO4 G . -45.21 -28.91 -2.61
O1 SO4 G . -44.89 -27.64 -3.29
O2 SO4 G . -44.80 -30.01 -3.46
O3 SO4 G . -46.64 -28.98 -2.35
O4 SO4 G . -44.48 -28.99 -1.35
S SO4 H . -38.78 -6.96 0.66
O1 SO4 H . -40.18 -7.34 0.41
O2 SO4 H . -38.08 -6.69 -0.60
O3 SO4 H . -38.14 -8.07 1.37
O4 SO4 H . -38.75 -5.77 1.52
S SO4 I . -46.78 -26.64 -16.33
O1 SO4 I . -48.13 -27.22 -16.20
O2 SO4 I . -46.31 -26.76 -17.71
O3 SO4 I . -45.84 -27.36 -15.49
O4 SO4 I . -46.85 -25.23 -15.93
MG MG J . -28.90 -22.87 -14.46
MG MG K . -76.07 -27.56 -17.01
MG MG L . -42.47 -2.11 -23.05
O6 FP5 M . -5.88 26.34 -28.35
C5 FP5 M . -6.51 25.88 -29.27
N4 FP5 M . -6.07 24.83 -29.94
C3 FP5 M . -4.86 24.07 -29.72
B FP5 M . -5.31 22.52 -29.84
C7 FP5 M . -7.86 26.46 -29.67
CG FP5 M . -8.93 25.53 -29.12
CD2 FP5 M . -9.43 25.72 -27.82
CE2 FP5 M . -10.41 24.86 -27.30
CZ FP5 M . -10.86 23.78 -28.06
CE1 FP5 M . -10.37 23.58 -29.35
CD1 FP5 M . -9.39 24.45 -29.87
S SO4 N . -5.09 8.24 -55.81
O1 SO4 N . -5.41 7.66 -54.50
O2 SO4 N . -5.80 9.51 -56.01
O3 SO4 N . -5.52 7.31 -56.86
O4 SO4 N . -3.65 8.44 -55.93
S SO4 O . -10.15 35.85 -38.92
O1 SO4 O . -9.92 35.74 -37.48
O2 SO4 O . -8.86 35.95 -39.60
O3 SO4 O . -10.94 37.05 -39.19
O4 SO4 O . -10.88 34.69 -39.40
S SO4 P . -27.03 19.96 -36.30
O1 SO4 P . -25.80 19.95 -35.48
O2 SO4 P . -26.78 19.24 -37.55
O3 SO4 P . -27.39 21.33 -36.62
O4 SO4 P . -28.11 19.34 -35.53
S SO4 Q . -2.59 26.81 -45.78
O1 SO4 Q . -3.45 27.88 -46.28
O2 SO4 Q . -1.82 26.28 -46.91
O3 SO4 Q . -3.42 25.77 -45.17
O4 SO4 Q . -1.67 27.36 -44.76
C ACN R . -11.20 29.69 -29.62
O ACN R . -11.48 30.66 -28.92
C1 ACN R . -11.68 28.30 -29.33
C2 ACN R . -10.14 29.70 -30.68
C1 33D S . 11.79 11.12 50.70
O1 33D S . 10.52 10.90 51.41
C3 33D S . 13.06 9.52 48.92
C5 33D S . 12.08 9.56 47.74
C4 33D S . 13.60 8.12 49.03
C2 33D S . 12.39 9.78 50.29
C6 33D S . 14.21 10.46 48.63
MG MG T . -26.83 36.05 -36.19
MG MG U . -3.15 18.17 -3.84
MG MG V . 17.82 21.03 -10.77
O6 FP5 W . 20.55 3.59 44.57
C5 FP5 W . 19.80 3.21 43.72
N4 FP5 W . 20.10 2.25 42.87
C3 FP5 W . 21.30 1.42 42.77
B FP5 W . 20.76 -0.08 42.56
C7 FP5 W . 18.42 3.81 43.60
CG FP5 W . 17.49 2.83 44.32
CD2 FP5 W . 17.43 2.83 45.70
CE2 FP5 W . 16.57 1.95 46.35
CZ FP5 W . 15.81 1.05 45.62
CE1 FP5 W . 15.88 1.02 44.23
CD1 FP5 W . 16.72 1.92 43.58
S SO4 X . 15.17 -11.62 15.80
O1 SO4 X . 15.22 -12.24 17.13
O2 SO4 X . 14.44 -12.48 14.88
O3 SO4 X . 16.54 -11.44 15.32
O4 SO4 X . 14.47 -10.32 15.83
S SO4 Y . 14.21 13.97 36.06
O1 SO4 Y . 13.37 15.12 36.41
O2 SO4 Y . 13.39 12.90 35.50
O3 SO4 Y . 14.86 13.48 37.27
O4 SO4 Y . 15.22 14.35 35.08
S SO4 Z . -1.85 -2.01 40.64
O1 SO4 Z . -1.93 -2.79 39.40
O2 SO4 Z . -0.47 -1.90 41.13
O3 SO4 Z . -2.62 -2.69 41.69
O4 SO4 Z . -2.38 -0.67 40.40
S SO4 AA . 20.11 5.88 26.80
O1 SO4 AA . 19.09 6.90 26.50
O2 SO4 AA . 20.61 5.40 25.51
O3 SO4 AA . 19.51 4.77 27.57
O4 SO4 AA . 21.22 6.47 27.57
C ACN BA . 15.22 6.11 45.15
O ACN BA . 15.50 5.71 44.03
C1 ACN BA . 13.85 5.92 45.71
C2 ACN BA . 15.83 7.36 45.74
C1 33D CA . -16.16 34.09 -25.26
O1 33D CA . -17.37 33.87 -24.46
C3 33D CA . -14.27 32.44 -26.21
C5 33D CA . -14.92 32.32 -27.58
C4 33D CA . -13.83 31.06 -25.80
C2 33D CA . -15.18 32.92 -25.09
C6 33D CA . -13.02 33.31 -26.33
MG MG DA . 47.33 -3.44 56.11
MG MG EA . -0.72 13.99 41.75
MG MG FA . 3.68 -21.61 32.52
MG MG GA . 28.02 -7.32 66.97
MG MG HA . 9.60 -17.66 24.43
S SO4 IA . 44.43 3.97 3.38
O1 SO4 IA . 44.96 3.92 2.02
O2 SO4 IA . 44.75 2.74 4.10
O3 SO4 IA . 42.98 4.12 3.36
O4 SO4 IA . 45.02 5.10 4.08
S SO4 JA . 37.70 -8.33 31.64
O1 SO4 JA . 37.28 -6.98 32.04
O2 SO4 JA . 37.07 -8.65 30.34
O3 SO4 JA . 37.25 -9.32 32.60
O4 SO4 JA . 39.17 -8.37 31.54
S SO4 KA . 57.77 4.25 9.56
O1 SO4 KA . 57.80 5.56 10.22
O2 SO4 KA . 56.93 4.32 8.36
O3 SO4 KA . 57.19 3.26 10.45
O4 SO4 KA . 59.14 3.87 9.21
S SO4 LA . 52.05 -17.96 5.21
O1 SO4 LA . 51.35 -16.74 4.78
O2 SO4 LA . 51.77 -19.00 4.21
O3 SO4 LA . 51.60 -18.42 6.53
O4 SO4 LA . 53.48 -17.68 5.31
S SO4 MA . 49.11 5.09 19.59
O1 SO4 MA . 48.50 3.89 18.99
O2 SO4 MA . 48.71 5.21 21.00
O3 SO4 MA . 48.68 6.27 18.84
O4 SO4 MA . 50.57 5.01 19.54
MG MG NA . 59.57 -7.68 26.21
MG MG OA . 29.16 23.20 6.99
O1 MES PA . 25.95 6.29 7.26
C2 MES PA . 24.62 5.80 7.04
C3 MES PA . 23.58 6.62 7.80
N4 MES PA . 23.93 8.06 7.80
C5 MES PA . 25.31 8.56 7.72
C6 MES PA . 26.10 7.63 6.80
C7 MES PA . 22.85 9.05 7.92
C8 MES PA . 22.73 9.35 9.41
S MES PA . 21.57 10.49 9.82
O1S MES PA . 20.28 10.31 9.11
O2S MES PA . 21.36 10.28 11.27
O3S MES PA . 22.06 11.86 9.53
MG MG QA . 34.69 -16.41 22.93
#